data_1ROB
# 
_entry.id   1ROB 
# 
_audit_conform.dict_name       mmcif_pdbx.dic 
_audit_conform.dict_version    5.397 
_audit_conform.dict_location   http://mmcif.pdb.org/dictionaries/ascii/mmcif_pdbx.dic 
# 
loop_
_database_2.database_id 
_database_2.database_code 
_database_2.pdbx_database_accession 
_database_2.pdbx_DOI 
PDB   1ROB         pdb_00001rob 10.2210/pdb1rob/pdb 
WWPDB D_1000176153 ?            ?                   
# 
loop_
_pdbx_audit_revision_history.ordinal 
_pdbx_audit_revision_history.data_content_type 
_pdbx_audit_revision_history.major_revision 
_pdbx_audit_revision_history.minor_revision 
_pdbx_audit_revision_history.revision_date 
1 'Structure model' 1 0 1994-01-31 
2 'Structure model' 1 1 2008-03-24 
3 'Structure model' 1 2 2011-07-13 
4 'Structure model' 1 3 2024-06-05 
5 'Structure model' 1 4 2024-10-23 
# 
_pdbx_audit_revision_details.ordinal             1 
_pdbx_audit_revision_details.revision_ordinal    1 
_pdbx_audit_revision_details.data_content_type   'Structure model' 
_pdbx_audit_revision_details.provider            repository 
_pdbx_audit_revision_details.type                'Initial release' 
_pdbx_audit_revision_details.description         ? 
_pdbx_audit_revision_details.details             ? 
# 
loop_
_pdbx_audit_revision_group.ordinal 
_pdbx_audit_revision_group.revision_ordinal 
_pdbx_audit_revision_group.data_content_type 
_pdbx_audit_revision_group.group 
1 2 'Structure model' 'Version format compliance' 
2 3 'Structure model' 'Version format compliance' 
3 4 'Structure model' 'Data collection'           
4 4 'Structure model' 'Database references'       
5 4 'Structure model' 'Derived calculations'      
6 4 'Structure model' Other                       
7 5 'Structure model' 'Structure summary'         
# 
loop_
_pdbx_audit_revision_category.ordinal 
_pdbx_audit_revision_category.revision_ordinal 
_pdbx_audit_revision_category.data_content_type 
_pdbx_audit_revision_category.category 
1 4 'Structure model' chem_comp_atom            
2 4 'Structure model' chem_comp_bond            
3 4 'Structure model' database_2                
4 4 'Structure model' pdbx_database_status      
5 4 'Structure model' struct_site               
6 5 'Structure model' pdbx_entry_details        
7 5 'Structure model' pdbx_modification_feature 
# 
loop_
_pdbx_audit_revision_item.ordinal 
_pdbx_audit_revision_item.revision_ordinal 
_pdbx_audit_revision_item.data_content_type 
_pdbx_audit_revision_item.item 
1 4 'Structure model' '_database_2.pdbx_DOI'                
2 4 'Structure model' '_database_2.pdbx_database_accession' 
3 4 'Structure model' '_pdbx_database_status.process_site'  
4 4 'Structure model' '_struct_site.pdbx_auth_asym_id'      
5 4 'Structure model' '_struct_site.pdbx_auth_comp_id'      
6 4 'Structure model' '_struct_site.pdbx_auth_seq_id'       
# 
_pdbx_database_status.status_code                     REL 
_pdbx_database_status.entry_id                        1ROB 
_pdbx_database_status.recvd_initial_deposition_date   1993-08-23 
_pdbx_database_status.deposit_site                    ? 
_pdbx_database_status.process_site                    BNL 
_pdbx_database_status.status_code_sf                  REL 
_pdbx_database_status.status_code_mr                  ? 
_pdbx_database_status.SG_entry                        ? 
_pdbx_database_status.pdb_format_compatible           Y 
_pdbx_database_status.status_code_cs                  ? 
_pdbx_database_status.status_code_nmr_data            ? 
_pdbx_database_status.methods_development_category    ? 
# 
loop_
_audit_author.name 
_audit_author.pdbx_ordinal 
'Lisgarten, J.N.' 1 
'Palmer, R.A.'    2 
# 
loop_
_citation.id 
_citation.title 
_citation.journal_abbrev 
_citation.journal_volume 
_citation.page_first 
_citation.page_last 
_citation.year 
_citation.journal_id_ASTM 
_citation.country 
_citation.journal_id_ISSN 
_citation.journal_id_CSD 
_citation.book_publisher 
_citation.pdbx_database_id_PubMed 
_citation.pdbx_database_id_DOI 
primary 
;Structure of the crystalline complex of cytidylic acid (2'-CMP) with ribonuclease at 1.6 A resolution. Conservation of solvent sites in RNase-A high-resolution structures.
;
'Acta Crystallogr.,Sect.D'   49  541 547 1993 ABCRE6 DK 0907-4449 0766 ? 15299491 10.1107/S090744499300719X 
1       'Newly Observed Binding Mode in Pancreatic Ribonuclease' J.Mol.Biol.                  221 265 ?   1991 JMOBAK UK 0022-2836 
0070 ? ?        ?                         
2       
;X-Ray Refinement Study on the Binding of Cytidylic Acid (2'-Cmp) to Ribonuclease A
;
J.Mol.Biol.                  196 159 ?   1987 JMOBAK UK 0022-2836 0070 ? ?        ?                         
3       'The Refined Structure of Ribonuclease-A at 1.45 Angstroms Resolution' J.Crystallogr.Spectrosc.Res. 14  467 ?   1984 
JCREDB US 0277-8068 0582 ? ?        ?                         
# 
loop_
_citation_author.citation_id 
_citation_author.name 
_citation_author.ordinal 
_citation_author.identifier_ORCID 
primary 'Lisgarten, J.N.' 1  ? 
primary 'Gupta, V.'       2  ? 
primary 'Maes, D.'        3  ? 
primary 'Wyns, L.'        4  ? 
primary 'Zegers, I.'      5  ? 
primary 'Palmer, R.A.'    6  ? 
primary 'Dealwis, C.G.'   7  ? 
primary 'Aguilar, C.F.'   8  ? 
primary 'Hemmings, A.M.'  9  ? 
1       'Aguilar, C.F.'   10 ? 
1       'Thomas, P.J.'    11 ? 
1       'Mills, A.'       12 ? 
1       'Moss, D.S.'      13 ? 
1       'Palmer, R.A.'    14 ? 
2       'Howlin, B.'      15 ? 
2       'Harris, W.'      16 ? 
2       'Moss, D.S.'      17 ? 
2       'Palmer, R.A.'    18 ? 
3       'Borkakoti, N.'   19 ? 
3       'Moss, D.S.'      20 ? 
3       'Stanford, M.J.'  21 ? 
3       'Palmer, R.A.'    22 ? 
# 
loop_
_entity.id 
_entity.type 
_entity.src_method 
_entity.pdbx_description 
_entity.formula_weight 
_entity.pdbx_number_of_molecules 
_entity.pdbx_ec 
_entity.pdbx_mutation 
_entity.pdbx_fragment 
_entity.details 
1 polymer     man 'RIBONUCLEASE A'            13708.326 1   3.1.27.5 ? ? ? 
2 non-polymer syn "CYTIDINE-2'-MONOPHOSPHATE" 323.197   1   ?        ? ? ? 
3 water       nat water                       18.015    101 ?        ? ? ? 
# 
_entity_poly.entity_id                      1 
_entity_poly.type                           'polypeptide(L)' 
_entity_poly.nstd_linkage                   no 
_entity_poly.nstd_monomer                   no 
_entity_poly.pdbx_seq_one_letter_code       
;KETAAAKFERQHMDSSTSAASSSNYCNQMMKSRNLTKDRCKPVNTFVHESLADVQAVCSQKNVACKNGQTNCYQSYSTMS
ITDCRETGSSKYPNCAYKTTQANKHIIVACEGNPYVPVHFDASV
;
_entity_poly.pdbx_seq_one_letter_code_can   
;KETAAAKFERQHMDSSTSAASSSNYCNQMMKSRNLTKDRCKPVNTFVHESLADVQAVCSQKNVACKNGQTNCYQSYSTMS
ITDCRETGSSKYPNCAYKTTQANKHIIVACEGNPYVPVHFDASV
;
_entity_poly.pdbx_strand_id                 A 
_entity_poly.pdbx_target_identifier         ? 
# 
loop_
_pdbx_entity_nonpoly.entity_id 
_pdbx_entity_nonpoly.name 
_pdbx_entity_nonpoly.comp_id 
2 "CYTIDINE-2'-MONOPHOSPHATE" C2P 
3 water                       HOH 
# 
loop_
_entity_poly_seq.entity_id 
_entity_poly_seq.num 
_entity_poly_seq.mon_id 
_entity_poly_seq.hetero 
1 1   LYS n 
1 2   GLU n 
1 3   THR n 
1 4   ALA n 
1 5   ALA n 
1 6   ALA n 
1 7   LYS n 
1 8   PHE n 
1 9   GLU n 
1 10  ARG n 
1 11  GLN n 
1 12  HIS n 
1 13  MET n 
1 14  ASP n 
1 15  SER n 
1 16  SER n 
1 17  THR n 
1 18  SER n 
1 19  ALA n 
1 20  ALA n 
1 21  SER n 
1 22  SER n 
1 23  SER n 
1 24  ASN n 
1 25  TYR n 
1 26  CYS n 
1 27  ASN n 
1 28  GLN n 
1 29  MET n 
1 30  MET n 
1 31  LYS n 
1 32  SER n 
1 33  ARG n 
1 34  ASN n 
1 35  LEU n 
1 36  THR n 
1 37  LYS n 
1 38  ASP n 
1 39  ARG n 
1 40  CYS n 
1 41  LYS n 
1 42  PRO n 
1 43  VAL n 
1 44  ASN n 
1 45  THR n 
1 46  PHE n 
1 47  VAL n 
1 48  HIS n 
1 49  GLU n 
1 50  SER n 
1 51  LEU n 
1 52  ALA n 
1 53  ASP n 
1 54  VAL n 
1 55  GLN n 
1 56  ALA n 
1 57  VAL n 
1 58  CYS n 
1 59  SER n 
1 60  GLN n 
1 61  LYS n 
1 62  ASN n 
1 63  VAL n 
1 64  ALA n 
1 65  CYS n 
1 66  LYS n 
1 67  ASN n 
1 68  GLY n 
1 69  GLN n 
1 70  THR n 
1 71  ASN n 
1 72  CYS n 
1 73  TYR n 
1 74  GLN n 
1 75  SER n 
1 76  TYR n 
1 77  SER n 
1 78  THR n 
1 79  MET n 
1 80  SER n 
1 81  ILE n 
1 82  THR n 
1 83  ASP n 
1 84  CYS n 
1 85  ARG n 
1 86  GLU n 
1 87  THR n 
1 88  GLY n 
1 89  SER n 
1 90  SER n 
1 91  LYS n 
1 92  TYR n 
1 93  PRO n 
1 94  ASN n 
1 95  CYS n 
1 96  ALA n 
1 97  TYR n 
1 98  LYS n 
1 99  THR n 
1 100 THR n 
1 101 GLN n 
1 102 ALA n 
1 103 ASN n 
1 104 LYS n 
1 105 HIS n 
1 106 ILE n 
1 107 ILE n 
1 108 VAL n 
1 109 ALA n 
1 110 CYS n 
1 111 GLU n 
1 112 GLY n 
1 113 ASN n 
1 114 PRO n 
1 115 TYR n 
1 116 VAL n 
1 117 PRO n 
1 118 VAL n 
1 119 HIS n 
1 120 PHE n 
1 121 ASP n 
1 122 ALA n 
1 123 SER n 
1 124 VAL n 
# 
_entity_src_gen.entity_id                          1 
_entity_src_gen.pdbx_src_id                        1 
_entity_src_gen.pdbx_alt_source_flag               sample 
_entity_src_gen.pdbx_seq_type                      ? 
_entity_src_gen.pdbx_beg_seq_num                   ? 
_entity_src_gen.pdbx_end_seq_num                   ? 
_entity_src_gen.gene_src_common_name               cattle 
_entity_src_gen.gene_src_genus                     Bos 
_entity_src_gen.pdbx_gene_src_gene                 ? 
_entity_src_gen.gene_src_species                   ? 
_entity_src_gen.gene_src_strain                    ? 
_entity_src_gen.gene_src_tissue                    ? 
_entity_src_gen.gene_src_tissue_fraction           ? 
_entity_src_gen.gene_src_details                   ? 
_entity_src_gen.pdbx_gene_src_fragment             ? 
_entity_src_gen.pdbx_gene_src_scientific_name      'Bos taurus' 
_entity_src_gen.pdbx_gene_src_ncbi_taxonomy_id     9913 
_entity_src_gen.pdbx_gene_src_variant              ? 
_entity_src_gen.pdbx_gene_src_cell_line            ? 
_entity_src_gen.pdbx_gene_src_atcc                 ? 
_entity_src_gen.pdbx_gene_src_organ                PANCREAS 
_entity_src_gen.pdbx_gene_src_organelle            ? 
_entity_src_gen.pdbx_gene_src_cell                 ? 
_entity_src_gen.pdbx_gene_src_cellular_location    ? 
_entity_src_gen.host_org_common_name               ? 
_entity_src_gen.pdbx_host_org_scientific_name      ? 
_entity_src_gen.pdbx_host_org_ncbi_taxonomy_id     ? 
_entity_src_gen.host_org_genus                     ? 
_entity_src_gen.pdbx_host_org_gene                 ? 
_entity_src_gen.pdbx_host_org_organ                ? 
_entity_src_gen.host_org_species                   ? 
_entity_src_gen.pdbx_host_org_tissue               ? 
_entity_src_gen.pdbx_host_org_tissue_fraction      ? 
_entity_src_gen.pdbx_host_org_strain               ? 
_entity_src_gen.pdbx_host_org_variant              ? 
_entity_src_gen.pdbx_host_org_cell_line            ? 
_entity_src_gen.pdbx_host_org_atcc                 ? 
_entity_src_gen.pdbx_host_org_culture_collection   ? 
_entity_src_gen.pdbx_host_org_cell                 ? 
_entity_src_gen.pdbx_host_org_organelle            ? 
_entity_src_gen.pdbx_host_org_cellular_location    ? 
_entity_src_gen.pdbx_host_org_vector_type          ? 
_entity_src_gen.pdbx_host_org_vector               ? 
_entity_src_gen.host_org_details                   ? 
_entity_src_gen.expression_system_id               ? 
_entity_src_gen.plasmid_name                       ? 
_entity_src_gen.plasmid_details                    ? 
_entity_src_gen.pdbx_description                   ? 
# 
loop_
_chem_comp.id 
_chem_comp.type 
_chem_comp.mon_nstd_flag 
_chem_comp.name 
_chem_comp.pdbx_synonyms 
_chem_comp.formula 
_chem_comp.formula_weight 
ALA 'L-peptide linking' y ALANINE                     ? 'C3 H7 N O2'     89.093  
ARG 'L-peptide linking' y ARGININE                    ? 'C6 H15 N4 O2 1' 175.209 
ASN 'L-peptide linking' y ASPARAGINE                  ? 'C4 H8 N2 O3'    132.118 
ASP 'L-peptide linking' y 'ASPARTIC ACID'             ? 'C4 H7 N O4'     133.103 
C2P non-polymer         . "CYTIDINE-2'-MONOPHOSPHATE" ? 'C9 H14 N3 O8 P' 323.197 
CYS 'L-peptide linking' y CYSTEINE                    ? 'C3 H7 N O2 S'   121.158 
GLN 'L-peptide linking' y GLUTAMINE                   ? 'C5 H10 N2 O3'   146.144 
GLU 'L-peptide linking' y 'GLUTAMIC ACID'             ? 'C5 H9 N O4'     147.129 
GLY 'peptide linking'   y GLYCINE                     ? 'C2 H5 N O2'     75.067  
HIS 'L-peptide linking' y HISTIDINE                   ? 'C6 H10 N3 O2 1' 156.162 
HOH non-polymer         . WATER                       ? 'H2 O'           18.015  
ILE 'L-peptide linking' y ISOLEUCINE                  ? 'C6 H13 N O2'    131.173 
LEU 'L-peptide linking' y LEUCINE                     ? 'C6 H13 N O2'    131.173 
LYS 'L-peptide linking' y LYSINE                      ? 'C6 H15 N2 O2 1' 147.195 
MET 'L-peptide linking' y METHIONINE                  ? 'C5 H11 N O2 S'  149.211 
PHE 'L-peptide linking' y PHENYLALANINE               ? 'C9 H11 N O2'    165.189 
PRO 'L-peptide linking' y PROLINE                     ? 'C5 H9 N O2'     115.130 
SER 'L-peptide linking' y SERINE                      ? 'C3 H7 N O3'     105.093 
THR 'L-peptide linking' y THREONINE                   ? 'C4 H9 N O3'     119.119 
TYR 'L-peptide linking' y TYROSINE                    ? 'C9 H11 N O3'    181.189 
VAL 'L-peptide linking' y VALINE                      ? 'C5 H11 N O2'    117.146 
# 
loop_
_pdbx_poly_seq_scheme.asym_id 
_pdbx_poly_seq_scheme.entity_id 
_pdbx_poly_seq_scheme.seq_id 
_pdbx_poly_seq_scheme.mon_id 
_pdbx_poly_seq_scheme.ndb_seq_num 
_pdbx_poly_seq_scheme.pdb_seq_num 
_pdbx_poly_seq_scheme.auth_seq_num 
_pdbx_poly_seq_scheme.pdb_mon_id 
_pdbx_poly_seq_scheme.auth_mon_id 
_pdbx_poly_seq_scheme.pdb_strand_id 
_pdbx_poly_seq_scheme.pdb_ins_code 
_pdbx_poly_seq_scheme.hetero 
A 1 1   LYS 1   1   1   LYS LYS A . n 
A 1 2   GLU 2   2   2   GLU GLU A . n 
A 1 3   THR 3   3   3   THR THR A . n 
A 1 4   ALA 4   4   4   ALA ALA A . n 
A 1 5   ALA 5   5   5   ALA ALA A . n 
A 1 6   ALA 6   6   6   ALA ALA A . n 
A 1 7   LYS 7   7   7   LYS LYS A . n 
A 1 8   PHE 8   8   8   PHE PHE A . n 
A 1 9   GLU 9   9   9   GLU GLU A . n 
A 1 10  ARG 10  10  10  ARG ARG A . n 
A 1 11  GLN 11  11  11  GLN GLN A . n 
A 1 12  HIS 12  12  12  HIS HIS A . n 
A 1 13  MET 13  13  13  MET MET A . n 
A 1 14  ASP 14  14  14  ASP ASP A . n 
A 1 15  SER 15  15  15  SER SER A . n 
A 1 16  SER 16  16  16  SER SER A . n 
A 1 17  THR 17  17  17  THR THR A . n 
A 1 18  SER 18  18  18  SER SER A . n 
A 1 19  ALA 19  19  19  ALA ALA A . n 
A 1 20  ALA 20  20  20  ALA ALA A . n 
A 1 21  SER 21  21  21  SER SER A . n 
A 1 22  SER 22  22  22  SER SER A . n 
A 1 23  SER 23  23  23  SER SER A . n 
A 1 24  ASN 24  24  24  ASN ASN A . n 
A 1 25  TYR 25  25  25  TYR TYR A . n 
A 1 26  CYS 26  26  26  CYS CYS A . n 
A 1 27  ASN 27  27  27  ASN ASN A . n 
A 1 28  GLN 28  28  28  GLN GLN A . n 
A 1 29  MET 29  29  29  MET MET A . n 
A 1 30  MET 30  30  30  MET MET A . n 
A 1 31  LYS 31  31  31  LYS LYS A . n 
A 1 32  SER 32  32  32  SER SER A . n 
A 1 33  ARG 33  33  33  ARG ARG A . n 
A 1 34  ASN 34  34  34  ASN ASN A . n 
A 1 35  LEU 35  35  35  LEU LEU A . n 
A 1 36  THR 36  36  36  THR THR A . n 
A 1 37  LYS 37  37  37  LYS LYS A . n 
A 1 38  ASP 38  38  38  ASP ASP A . n 
A 1 39  ARG 39  39  39  ARG ARG A . n 
A 1 40  CYS 40  40  40  CYS CYS A . n 
A 1 41  LYS 41  41  41  LYS LYS A . n 
A 1 42  PRO 42  42  42  PRO PRO A . n 
A 1 43  VAL 43  43  43  VAL VAL A . n 
A 1 44  ASN 44  44  44  ASN ASN A . n 
A 1 45  THR 45  45  45  THR THR A . n 
A 1 46  PHE 46  46  46  PHE PHE A . n 
A 1 47  VAL 47  47  47  VAL VAL A . n 
A 1 48  HIS 48  48  48  HIS HIS A . n 
A 1 49  GLU 49  49  49  GLU GLU A . n 
A 1 50  SER 50  50  50  SER SER A . n 
A 1 51  LEU 51  51  51  LEU LEU A . n 
A 1 52  ALA 52  52  52  ALA ALA A . n 
A 1 53  ASP 53  53  53  ASP ASP A . n 
A 1 54  VAL 54  54  54  VAL VAL A . n 
A 1 55  GLN 55  55  55  GLN GLN A . n 
A 1 56  ALA 56  56  56  ALA ALA A . n 
A 1 57  VAL 57  57  57  VAL VAL A . n 
A 1 58  CYS 58  58  58  CYS CYS A . n 
A 1 59  SER 59  59  59  SER SER A . n 
A 1 60  GLN 60  60  60  GLN GLN A . n 
A 1 61  LYS 61  61  61  LYS LYS A . n 
A 1 62  ASN 62  62  62  ASN ASN A . n 
A 1 63  VAL 63  63  63  VAL VAL A . n 
A 1 64  ALA 64  64  64  ALA ALA A . n 
A 1 65  CYS 65  65  65  CYS CYS A . n 
A 1 66  LYS 66  66  66  LYS LYS A . n 
A 1 67  ASN 67  67  67  ASN ASN A . n 
A 1 68  GLY 68  68  68  GLY GLY A . n 
A 1 69  GLN 69  69  69  GLN GLN A . n 
A 1 70  THR 70  70  70  THR THR A . n 
A 1 71  ASN 71  71  71  ASN ASN A . n 
A 1 72  CYS 72  72  72  CYS CYS A . n 
A 1 73  TYR 73  73  73  TYR TYR A . n 
A 1 74  GLN 74  74  74  GLN GLN A . n 
A 1 75  SER 75  75  75  SER SER A . n 
A 1 76  TYR 76  76  76  TYR TYR A . n 
A 1 77  SER 77  77  77  SER SER A . n 
A 1 78  THR 78  78  78  THR THR A . n 
A 1 79  MET 79  79  79  MET MET A . n 
A 1 80  SER 80  80  80  SER SER A . n 
A 1 81  ILE 81  81  81  ILE ILE A . n 
A 1 82  THR 82  82  82  THR THR A . n 
A 1 83  ASP 83  83  83  ASP ASP A . n 
A 1 84  CYS 84  84  84  CYS CYS A . n 
A 1 85  ARG 85  85  85  ARG ARG A . n 
A 1 86  GLU 86  86  86  GLU GLU A . n 
A 1 87  THR 87  87  87  THR THR A . n 
A 1 88  GLY 88  88  88  GLY GLY A . n 
A 1 89  SER 89  89  89  SER SER A . n 
A 1 90  SER 90  90  90  SER SER A . n 
A 1 91  LYS 91  91  91  LYS LYS A . n 
A 1 92  TYR 92  92  92  TYR TYR A . n 
A 1 93  PRO 93  93  93  PRO PRO A . n 
A 1 94  ASN 94  94  94  ASN ASN A . n 
A 1 95  CYS 95  95  95  CYS CYS A . n 
A 1 96  ALA 96  96  96  ALA ALA A . n 
A 1 97  TYR 97  97  97  TYR TYR A . n 
A 1 98  LYS 98  98  98  LYS LYS A . n 
A 1 99  THR 99  99  99  THR THR A . n 
A 1 100 THR 100 100 100 THR THR A . n 
A 1 101 GLN 101 101 101 GLN GLN A . n 
A 1 102 ALA 102 102 102 ALA ALA A . n 
A 1 103 ASN 103 103 103 ASN ASN A . n 
A 1 104 LYS 104 104 104 LYS LYS A . n 
A 1 105 HIS 105 105 105 HIS HIS A . n 
A 1 106 ILE 106 106 106 ILE ILE A . n 
A 1 107 ILE 107 107 107 ILE ILE A . n 
A 1 108 VAL 108 108 108 VAL VAL A . n 
A 1 109 ALA 109 109 109 ALA ALA A . n 
A 1 110 CYS 110 110 110 CYS CYS A . n 
A 1 111 GLU 111 111 111 GLU GLU A . n 
A 1 112 GLY 112 112 112 GLY GLY A . n 
A 1 113 ASN 113 113 113 ASN ASN A . n 
A 1 114 PRO 114 114 114 PRO PRO A . n 
A 1 115 TYR 115 115 115 TYR TYR A . n 
A 1 116 VAL 116 116 116 VAL VAL A . n 
A 1 117 PRO 117 117 117 PRO PRO A . n 
A 1 118 VAL 118 118 118 VAL VAL A . n 
A 1 119 HIS 119 119 119 HIS HIS A . n 
A 1 120 PHE 120 120 120 PHE PHE A . n 
A 1 121 ASP 121 121 121 ASP ASP A . n 
A 1 122 ALA 122 122 122 ALA ALA A . n 
A 1 123 SER 123 123 123 SER SER A . n 
A 1 124 VAL 124 124 124 VAL VAL A . n 
# 
loop_
_pdbx_nonpoly_scheme.asym_id 
_pdbx_nonpoly_scheme.entity_id 
_pdbx_nonpoly_scheme.mon_id 
_pdbx_nonpoly_scheme.ndb_seq_num 
_pdbx_nonpoly_scheme.pdb_seq_num 
_pdbx_nonpoly_scheme.auth_seq_num 
_pdbx_nonpoly_scheme.pdb_mon_id 
_pdbx_nonpoly_scheme.auth_mon_id 
_pdbx_nonpoly_scheme.pdb_strand_id 
_pdbx_nonpoly_scheme.pdb_ins_code 
B 2 C2P 1   126 126 C2P C2P A . 
C 3 HOH 1   127 127 HOH HOH A . 
C 3 HOH 2   128 128 HOH HOH A . 
C 3 HOH 3   129 129 HOH HOH A . 
C 3 HOH 4   130 130 HOH HOH A . 
C 3 HOH 5   131 131 HOH HOH A . 
C 3 HOH 6   133 133 HOH HOH A . 
C 3 HOH 7   134 134 HOH HOH A . 
C 3 HOH 8   135 135 HOH HOH A . 
C 3 HOH 9   136 136 HOH HOH A . 
C 3 HOH 10  137 137 HOH HOH A . 
C 3 HOH 11  138 138 HOH HOH A . 
C 3 HOH 12  139 139 HOH HOH A . 
C 3 HOH 13  140 140 HOH HOH A . 
C 3 HOH 14  142 142 HOH HOH A . 
C 3 HOH 15  143 143 HOH HOH A . 
C 3 HOH 16  144 144 HOH HOH A . 
C 3 HOH 17  145 145 HOH HOH A . 
C 3 HOH 18  147 147 HOH HOH A . 
C 3 HOH 19  148 148 HOH HOH A . 
C 3 HOH 20  150 150 HOH HOH A . 
C 3 HOH 21  151 151 HOH HOH A . 
C 3 HOH 22  152 152 HOH HOH A . 
C 3 HOH 23  153 153 HOH HOH A . 
C 3 HOH 24  154 154 HOH HOH A . 
C 3 HOH 25  155 155 HOH HOH A . 
C 3 HOH 26  158 158 HOH HOH A . 
C 3 HOH 27  159 159 HOH HOH A . 
C 3 HOH 28  160 160 HOH HOH A . 
C 3 HOH 29  162 162 HOH HOH A . 
C 3 HOH 30  163 163 HOH HOH A . 
C 3 HOH 31  164 164 HOH HOH A . 
C 3 HOH 32  165 165 HOH HOH A . 
C 3 HOH 33  166 166 HOH HOH A . 
C 3 HOH 34  167 167 HOH HOH A . 
C 3 HOH 35  168 168 HOH HOH A . 
C 3 HOH 36  169 169 HOH HOH A . 
C 3 HOH 37  170 170 HOH HOH A . 
C 3 HOH 38  171 171 HOH HOH A . 
C 3 HOH 39  172 172 HOH HOH A . 
C 3 HOH 40  173 173 HOH HOH A . 
C 3 HOH 41  174 174 HOH HOH A . 
C 3 HOH 42  175 175 HOH HOH A . 
C 3 HOH 43  176 176 HOH HOH A . 
C 3 HOH 44  177 177 HOH HOH A . 
C 3 HOH 45  178 178 HOH HOH A . 
C 3 HOH 46  180 180 HOH HOH A . 
C 3 HOH 47  184 184 HOH HOH A . 
C 3 HOH 48  185 185 HOH HOH A . 
C 3 HOH 49  186 186 HOH HOH A . 
C 3 HOH 50  189 189 HOH HOH A . 
C 3 HOH 51  190 190 HOH HOH A . 
C 3 HOH 52  192 192 HOH HOH A . 
C 3 HOH 53  194 194 HOH HOH A . 
C 3 HOH 54  196 196 HOH HOH A . 
C 3 HOH 55  197 197 HOH HOH A . 
C 3 HOH 56  198 198 HOH HOH A . 
C 3 HOH 57  199 199 HOH HOH A . 
C 3 HOH 58  200 200 HOH HOH A . 
C 3 HOH 59  201 201 HOH HOH A . 
C 3 HOH 60  204 204 HOH HOH A . 
C 3 HOH 61  205 205 HOH HOH A . 
C 3 HOH 62  206 206 HOH HOH A . 
C 3 HOH 63  209 209 HOH HOH A . 
C 3 HOH 64  211 211 HOH HOH A . 
C 3 HOH 65  212 212 HOH HOH A . 
C 3 HOH 66  213 213 HOH HOH A . 
C 3 HOH 67  214 214 HOH HOH A . 
C 3 HOH 68  216 216 HOH HOH A . 
C 3 HOH 69  217 217 HOH HOH A . 
C 3 HOH 70  218 218 HOH HOH A . 
C 3 HOH 71  219 219 HOH HOH A . 
C 3 HOH 72  221 221 HOH HOH A . 
C 3 HOH 73  222 222 HOH HOH A . 
C 3 HOH 74  223 223 HOH HOH A . 
C 3 HOH 75  224 224 HOH HOH A . 
C 3 HOH 76  225 225 HOH HOH A . 
C 3 HOH 77  226 226 HOH HOH A . 
C 3 HOH 78  228 228 HOH HOH A . 
C 3 HOH 79  230 230 HOH HOH A . 
C 3 HOH 80  232 232 HOH HOH A . 
C 3 HOH 81  233 233 HOH HOH A . 
C 3 HOH 82  234 234 HOH HOH A . 
C 3 HOH 83  236 236 HOH HOH A . 
C 3 HOH 84  237 237 HOH HOH A . 
C 3 HOH 85  239 239 HOH HOH A . 
C 3 HOH 86  240 240 HOH HOH A . 
C 3 HOH 87  241 241 HOH HOH A . 
C 3 HOH 88  242 242 HOH HOH A . 
C 3 HOH 89  244 244 HOH HOH A . 
C 3 HOH 90  245 245 HOH HOH A . 
C 3 HOH 91  246 246 HOH HOH A . 
C 3 HOH 92  247 247 HOH HOH A . 
C 3 HOH 93  248 248 HOH HOH A . 
C 3 HOH 94  249 249 HOH HOH A . 
C 3 HOH 95  250 250 HOH HOH A . 
C 3 HOH 96  251 251 HOH HOH A . 
C 3 HOH 97  252 252 HOH HOH A . 
C 3 HOH 98  253 253 HOH HOH A . 
C 3 HOH 99  254 254 HOH HOH A . 
C 3 HOH 100 255 255 HOH HOH A . 
C 3 HOH 101 256 256 HOH HOH A . 
# 
_software.name             RESTRAIN 
_software.classification   refinement 
_software.version          . 
_software.citation_id      ? 
_software.pdbx_ordinal     1 
# 
_cell.entry_id           1ROB 
_cell.length_a           30.512 
_cell.length_b           38.242 
_cell.length_c           53.303 
_cell.angle_alpha        90.00 
_cell.angle_beta         106.10 
_cell.angle_gamma        90.00 
_cell.Z_PDB              2 
_cell.pdbx_unique_axis   ? 
# 
_symmetry.entry_id                         1ROB 
_symmetry.space_group_name_H-M             'P 1 21 1' 
_symmetry.pdbx_full_space_group_name_H-M   ? 
_symmetry.cell_setting                     ? 
_symmetry.Int_Tables_number                4 
# 
_exptl.entry_id          1ROB 
_exptl.method            'X-RAY DIFFRACTION' 
_exptl.crystals_number   ? 
# 
_exptl_crystal.id                    1 
_exptl_crystal.density_meas          ? 
_exptl_crystal.density_Matthews      2.18 
_exptl_crystal.density_percent_sol   43.55 
_exptl_crystal.description           ? 
# 
_diffrn.id                     1 
_diffrn.ambient_temp           ? 
_diffrn.ambient_temp_details   ? 
_diffrn.crystal_id             1 
# 
_diffrn_radiation.diffrn_id                        1 
_diffrn_radiation.wavelength_id                    1 
_diffrn_radiation.pdbx_monochromatic_or_laue_m_l   ? 
_diffrn_radiation.monochromator                    ? 
_diffrn_radiation.pdbx_diffrn_protocol             ? 
_diffrn_radiation.pdbx_scattering_type             x-ray 
# 
_diffrn_radiation_wavelength.id           1 
_diffrn_radiation_wavelength.wavelength   . 
_diffrn_radiation_wavelength.wt           1.0 
# 
_refine.entry_id                                 1ROB 
_refine.ls_number_reflns_obs                     ? 
_refine.ls_number_reflns_all                     ? 
_refine.pdbx_ls_sigma_I                          ? 
_refine.pdbx_ls_sigma_F                          ? 
_refine.pdbx_data_cutoff_high_absF               ? 
_refine.pdbx_data_cutoff_low_absF                ? 
_refine.pdbx_data_cutoff_high_rms_absF           ? 
_refine.ls_d_res_low                             ? 
_refine.ls_d_res_high                            1.6 
_refine.ls_percent_reflns_obs                    ? 
_refine.ls_R_factor_obs                          0.17 
_refine.ls_R_factor_all                          ? 
_refine.ls_R_factor_R_work                       ? 
_refine.ls_R_factor_R_free                       ? 
_refine.ls_R_factor_R_free_error                 ? 
_refine.ls_R_factor_R_free_error_details         ? 
_refine.ls_percent_reflns_R_free                 ? 
_refine.ls_number_reflns_R_free                  ? 
_refine.ls_number_parameters                     ? 
_refine.ls_number_restraints                     ? 
_refine.occupancy_min                            ? 
_refine.occupancy_max                            ? 
_refine.B_iso_mean                               ? 
_refine.aniso_B[1][1]                            ? 
_refine.aniso_B[2][2]                            ? 
_refine.aniso_B[3][3]                            ? 
_refine.aniso_B[1][2]                            ? 
_refine.aniso_B[1][3]                            ? 
_refine.aniso_B[2][3]                            ? 
_refine.solvent_model_details                    ? 
_refine.solvent_model_param_ksol                 ? 
_refine.solvent_model_param_bsol                 ? 
_refine.pdbx_ls_cross_valid_method               ? 
_refine.details                                  ? 
_refine.pdbx_starting_model                      ? 
_refine.pdbx_method_to_determine_struct          ? 
_refine.pdbx_isotropic_thermal_model             ? 
_refine.pdbx_stereochemistry_target_values       ? 
_refine.pdbx_stereochem_target_val_spec_case     ? 
_refine.pdbx_R_Free_selection_details            ? 
_refine.pdbx_overall_ESU_R                       ? 
_refine.pdbx_overall_ESU_R_Free                  ? 
_refine.overall_SU_ML                            ? 
_refine.overall_SU_B                             ? 
_refine.pdbx_refine_id                           'X-RAY DIFFRACTION' 
_refine.pdbx_diffrn_id                           1 
_refine.pdbx_TLS_residual_ADP_flag               ? 
_refine.correlation_coeff_Fo_to_Fc               ? 
_refine.correlation_coeff_Fo_to_Fc_free          ? 
_refine.pdbx_solvent_vdw_probe_radii             ? 
_refine.pdbx_solvent_ion_probe_radii             ? 
_refine.pdbx_solvent_shrinkage_radii             ? 
_refine.pdbx_overall_phase_error                 ? 
_refine.overall_SU_R_Cruickshank_DPI             ? 
_refine.pdbx_overall_SU_R_free_Cruickshank_DPI   ? 
_refine.pdbx_overall_SU_R_Blow_DPI               ? 
_refine.pdbx_overall_SU_R_free_Blow_DPI          ? 
# 
_refine_hist.pdbx_refine_id                   'X-RAY DIFFRACTION' 
_refine_hist.cycle_id                         LAST 
_refine_hist.pdbx_number_atoms_protein        955 
_refine_hist.pdbx_number_atoms_nucleic_acid   0 
_refine_hist.pdbx_number_atoms_ligand         21 
_refine_hist.number_atoms_solvent             101 
_refine_hist.number_atoms_total               1077 
_refine_hist.d_res_high                       1.6 
_refine_hist.d_res_low                        . 
# 
loop_
_refine_ls_restr.type 
_refine_ls_restr.dev_ideal 
_refine_ls_restr.dev_ideal_target 
_refine_ls_restr.weight 
_refine_ls_restr.number 
_refine_ls_restr.pdbx_refine_id 
_refine_ls_restr.pdbx_restraint_function 
p_bond_d  0.022 ? ? ? 'X-RAY DIFFRACTION' ? 
p_angle_d 0.051 ? ? ? 'X-RAY DIFFRACTION' ? 
# 
_struct.entry_id                  1ROB 
_struct.title                     
;STRUCTURE OF THE CRYSTALLINE COMPLEX OF CYTIDYLIC ACID (2'-CMP) WITH RIBONUCLEASE AT 1.6 ANGSTROMS RESOLUTION
;
_struct.pdbx_model_details        ? 
_struct.pdbx_CASP_flag            ? 
_struct.pdbx_model_type_details   ? 
# 
_struct_keywords.entry_id        1ROB 
_struct_keywords.pdbx_keywords   'HYDROLASE(ENDORIBONUCLEASE)' 
_struct_keywords.text            'HYDROLASE(ENDORIBONUCLEASE)' 
# 
loop_
_struct_asym.id 
_struct_asym.pdbx_blank_PDB_chainid_flag 
_struct_asym.pdbx_modified 
_struct_asym.entity_id 
_struct_asym.details 
A N N 1 ? 
B N N 2 ? 
C N N 3 ? 
# 
_struct_ref.id                         1 
_struct_ref.db_name                    UNP 
_struct_ref.db_code                    RNAS1_BOVIN 
_struct_ref.entity_id                  1 
_struct_ref.pdbx_db_accession          P61823 
_struct_ref.pdbx_align_begin           1 
_struct_ref.pdbx_seq_one_letter_code   
;MALKSLVLLSLLVLVLLLVRVQPSLGKETAAAKFERQHMDSSTSAASSSNYCNQMMKSRNLTKDRCKPVNTFVHESLADV
QAVCSQKNVACKNGQTNCYQSYSTMSITDCRETGSSKYPNCAYKTTQANKHIIVACEGNPYVPVHFDASV
;
_struct_ref.pdbx_db_isoform            ? 
# 
_struct_ref_seq.align_id                      1 
_struct_ref_seq.ref_id                        1 
_struct_ref_seq.pdbx_PDB_id_code              1ROB 
_struct_ref_seq.pdbx_strand_id                A 
_struct_ref_seq.seq_align_beg                 1 
_struct_ref_seq.pdbx_seq_align_beg_ins_code   ? 
_struct_ref_seq.seq_align_end                 124 
_struct_ref_seq.pdbx_seq_align_end_ins_code   ? 
_struct_ref_seq.pdbx_db_accession             P61823 
_struct_ref_seq.db_align_beg                  27 
_struct_ref_seq.pdbx_db_align_beg_ins_code    ? 
_struct_ref_seq.db_align_end                  150 
_struct_ref_seq.pdbx_db_align_end_ins_code    ? 
_struct_ref_seq.pdbx_auth_seq_align_beg       1 
_struct_ref_seq.pdbx_auth_seq_align_end       124 
# 
_pdbx_struct_assembly.id                   1 
_pdbx_struct_assembly.details              author_defined_assembly 
_pdbx_struct_assembly.method_details       ? 
_pdbx_struct_assembly.oligomeric_details   monomeric 
_pdbx_struct_assembly.oligomeric_count     1 
# 
_pdbx_struct_assembly_gen.assembly_id       1 
_pdbx_struct_assembly_gen.oper_expression   1 
_pdbx_struct_assembly_gen.asym_id_list      A,B,C 
# 
_pdbx_struct_oper_list.id                   1 
_pdbx_struct_oper_list.type                 'identity operation' 
_pdbx_struct_oper_list.name                 1_555 
_pdbx_struct_oper_list.symmetry_operation   x,y,z 
_pdbx_struct_oper_list.matrix[1][1]         1.0000000000 
_pdbx_struct_oper_list.matrix[1][2]         0.0000000000 
_pdbx_struct_oper_list.matrix[1][3]         0.0000000000 
_pdbx_struct_oper_list.vector[1]            0.0000000000 
_pdbx_struct_oper_list.matrix[2][1]         0.0000000000 
_pdbx_struct_oper_list.matrix[2][2]         1.0000000000 
_pdbx_struct_oper_list.matrix[2][3]         0.0000000000 
_pdbx_struct_oper_list.vector[2]            0.0000000000 
_pdbx_struct_oper_list.matrix[3][1]         0.0000000000 
_pdbx_struct_oper_list.matrix[3][2]         0.0000000000 
_pdbx_struct_oper_list.matrix[3][3]         1.0000000000 
_pdbx_struct_oper_list.vector[3]            0.0000000000 
# 
_struct_biol.id   1 
# 
loop_
_struct_conf.conf_type_id 
_struct_conf.id 
_struct_conf.pdbx_PDB_helix_id 
_struct_conf.beg_label_comp_id 
_struct_conf.beg_label_asym_id 
_struct_conf.beg_label_seq_id 
_struct_conf.pdbx_beg_PDB_ins_code 
_struct_conf.end_label_comp_id 
_struct_conf.end_label_asym_id 
_struct_conf.end_label_seq_id 
_struct_conf.pdbx_end_PDB_ins_code 
_struct_conf.beg_auth_comp_id 
_struct_conf.beg_auth_asym_id 
_struct_conf.beg_auth_seq_id 
_struct_conf.end_auth_comp_id 
_struct_conf.end_auth_asym_id 
_struct_conf.end_auth_seq_id 
_struct_conf.pdbx_PDB_helix_class 
_struct_conf.details 
_struct_conf.pdbx_PDB_helix_length 
HELX_P HELX_P1 1 THR A 3  ? MET A 13 ? THR A 3  MET A 13 1 ? 11 
HELX_P HELX_P2 2 ASN A 24 ? ARG A 33 ? ASN A 24 ARG A 33 1 ? 10 
HELX_P HELX_P3 3 SER A 50 ? ALA A 56 ? SER A 50 ALA A 56 1 ? 7  
HELX_P HELX_P4 4 VAL A 57 ? GLN A 60 ? VAL A 57 GLN A 60 5 ? 4  
# 
_struct_conf_type.id          HELX_P 
_struct_conf_type.criteria    ? 
_struct_conf_type.reference   ? 
# 
loop_
_struct_conn.id 
_struct_conn.conn_type_id 
_struct_conn.pdbx_leaving_atom_flag 
_struct_conn.pdbx_PDB_id 
_struct_conn.ptnr1_label_asym_id 
_struct_conn.ptnr1_label_comp_id 
_struct_conn.ptnr1_label_seq_id 
_struct_conn.ptnr1_label_atom_id 
_struct_conn.pdbx_ptnr1_label_alt_id 
_struct_conn.pdbx_ptnr1_PDB_ins_code 
_struct_conn.pdbx_ptnr1_standard_comp_id 
_struct_conn.ptnr1_symmetry 
_struct_conn.ptnr2_label_asym_id 
_struct_conn.ptnr2_label_comp_id 
_struct_conn.ptnr2_label_seq_id 
_struct_conn.ptnr2_label_atom_id 
_struct_conn.pdbx_ptnr2_label_alt_id 
_struct_conn.pdbx_ptnr2_PDB_ins_code 
_struct_conn.ptnr1_auth_asym_id 
_struct_conn.ptnr1_auth_comp_id 
_struct_conn.ptnr1_auth_seq_id 
_struct_conn.ptnr2_auth_asym_id 
_struct_conn.ptnr2_auth_comp_id 
_struct_conn.ptnr2_auth_seq_id 
_struct_conn.ptnr2_symmetry 
_struct_conn.pdbx_ptnr3_label_atom_id 
_struct_conn.pdbx_ptnr3_label_seq_id 
_struct_conn.pdbx_ptnr3_label_comp_id 
_struct_conn.pdbx_ptnr3_label_asym_id 
_struct_conn.pdbx_ptnr3_label_alt_id 
_struct_conn.pdbx_ptnr3_PDB_ins_code 
_struct_conn.details 
_struct_conn.pdbx_dist_value 
_struct_conn.pdbx_value_order 
_struct_conn.pdbx_role 
disulf1 disulf ? ? A CYS 26 SG ? ? ? 1_555 A CYS 84  SG ? ? A CYS 26 A CYS 84  1_555 ? ? ? ? ? ? ? 2.089 ? ? 
disulf2 disulf ? ? A CYS 40 SG ? ? ? 1_555 A CYS 95  SG ? ? A CYS 40 A CYS 95  1_555 ? ? ? ? ? ? ? 2.035 ? ? 
disulf3 disulf ? ? A CYS 58 SG ? ? ? 1_555 A CYS 110 SG ? ? A CYS 58 A CYS 110 1_555 ? ? ? ? ? ? ? 2.144 ? ? 
disulf4 disulf ? ? A CYS 65 SG ? ? ? 1_555 A CYS 72  SG ? ? A CYS 65 A CYS 72  1_555 ? ? ? ? ? ? ? 2.015 ? ? 
# 
_struct_conn_type.id          disulf 
_struct_conn_type.criteria    ? 
_struct_conn_type.reference   ? 
# 
loop_
_pdbx_modification_feature.ordinal 
_pdbx_modification_feature.label_comp_id 
_pdbx_modification_feature.label_asym_id 
_pdbx_modification_feature.label_seq_id 
_pdbx_modification_feature.label_alt_id 
_pdbx_modification_feature.modified_residue_label_comp_id 
_pdbx_modification_feature.modified_residue_label_asym_id 
_pdbx_modification_feature.modified_residue_label_seq_id 
_pdbx_modification_feature.modified_residue_label_alt_id 
_pdbx_modification_feature.auth_comp_id 
_pdbx_modification_feature.auth_asym_id 
_pdbx_modification_feature.auth_seq_id 
_pdbx_modification_feature.PDB_ins_code 
_pdbx_modification_feature.symmetry 
_pdbx_modification_feature.modified_residue_auth_comp_id 
_pdbx_modification_feature.modified_residue_auth_asym_id 
_pdbx_modification_feature.modified_residue_auth_seq_id 
_pdbx_modification_feature.modified_residue_PDB_ins_code 
_pdbx_modification_feature.modified_residue_symmetry 
_pdbx_modification_feature.comp_id_linking_atom 
_pdbx_modification_feature.modified_residue_id_linking_atom 
_pdbx_modification_feature.modified_residue_id 
_pdbx_modification_feature.ref_pcm_id 
_pdbx_modification_feature.ref_comp_id 
_pdbx_modification_feature.type 
_pdbx_modification_feature.category 
1 CYS A 26 ? CYS A 84  ? CYS A 26 ? 1_555 CYS A 84  ? 1_555 SG SG . . . None 'Disulfide bridge' 
2 CYS A 40 ? CYS A 95  ? CYS A 40 ? 1_555 CYS A 95  ? 1_555 SG SG . . . None 'Disulfide bridge' 
3 CYS A 58 ? CYS A 110 ? CYS A 58 ? 1_555 CYS A 110 ? 1_555 SG SG . . . None 'Disulfide bridge' 
4 CYS A 65 ? CYS A 72  ? CYS A 65 ? 1_555 CYS A 72  ? 1_555 SG SG . . . None 'Disulfide bridge' 
# 
loop_
_struct_mon_prot_cis.pdbx_id 
_struct_mon_prot_cis.label_comp_id 
_struct_mon_prot_cis.label_seq_id 
_struct_mon_prot_cis.label_asym_id 
_struct_mon_prot_cis.label_alt_id 
_struct_mon_prot_cis.pdbx_PDB_ins_code 
_struct_mon_prot_cis.auth_comp_id 
_struct_mon_prot_cis.auth_seq_id 
_struct_mon_prot_cis.auth_asym_id 
_struct_mon_prot_cis.pdbx_label_comp_id_2 
_struct_mon_prot_cis.pdbx_label_seq_id_2 
_struct_mon_prot_cis.pdbx_label_asym_id_2 
_struct_mon_prot_cis.pdbx_PDB_ins_code_2 
_struct_mon_prot_cis.pdbx_auth_comp_id_2 
_struct_mon_prot_cis.pdbx_auth_seq_id_2 
_struct_mon_prot_cis.pdbx_auth_asym_id_2 
_struct_mon_prot_cis.pdbx_PDB_model_num 
_struct_mon_prot_cis.pdbx_omega_angle 
1 TYR 92  A . ? TYR 92  A PRO 93  A ? PRO 93  A 1 16.17  
2 ASN 113 A . ? ASN 113 A PRO 114 A ? PRO 114 A 1 -12.46 
# 
loop_
_struct_sheet.id 
_struct_sheet.type 
_struct_sheet.number_strands 
_struct_sheet.details 
A ? 4 ? 
B ? 4 ? 
# 
loop_
_struct_sheet_order.sheet_id 
_struct_sheet_order.range_id_1 
_struct_sheet_order.range_id_2 
_struct_sheet_order.offset 
_struct_sheet_order.sense 
A 1 2 ? anti-parallel 
A 2 3 ? anti-parallel 
A 3 4 ? anti-parallel 
B 1 2 ? anti-parallel 
B 2 3 ? anti-parallel 
B 3 4 ? anti-parallel 
# 
loop_
_struct_sheet_range.sheet_id 
_struct_sheet_range.id 
_struct_sheet_range.beg_label_comp_id 
_struct_sheet_range.beg_label_asym_id 
_struct_sheet_range.beg_label_seq_id 
_struct_sheet_range.pdbx_beg_PDB_ins_code 
_struct_sheet_range.end_label_comp_id 
_struct_sheet_range.end_label_asym_id 
_struct_sheet_range.end_label_seq_id 
_struct_sheet_range.pdbx_end_PDB_ins_code 
_struct_sheet_range.beg_auth_comp_id 
_struct_sheet_range.beg_auth_asym_id 
_struct_sheet_range.beg_auth_seq_id 
_struct_sheet_range.end_auth_comp_id 
_struct_sheet_range.end_auth_asym_id 
_struct_sheet_range.end_auth_seq_id 
A 1 VAL A 116 ? VAL A 124 ? VAL A 116 VAL A 124 
A 2 TYR A 97  ? GLU A 111 ? TYR A 97  GLU A 111 
A 3 CYS A 72  ? GLN A 74  ? CYS A 72  GLN A 74  
A 4 LYS A 61  ? VAL A 63  ? LYS A 61  VAL A 63  
B 1 VAL A 116 ? VAL A 124 ? VAL A 116 VAL A 124 
B 2 TYR A 97  ? GLU A 111 ? TYR A 97  GLU A 111 
B 3 MET A 79  ? GLU A 86  ? MET A 79  GLU A 86  
B 4 VAL A 43  ? VAL A 47  ? VAL A 43  VAL A 47  
# 
loop_
_pdbx_struct_sheet_hbond.sheet_id 
_pdbx_struct_sheet_hbond.range_id_1 
_pdbx_struct_sheet_hbond.range_id_2 
_pdbx_struct_sheet_hbond.range_1_label_atom_id 
_pdbx_struct_sheet_hbond.range_1_label_comp_id 
_pdbx_struct_sheet_hbond.range_1_label_asym_id 
_pdbx_struct_sheet_hbond.range_1_label_seq_id 
_pdbx_struct_sheet_hbond.range_1_PDB_ins_code 
_pdbx_struct_sheet_hbond.range_1_auth_atom_id 
_pdbx_struct_sheet_hbond.range_1_auth_comp_id 
_pdbx_struct_sheet_hbond.range_1_auth_asym_id 
_pdbx_struct_sheet_hbond.range_1_auth_seq_id 
_pdbx_struct_sheet_hbond.range_2_label_atom_id 
_pdbx_struct_sheet_hbond.range_2_label_comp_id 
_pdbx_struct_sheet_hbond.range_2_label_asym_id 
_pdbx_struct_sheet_hbond.range_2_label_seq_id 
_pdbx_struct_sheet_hbond.range_2_PDB_ins_code 
_pdbx_struct_sheet_hbond.range_2_auth_atom_id 
_pdbx_struct_sheet_hbond.range_2_auth_comp_id 
_pdbx_struct_sheet_hbond.range_2_auth_asym_id 
_pdbx_struct_sheet_hbond.range_2_auth_seq_id 
A 1 2 O VAL A 124 ? O VAL A 124 N HIS A 105 ? N HIS A 105 
A 2 3 N VAL A 108 ? N VAL A 108 O TYR A 73  ? O TYR A 73  
A 3 4 N GLN A 74  ? N GLN A 74  O LYS A 61  ? O LYS A 61  
B 1 2 O VAL A 124 ? O VAL A 124 N HIS A 105 ? N HIS A 105 
B 2 3 O LYS A 104 ? O LYS A 104 N MET A 79  ? N MET A 79  
B 3 4 O CYS A 84  ? O CYS A 84  N ASN A 44  ? N ASN A 44  
# 
_struct_site.id                   AC1 
_struct_site.pdbx_evidence_code   Software 
_struct_site.pdbx_auth_asym_id    A 
_struct_site.pdbx_auth_comp_id    C2P 
_struct_site.pdbx_auth_seq_id     126 
_struct_site.pdbx_auth_ins_code   ? 
_struct_site.pdbx_num_residues    11 
_struct_site.details              'BINDING SITE FOR RESIDUE C2P A 126' 
# 
loop_
_struct_site_gen.id 
_struct_site_gen.site_id 
_struct_site_gen.pdbx_num_res 
_struct_site_gen.label_comp_id 
_struct_site_gen.label_asym_id 
_struct_site_gen.label_seq_id 
_struct_site_gen.pdbx_auth_ins_code 
_struct_site_gen.auth_comp_id 
_struct_site_gen.auth_asym_id 
_struct_site_gen.auth_seq_id 
_struct_site_gen.label_atom_id 
_struct_site_gen.label_alt_id 
_struct_site_gen.symmetry 
_struct_site_gen.details 
1  AC1 11 GLN A 11  ? GLN A 11  . ? 1_555 ? 
2  AC1 11 HIS A 12  ? HIS A 12  . ? 1_555 ? 
3  AC1 11 LYS A 41  ? LYS A 41  . ? 1_555 ? 
4  AC1 11 VAL A 43  ? VAL A 43  . ? 1_555 ? 
5  AC1 11 ASN A 44  ? ASN A 44  . ? 1_555 ? 
6  AC1 11 THR A 45  ? THR A 45  . ? 1_555 ? 
7  AC1 11 HIS A 119 ? HIS A 119 . ? 1_555 ? 
8  AC1 11 PHE A 120 ? PHE A 120 . ? 1_555 ? 
9  AC1 11 HOH C .   ? HOH A 174 . ? 1_555 ? 
10 AC1 11 HOH C .   ? HOH A 219 . ? 1_555 ? 
11 AC1 11 HOH C .   ? HOH A 224 . ? 1_555 ? 
# 
_pdbx_entry_details.entry_id                   1ROB 
_pdbx_entry_details.compound_details           ? 
_pdbx_entry_details.source_details             ? 
_pdbx_entry_details.nonpolymer_details         ? 
_pdbx_entry_details.sequence_details           ? 
_pdbx_entry_details.has_ligand_of_interest     ? 
_pdbx_entry_details.has_protein_modification   Y 
# 
loop_
_pdbx_validate_symm_contact.id 
_pdbx_validate_symm_contact.PDB_model_num 
_pdbx_validate_symm_contact.auth_atom_id_1 
_pdbx_validate_symm_contact.auth_asym_id_1 
_pdbx_validate_symm_contact.auth_comp_id_1 
_pdbx_validate_symm_contact.auth_seq_id_1 
_pdbx_validate_symm_contact.PDB_ins_code_1 
_pdbx_validate_symm_contact.label_alt_id_1 
_pdbx_validate_symm_contact.site_symmetry_1 
_pdbx_validate_symm_contact.auth_atom_id_2 
_pdbx_validate_symm_contact.auth_asym_id_2 
_pdbx_validate_symm_contact.auth_comp_id_2 
_pdbx_validate_symm_contact.auth_seq_id_2 
_pdbx_validate_symm_contact.PDB_ins_code_2 
_pdbx_validate_symm_contact.label_alt_id_2 
_pdbx_validate_symm_contact.site_symmetry_2 
_pdbx_validate_symm_contact.dist 
1 1 SG A CYS 110 ? ? 1_555 O A HOH 211 ? ? 2_756 0.84 
2 1 SG A CYS 58  ? ? 1_555 O A HOH 211 ? ? 2_756 1.88 
3 1 CB A CYS 110 ? ? 1_555 O A HOH 211 ? ? 2_756 2.15 
# 
_pdbx_validate_rmsd_bond.id                        1 
_pdbx_validate_rmsd_bond.PDB_model_num             1 
_pdbx_validate_rmsd_bond.auth_atom_id_1            CG 
_pdbx_validate_rmsd_bond.auth_asym_id_1            A 
_pdbx_validate_rmsd_bond.auth_comp_id_1            HIS 
_pdbx_validate_rmsd_bond.auth_seq_id_1             48 
_pdbx_validate_rmsd_bond.PDB_ins_code_1            ? 
_pdbx_validate_rmsd_bond.label_alt_id_1            ? 
_pdbx_validate_rmsd_bond.auth_atom_id_2            CD2 
_pdbx_validate_rmsd_bond.auth_asym_id_2            A 
_pdbx_validate_rmsd_bond.auth_comp_id_2            HIS 
_pdbx_validate_rmsd_bond.auth_seq_id_2             48 
_pdbx_validate_rmsd_bond.PDB_ins_code_2            ? 
_pdbx_validate_rmsd_bond.label_alt_id_2            ? 
_pdbx_validate_rmsd_bond.bond_value                1.409 
_pdbx_validate_rmsd_bond.bond_target_value         1.354 
_pdbx_validate_rmsd_bond.bond_deviation            0.055 
_pdbx_validate_rmsd_bond.bond_standard_deviation   0.009 
_pdbx_validate_rmsd_bond.linker_flag               N 
# 
loop_
_pdbx_validate_rmsd_angle.id 
_pdbx_validate_rmsd_angle.PDB_model_num 
_pdbx_validate_rmsd_angle.auth_atom_id_1 
_pdbx_validate_rmsd_angle.auth_asym_id_1 
_pdbx_validate_rmsd_angle.auth_comp_id_1 
_pdbx_validate_rmsd_angle.auth_seq_id_1 
_pdbx_validate_rmsd_angle.PDB_ins_code_1 
_pdbx_validate_rmsd_angle.label_alt_id_1 
_pdbx_validate_rmsd_angle.auth_atom_id_2 
_pdbx_validate_rmsd_angle.auth_asym_id_2 
_pdbx_validate_rmsd_angle.auth_comp_id_2 
_pdbx_validate_rmsd_angle.auth_seq_id_2 
_pdbx_validate_rmsd_angle.PDB_ins_code_2 
_pdbx_validate_rmsd_angle.label_alt_id_2 
_pdbx_validate_rmsd_angle.auth_atom_id_3 
_pdbx_validate_rmsd_angle.auth_asym_id_3 
_pdbx_validate_rmsd_angle.auth_comp_id_3 
_pdbx_validate_rmsd_angle.auth_seq_id_3 
_pdbx_validate_rmsd_angle.PDB_ins_code_3 
_pdbx_validate_rmsd_angle.label_alt_id_3 
_pdbx_validate_rmsd_angle.angle_value 
_pdbx_validate_rmsd_angle.angle_target_value 
_pdbx_validate_rmsd_angle.angle_deviation 
_pdbx_validate_rmsd_angle.angle_standard_deviation 
_pdbx_validate_rmsd_angle.linker_flag 
1  1 CB  A PHE 8   ? ? CG  A PHE 8   ? ? CD2 A PHE 8   ? ? 125.65 120.80 4.85   0.70 N 
2  1 NE  A ARG 10  ? ? CZ  A ARG 10  ? ? NH1 A ARG 10  ? ? 126.30 120.30 6.00   0.50 N 
3  1 NE  A ARG 10  ? ? CZ  A ARG 10  ? ? NH2 A ARG 10  ? ? 116.37 120.30 -3.93  0.50 N 
4  1 NH1 A ARG 33  ? ? CZ  A ARG 33  ? ? NH2 A ARG 33  ? ? 112.12 119.40 -7.28  1.10 N 
5  1 NE  A ARG 33  ? ? CZ  A ARG 33  ? ? NH2 A ARG 33  ? ? 126.95 120.30 6.65   0.50 N 
6  1 CD  A ARG 39  ? ? NE  A ARG 39  ? ? CZ  A ARG 39  ? ? 110.29 123.60 -13.31 1.40 N 
7  1 NE  A ARG 39  ? ? CZ  A ARG 39  ? ? NH1 A ARG 39  ? ? 116.70 120.30 -3.60  0.50 N 
8  1 CB  A HIS 48  ? ? CG  A HIS 48  ? ? CD2 A HIS 48  ? ? 119.88 129.70 -9.82  1.60 N 
9  1 OE1 A GLU 49  ? ? CD  A GLU 49  ? ? OE2 A GLU 49  ? ? 111.64 123.30 -11.66 1.20 N 
10 1 CB  A ASP 53  ? ? CG  A ASP 53  ? ? OD2 A ASP 53  ? ? 124.60 118.30 6.30   0.90 N 
11 1 O   A ASP 53  ? ? C   A ASP 53  ? ? N   A VAL 54  ? ? 132.53 122.70 9.83   1.60 Y 
12 1 CA  A GLN 60  ? ? CB  A GLN 60  ? ? CG  A GLN 60  ? ? 98.66  113.40 -14.74 2.20 N 
13 1 CA  A VAL 63  ? ? CB  A VAL 63  ? ? CG2 A VAL 63  ? ? 122.45 110.90 11.55  1.50 N 
14 1 CD1 A TYR 73  ? ? CG  A TYR 73  ? ? CD2 A TYR 73  ? ? 128.08 117.90 10.18  1.10 N 
15 1 CB  A TYR 73  ? ? CG  A TYR 73  ? ? CD1 A TYR 73  ? ? 113.37 121.00 -7.63  0.60 N 
16 1 CG  A TYR 73  ? ? CD1 A TYR 73  ? ? CE1 A TYR 73  ? ? 115.16 121.30 -6.14  0.80 N 
17 1 CZ  A TYR 73  ? ? CE2 A TYR 73  ? ? CD2 A TYR 73  ? ? 113.69 119.80 -6.11  0.90 N 
18 1 CB  A TYR 76  ? ? CG  A TYR 76  ? ? CD2 A TYR 76  ? ? 116.41 121.00 -4.59  0.60 N 
19 1 CB  A ASP 83  ? ? CG  A ASP 83  ? ? OD2 A ASP 83  ? ? 108.87 118.30 -9.43  0.90 N 
20 1 OE1 A GLU 86  ? ? CD  A GLU 86  ? ? OE2 A GLU 86  ? ? 134.83 123.30 11.53  1.20 N 
21 1 O   A GLY 88  ? ? C   A GLY 88  ? ? N   A SER 89  ? ? 113.09 122.70 -9.61  1.60 Y 
22 1 CG  A TYR 92  ? ? CD2 A TYR 92  ? ? CE2 A TYR 92  ? ? 112.72 121.30 -8.58  0.80 N 
23 1 CB  A TYR 97  ? ? CG  A TYR 97  ? ? CD2 A TYR 97  ? ? 113.50 121.00 -7.50  0.60 N 
24 1 CB  A TYR 97  ? ? CG  A TYR 97  ? ? CD1 A TYR 97  ? ? 127.28 121.00 6.28   0.60 N 
25 1 CG  A TYR 97  ? ? CD1 A TYR 97  ? ? CE1 A TYR 97  ? ? 127.06 121.30 5.76   0.80 N 
26 1 CG  A TYR 97  ? ? CD2 A TYR 97  ? ? CE2 A TYR 97  ? ? 114.75 121.30 -6.55  0.80 N 
27 1 CD1 A TYR 97  ? ? CE1 A TYR 97  ? ? CZ  A TYR 97  ? ? 113.75 119.80 -6.05  0.90 N 
28 1 CA  A VAL 116 ? ? CB  A VAL 116 ? ? CG2 A VAL 116 ? ? 121.10 110.90 10.20  1.50 N 
# 
loop_
_pdbx_validate_torsion.id 
_pdbx_validate_torsion.PDB_model_num 
_pdbx_validate_torsion.auth_comp_id 
_pdbx_validate_torsion.auth_asym_id 
_pdbx_validate_torsion.auth_seq_id 
_pdbx_validate_torsion.PDB_ins_code 
_pdbx_validate_torsion.label_alt_id 
_pdbx_validate_torsion.phi 
_pdbx_validate_torsion.psi 
1 1 HIS A 48 ? ? -106.56 54.78   
2 1 GLN A 60 ? ? -101.08 -135.57 
3 1 ASN A 71 ? ? -103.38 43.29   
# 
loop_
_pdbx_validate_main_chain_plane.id 
_pdbx_validate_main_chain_plane.PDB_model_num 
_pdbx_validate_main_chain_plane.auth_comp_id 
_pdbx_validate_main_chain_plane.auth_asym_id 
_pdbx_validate_main_chain_plane.auth_seq_id 
_pdbx_validate_main_chain_plane.PDB_ins_code 
_pdbx_validate_main_chain_plane.label_alt_id 
_pdbx_validate_main_chain_plane.improper_torsion_angle 
1 1 GLU A 2   ? ? -11.67 
2 1 THR A 99  ? ? 10.59  
3 1 GLU A 111 ? ? -13.17 
4 1 VAL A 118 ? ? -10.82 
# 
loop_
_chem_comp_atom.comp_id 
_chem_comp_atom.atom_id 
_chem_comp_atom.type_symbol 
_chem_comp_atom.pdbx_aromatic_flag 
_chem_comp_atom.pdbx_stereo_config 
_chem_comp_atom.pdbx_ordinal 
ALA N      N N N 1   
ALA CA     C N S 2   
ALA C      C N N 3   
ALA O      O N N 4   
ALA CB     C N N 5   
ALA OXT    O N N 6   
ALA H      H N N 7   
ALA H2     H N N 8   
ALA HA     H N N 9   
ALA HB1    H N N 10  
ALA HB2    H N N 11  
ALA HB3    H N N 12  
ALA HXT    H N N 13  
ARG N      N N N 14  
ARG CA     C N S 15  
ARG C      C N N 16  
ARG O      O N N 17  
ARG CB     C N N 18  
ARG CG     C N N 19  
ARG CD     C N N 20  
ARG NE     N N N 21  
ARG CZ     C N N 22  
ARG NH1    N N N 23  
ARG NH2    N N N 24  
ARG OXT    O N N 25  
ARG H      H N N 26  
ARG H2     H N N 27  
ARG HA     H N N 28  
ARG HB2    H N N 29  
ARG HB3    H N N 30  
ARG HG2    H N N 31  
ARG HG3    H N N 32  
ARG HD2    H N N 33  
ARG HD3    H N N 34  
ARG HE     H N N 35  
ARG HH11   H N N 36  
ARG HH12   H N N 37  
ARG HH21   H N N 38  
ARG HH22   H N N 39  
ARG HXT    H N N 40  
ASN N      N N N 41  
ASN CA     C N S 42  
ASN C      C N N 43  
ASN O      O N N 44  
ASN CB     C N N 45  
ASN CG     C N N 46  
ASN OD1    O N N 47  
ASN ND2    N N N 48  
ASN OXT    O N N 49  
ASN H      H N N 50  
ASN H2     H N N 51  
ASN HA     H N N 52  
ASN HB2    H N N 53  
ASN HB3    H N N 54  
ASN HD21   H N N 55  
ASN HD22   H N N 56  
ASN HXT    H N N 57  
ASP N      N N N 58  
ASP CA     C N S 59  
ASP C      C N N 60  
ASP O      O N N 61  
ASP CB     C N N 62  
ASP CG     C N N 63  
ASP OD1    O N N 64  
ASP OD2    O N N 65  
ASP OXT    O N N 66  
ASP H      H N N 67  
ASP H2     H N N 68  
ASP HA     H N N 69  
ASP HB2    H N N 70  
ASP HB3    H N N 71  
ASP HD2    H N N 72  
ASP HXT    H N N 73  
C2P N1     N N N 74  
C2P C2     C N N 75  
C2P N3     N N N 76  
C2P C4     C N N 77  
C2P C5     C N N 78  
C2P C6     C N N 79  
C2P O2     O N N 80  
C2P N4     N N N 81  
C2P "C1'"  C N R 82  
C2P "C2'"  C N R 83  
C2P "O2'"  O N N 84  
C2P "C3'"  C N R 85  
C2P "C4'"  C N R 86  
C2P "O4'"  O N N 87  
C2P "O3'"  O N N 88  
C2P "C5'"  C N N 89  
C2P "O5'"  O N N 90  
C2P P      P N N 91  
C2P O1P    O N N 92  
C2P O2P    O N N 93  
C2P O3P    O N N 94  
C2P H5     H N N 95  
C2P H6     H N N 96  
C2P HN41   H N N 97  
C2P HN42   H N N 98  
C2P "H1'"  H N N 99  
C2P "H2'"  H N N 100 
C2P "H3'"  H N N 101 
C2P "H4'"  H N N 102 
C2P "HO3'" H N N 103 
C2P "H5'1" H N N 104 
C2P "H5'2" H N N 105 
C2P "HO5'" H N N 106 
C2P HOP2   H N N 107 
C2P HOP3   H N N 108 
CYS N      N N N 109 
CYS CA     C N R 110 
CYS C      C N N 111 
CYS O      O N N 112 
CYS CB     C N N 113 
CYS SG     S N N 114 
CYS OXT    O N N 115 
CYS H      H N N 116 
CYS H2     H N N 117 
CYS HA     H N N 118 
CYS HB2    H N N 119 
CYS HB3    H N N 120 
CYS HG     H N N 121 
CYS HXT    H N N 122 
GLN N      N N N 123 
GLN CA     C N S 124 
GLN C      C N N 125 
GLN O      O N N 126 
GLN CB     C N N 127 
GLN CG     C N N 128 
GLN CD     C N N 129 
GLN OE1    O N N 130 
GLN NE2    N N N 131 
GLN OXT    O N N 132 
GLN H      H N N 133 
GLN H2     H N N 134 
GLN HA     H N N 135 
GLN HB2    H N N 136 
GLN HB3    H N N 137 
GLN HG2    H N N 138 
GLN HG3    H N N 139 
GLN HE21   H N N 140 
GLN HE22   H N N 141 
GLN HXT    H N N 142 
GLU N      N N N 143 
GLU CA     C N S 144 
GLU C      C N N 145 
GLU O      O N N 146 
GLU CB     C N N 147 
GLU CG     C N N 148 
GLU CD     C N N 149 
GLU OE1    O N N 150 
GLU OE2    O N N 151 
GLU OXT    O N N 152 
GLU H      H N N 153 
GLU H2     H N N 154 
GLU HA     H N N 155 
GLU HB2    H N N 156 
GLU HB3    H N N 157 
GLU HG2    H N N 158 
GLU HG3    H N N 159 
GLU HE2    H N N 160 
GLU HXT    H N N 161 
GLY N      N N N 162 
GLY CA     C N N 163 
GLY C      C N N 164 
GLY O      O N N 165 
GLY OXT    O N N 166 
GLY H      H N N 167 
GLY H2     H N N 168 
GLY HA2    H N N 169 
GLY HA3    H N N 170 
GLY HXT    H N N 171 
HIS N      N N N 172 
HIS CA     C N S 173 
HIS C      C N N 174 
HIS O      O N N 175 
HIS CB     C N N 176 
HIS CG     C Y N 177 
HIS ND1    N Y N 178 
HIS CD2    C Y N 179 
HIS CE1    C Y N 180 
HIS NE2    N Y N 181 
HIS OXT    O N N 182 
HIS H      H N N 183 
HIS H2     H N N 184 
HIS HA     H N N 185 
HIS HB2    H N N 186 
HIS HB3    H N N 187 
HIS HD1    H N N 188 
HIS HD2    H N N 189 
HIS HE1    H N N 190 
HIS HE2    H N N 191 
HIS HXT    H N N 192 
HOH O      O N N 193 
HOH H1     H N N 194 
HOH H2     H N N 195 
ILE N      N N N 196 
ILE CA     C N S 197 
ILE C      C N N 198 
ILE O      O N N 199 
ILE CB     C N S 200 
ILE CG1    C N N 201 
ILE CG2    C N N 202 
ILE CD1    C N N 203 
ILE OXT    O N N 204 
ILE H      H N N 205 
ILE H2     H N N 206 
ILE HA     H N N 207 
ILE HB     H N N 208 
ILE HG12   H N N 209 
ILE HG13   H N N 210 
ILE HG21   H N N 211 
ILE HG22   H N N 212 
ILE HG23   H N N 213 
ILE HD11   H N N 214 
ILE HD12   H N N 215 
ILE HD13   H N N 216 
ILE HXT    H N N 217 
LEU N      N N N 218 
LEU CA     C N S 219 
LEU C      C N N 220 
LEU O      O N N 221 
LEU CB     C N N 222 
LEU CG     C N N 223 
LEU CD1    C N N 224 
LEU CD2    C N N 225 
LEU OXT    O N N 226 
LEU H      H N N 227 
LEU H2     H N N 228 
LEU HA     H N N 229 
LEU HB2    H N N 230 
LEU HB3    H N N 231 
LEU HG     H N N 232 
LEU HD11   H N N 233 
LEU HD12   H N N 234 
LEU HD13   H N N 235 
LEU HD21   H N N 236 
LEU HD22   H N N 237 
LEU HD23   H N N 238 
LEU HXT    H N N 239 
LYS N      N N N 240 
LYS CA     C N S 241 
LYS C      C N N 242 
LYS O      O N N 243 
LYS CB     C N N 244 
LYS CG     C N N 245 
LYS CD     C N N 246 
LYS CE     C N N 247 
LYS NZ     N N N 248 
LYS OXT    O N N 249 
LYS H      H N N 250 
LYS H2     H N N 251 
LYS HA     H N N 252 
LYS HB2    H N N 253 
LYS HB3    H N N 254 
LYS HG2    H N N 255 
LYS HG3    H N N 256 
LYS HD2    H N N 257 
LYS HD3    H N N 258 
LYS HE2    H N N 259 
LYS HE3    H N N 260 
LYS HZ1    H N N 261 
LYS HZ2    H N N 262 
LYS HZ3    H N N 263 
LYS HXT    H N N 264 
MET N      N N N 265 
MET CA     C N S 266 
MET C      C N N 267 
MET O      O N N 268 
MET CB     C N N 269 
MET CG     C N N 270 
MET SD     S N N 271 
MET CE     C N N 272 
MET OXT    O N N 273 
MET H      H N N 274 
MET H2     H N N 275 
MET HA     H N N 276 
MET HB2    H N N 277 
MET HB3    H N N 278 
MET HG2    H N N 279 
MET HG3    H N N 280 
MET HE1    H N N 281 
MET HE2    H N N 282 
MET HE3    H N N 283 
MET HXT    H N N 284 
PHE N      N N N 285 
PHE CA     C N S 286 
PHE C      C N N 287 
PHE O      O N N 288 
PHE CB     C N N 289 
PHE CG     C Y N 290 
PHE CD1    C Y N 291 
PHE CD2    C Y N 292 
PHE CE1    C Y N 293 
PHE CE2    C Y N 294 
PHE CZ     C Y N 295 
PHE OXT    O N N 296 
PHE H      H N N 297 
PHE H2     H N N 298 
PHE HA     H N N 299 
PHE HB2    H N N 300 
PHE HB3    H N N 301 
PHE HD1    H N N 302 
PHE HD2    H N N 303 
PHE HE1    H N N 304 
PHE HE2    H N N 305 
PHE HZ     H N N 306 
PHE HXT    H N N 307 
PRO N      N N N 308 
PRO CA     C N S 309 
PRO C      C N N 310 
PRO O      O N N 311 
PRO CB     C N N 312 
PRO CG     C N N 313 
PRO CD     C N N 314 
PRO OXT    O N N 315 
PRO H      H N N 316 
PRO HA     H N N 317 
PRO HB2    H N N 318 
PRO HB3    H N N 319 
PRO HG2    H N N 320 
PRO HG3    H N N 321 
PRO HD2    H N N 322 
PRO HD3    H N N 323 
PRO HXT    H N N 324 
SER N      N N N 325 
SER CA     C N S 326 
SER C      C N N 327 
SER O      O N N 328 
SER CB     C N N 329 
SER OG     O N N 330 
SER OXT    O N N 331 
SER H      H N N 332 
SER H2     H N N 333 
SER HA     H N N 334 
SER HB2    H N N 335 
SER HB3    H N N 336 
SER HG     H N N 337 
SER HXT    H N N 338 
THR N      N N N 339 
THR CA     C N S 340 
THR C      C N N 341 
THR O      O N N 342 
THR CB     C N R 343 
THR OG1    O N N 344 
THR CG2    C N N 345 
THR OXT    O N N 346 
THR H      H N N 347 
THR H2     H N N 348 
THR HA     H N N 349 
THR HB     H N N 350 
THR HG1    H N N 351 
THR HG21   H N N 352 
THR HG22   H N N 353 
THR HG23   H N N 354 
THR HXT    H N N 355 
TYR N      N N N 356 
TYR CA     C N S 357 
TYR C      C N N 358 
TYR O      O N N 359 
TYR CB     C N N 360 
TYR CG     C Y N 361 
TYR CD1    C Y N 362 
TYR CD2    C Y N 363 
TYR CE1    C Y N 364 
TYR CE2    C Y N 365 
TYR CZ     C Y N 366 
TYR OH     O N N 367 
TYR OXT    O N N 368 
TYR H      H N N 369 
TYR H2     H N N 370 
TYR HA     H N N 371 
TYR HB2    H N N 372 
TYR HB3    H N N 373 
TYR HD1    H N N 374 
TYR HD2    H N N 375 
TYR HE1    H N N 376 
TYR HE2    H N N 377 
TYR HH     H N N 378 
TYR HXT    H N N 379 
VAL N      N N N 380 
VAL CA     C N S 381 
VAL C      C N N 382 
VAL O      O N N 383 
VAL CB     C N N 384 
VAL CG1    C N N 385 
VAL CG2    C N N 386 
VAL OXT    O N N 387 
VAL H      H N N 388 
VAL H2     H N N 389 
VAL HA     H N N 390 
VAL HB     H N N 391 
VAL HG11   H N N 392 
VAL HG12   H N N 393 
VAL HG13   H N N 394 
VAL HG21   H N N 395 
VAL HG22   H N N 396 
VAL HG23   H N N 397 
VAL HXT    H N N 398 
# 
loop_
_chem_comp_bond.comp_id 
_chem_comp_bond.atom_id_1 
_chem_comp_bond.atom_id_2 
_chem_comp_bond.value_order 
_chem_comp_bond.pdbx_aromatic_flag 
_chem_comp_bond.pdbx_stereo_config 
_chem_comp_bond.pdbx_ordinal 
ALA N     CA     sing N N 1   
ALA N     H      sing N N 2   
ALA N     H2     sing N N 3   
ALA CA    C      sing N N 4   
ALA CA    CB     sing N N 5   
ALA CA    HA     sing N N 6   
ALA C     O      doub N N 7   
ALA C     OXT    sing N N 8   
ALA CB    HB1    sing N N 9   
ALA CB    HB2    sing N N 10  
ALA CB    HB3    sing N N 11  
ALA OXT   HXT    sing N N 12  
ARG N     CA     sing N N 13  
ARG N     H      sing N N 14  
ARG N     H2     sing N N 15  
ARG CA    C      sing N N 16  
ARG CA    CB     sing N N 17  
ARG CA    HA     sing N N 18  
ARG C     O      doub N N 19  
ARG C     OXT    sing N N 20  
ARG CB    CG     sing N N 21  
ARG CB    HB2    sing N N 22  
ARG CB    HB3    sing N N 23  
ARG CG    CD     sing N N 24  
ARG CG    HG2    sing N N 25  
ARG CG    HG3    sing N N 26  
ARG CD    NE     sing N N 27  
ARG CD    HD2    sing N N 28  
ARG CD    HD3    sing N N 29  
ARG NE    CZ     sing N N 30  
ARG NE    HE     sing N N 31  
ARG CZ    NH1    sing N N 32  
ARG CZ    NH2    doub N N 33  
ARG NH1   HH11   sing N N 34  
ARG NH1   HH12   sing N N 35  
ARG NH2   HH21   sing N N 36  
ARG NH2   HH22   sing N N 37  
ARG OXT   HXT    sing N N 38  
ASN N     CA     sing N N 39  
ASN N     H      sing N N 40  
ASN N     H2     sing N N 41  
ASN CA    C      sing N N 42  
ASN CA    CB     sing N N 43  
ASN CA    HA     sing N N 44  
ASN C     O      doub N N 45  
ASN C     OXT    sing N N 46  
ASN CB    CG     sing N N 47  
ASN CB    HB2    sing N N 48  
ASN CB    HB3    sing N N 49  
ASN CG    OD1    doub N N 50  
ASN CG    ND2    sing N N 51  
ASN ND2   HD21   sing N N 52  
ASN ND2   HD22   sing N N 53  
ASN OXT   HXT    sing N N 54  
ASP N     CA     sing N N 55  
ASP N     H      sing N N 56  
ASP N     H2     sing N N 57  
ASP CA    C      sing N N 58  
ASP CA    CB     sing N N 59  
ASP CA    HA     sing N N 60  
ASP C     O      doub N N 61  
ASP C     OXT    sing N N 62  
ASP CB    CG     sing N N 63  
ASP CB    HB2    sing N N 64  
ASP CB    HB3    sing N N 65  
ASP CG    OD1    doub N N 66  
ASP CG    OD2    sing N N 67  
ASP OD2   HD2    sing N N 68  
ASP OXT   HXT    sing N N 69  
C2P N1    C2     sing N N 70  
C2P N1    C6     sing N N 71  
C2P N1    "C1'"  sing N N 72  
C2P C2    N3     sing N N 73  
C2P C2    O2     doub N N 74  
C2P N3    C4     doub N N 75  
C2P C4    C5     sing N N 76  
C2P C4    N4     sing N N 77  
C2P C5    C6     doub N N 78  
C2P C5    H5     sing N N 79  
C2P C6    H6     sing N N 80  
C2P N4    HN41   sing N N 81  
C2P N4    HN42   sing N N 82  
C2P "C1'" "C2'"  sing N N 83  
C2P "C1'" "O4'"  sing N N 84  
C2P "C1'" "H1'"  sing N N 85  
C2P "C2'" "O2'"  sing N N 86  
C2P "C2'" "C3'"  sing N N 87  
C2P "C2'" "H2'"  sing N N 88  
C2P "O2'" P      sing N N 89  
C2P "C3'" "C4'"  sing N N 90  
C2P "C3'" "O3'"  sing N N 91  
C2P "C3'" "H3'"  sing N N 92  
C2P "C4'" "O4'"  sing N N 93  
C2P "C4'" "C5'"  sing N N 94  
C2P "C4'" "H4'"  sing N N 95  
C2P "O3'" "HO3'" sing N N 96  
C2P "C5'" "O5'"  sing N N 97  
C2P "C5'" "H5'1" sing N N 98  
C2P "C5'" "H5'2" sing N N 99  
C2P "O5'" "HO5'" sing N N 100 
C2P P     O1P    doub N N 101 
C2P P     O2P    sing N N 102 
C2P P     O3P    sing N N 103 
C2P O2P   HOP2   sing N N 104 
C2P O3P   HOP3   sing N N 105 
CYS N     CA     sing N N 106 
CYS N     H      sing N N 107 
CYS N     H2     sing N N 108 
CYS CA    C      sing N N 109 
CYS CA    CB     sing N N 110 
CYS CA    HA     sing N N 111 
CYS C     O      doub N N 112 
CYS C     OXT    sing N N 113 
CYS CB    SG     sing N N 114 
CYS CB    HB2    sing N N 115 
CYS CB    HB3    sing N N 116 
CYS SG    HG     sing N N 117 
CYS OXT   HXT    sing N N 118 
GLN N     CA     sing N N 119 
GLN N     H      sing N N 120 
GLN N     H2     sing N N 121 
GLN CA    C      sing N N 122 
GLN CA    CB     sing N N 123 
GLN CA    HA     sing N N 124 
GLN C     O      doub N N 125 
GLN C     OXT    sing N N 126 
GLN CB    CG     sing N N 127 
GLN CB    HB2    sing N N 128 
GLN CB    HB3    sing N N 129 
GLN CG    CD     sing N N 130 
GLN CG    HG2    sing N N 131 
GLN CG    HG3    sing N N 132 
GLN CD    OE1    doub N N 133 
GLN CD    NE2    sing N N 134 
GLN NE2   HE21   sing N N 135 
GLN NE2   HE22   sing N N 136 
GLN OXT   HXT    sing N N 137 
GLU N     CA     sing N N 138 
GLU N     H      sing N N 139 
GLU N     H2     sing N N 140 
GLU CA    C      sing N N 141 
GLU CA    CB     sing N N 142 
GLU CA    HA     sing N N 143 
GLU C     O      doub N N 144 
GLU C     OXT    sing N N 145 
GLU CB    CG     sing N N 146 
GLU CB    HB2    sing N N 147 
GLU CB    HB3    sing N N 148 
GLU CG    CD     sing N N 149 
GLU CG    HG2    sing N N 150 
GLU CG    HG3    sing N N 151 
GLU CD    OE1    doub N N 152 
GLU CD    OE2    sing N N 153 
GLU OE2   HE2    sing N N 154 
GLU OXT   HXT    sing N N 155 
GLY N     CA     sing N N 156 
GLY N     H      sing N N 157 
GLY N     H2     sing N N 158 
GLY CA    C      sing N N 159 
GLY CA    HA2    sing N N 160 
GLY CA    HA3    sing N N 161 
GLY C     O      doub N N 162 
GLY C     OXT    sing N N 163 
GLY OXT   HXT    sing N N 164 
HIS N     CA     sing N N 165 
HIS N     H      sing N N 166 
HIS N     H2     sing N N 167 
HIS CA    C      sing N N 168 
HIS CA    CB     sing N N 169 
HIS CA    HA     sing N N 170 
HIS C     O      doub N N 171 
HIS C     OXT    sing N N 172 
HIS CB    CG     sing N N 173 
HIS CB    HB2    sing N N 174 
HIS CB    HB3    sing N N 175 
HIS CG    ND1    sing Y N 176 
HIS CG    CD2    doub Y N 177 
HIS ND1   CE1    doub Y N 178 
HIS ND1   HD1    sing N N 179 
HIS CD2   NE2    sing Y N 180 
HIS CD2   HD2    sing N N 181 
HIS CE1   NE2    sing Y N 182 
HIS CE1   HE1    sing N N 183 
HIS NE2   HE2    sing N N 184 
HIS OXT   HXT    sing N N 185 
HOH O     H1     sing N N 186 
HOH O     H2     sing N N 187 
ILE N     CA     sing N N 188 
ILE N     H      sing N N 189 
ILE N     H2     sing N N 190 
ILE CA    C      sing N N 191 
ILE CA    CB     sing N N 192 
ILE CA    HA     sing N N 193 
ILE C     O      doub N N 194 
ILE C     OXT    sing N N 195 
ILE CB    CG1    sing N N 196 
ILE CB    CG2    sing N N 197 
ILE CB    HB     sing N N 198 
ILE CG1   CD1    sing N N 199 
ILE CG1   HG12   sing N N 200 
ILE CG1   HG13   sing N N 201 
ILE CG2   HG21   sing N N 202 
ILE CG2   HG22   sing N N 203 
ILE CG2   HG23   sing N N 204 
ILE CD1   HD11   sing N N 205 
ILE CD1   HD12   sing N N 206 
ILE CD1   HD13   sing N N 207 
ILE OXT   HXT    sing N N 208 
LEU N     CA     sing N N 209 
LEU N     H      sing N N 210 
LEU N     H2     sing N N 211 
LEU CA    C      sing N N 212 
LEU CA    CB     sing N N 213 
LEU CA    HA     sing N N 214 
LEU C     O      doub N N 215 
LEU C     OXT    sing N N 216 
LEU CB    CG     sing N N 217 
LEU CB    HB2    sing N N 218 
LEU CB    HB3    sing N N 219 
LEU CG    CD1    sing N N 220 
LEU CG    CD2    sing N N 221 
LEU CG    HG     sing N N 222 
LEU CD1   HD11   sing N N 223 
LEU CD1   HD12   sing N N 224 
LEU CD1   HD13   sing N N 225 
LEU CD2   HD21   sing N N 226 
LEU CD2   HD22   sing N N 227 
LEU CD2   HD23   sing N N 228 
LEU OXT   HXT    sing N N 229 
LYS N     CA     sing N N 230 
LYS N     H      sing N N 231 
LYS N     H2     sing N N 232 
LYS CA    C      sing N N 233 
LYS CA    CB     sing N N 234 
LYS CA    HA     sing N N 235 
LYS C     O      doub N N 236 
LYS C     OXT    sing N N 237 
LYS CB    CG     sing N N 238 
LYS CB    HB2    sing N N 239 
LYS CB    HB3    sing N N 240 
LYS CG    CD     sing N N 241 
LYS CG    HG2    sing N N 242 
LYS CG    HG3    sing N N 243 
LYS CD    CE     sing N N 244 
LYS CD    HD2    sing N N 245 
LYS CD    HD3    sing N N 246 
LYS CE    NZ     sing N N 247 
LYS CE    HE2    sing N N 248 
LYS CE    HE3    sing N N 249 
LYS NZ    HZ1    sing N N 250 
LYS NZ    HZ2    sing N N 251 
LYS NZ    HZ3    sing N N 252 
LYS OXT   HXT    sing N N 253 
MET N     CA     sing N N 254 
MET N     H      sing N N 255 
MET N     H2     sing N N 256 
MET CA    C      sing N N 257 
MET CA    CB     sing N N 258 
MET CA    HA     sing N N 259 
MET C     O      doub N N 260 
MET C     OXT    sing N N 261 
MET CB    CG     sing N N 262 
MET CB    HB2    sing N N 263 
MET CB    HB3    sing N N 264 
MET CG    SD     sing N N 265 
MET CG    HG2    sing N N 266 
MET CG    HG3    sing N N 267 
MET SD    CE     sing N N 268 
MET CE    HE1    sing N N 269 
MET CE    HE2    sing N N 270 
MET CE    HE3    sing N N 271 
MET OXT   HXT    sing N N 272 
PHE N     CA     sing N N 273 
PHE N     H      sing N N 274 
PHE N     H2     sing N N 275 
PHE CA    C      sing N N 276 
PHE CA    CB     sing N N 277 
PHE CA    HA     sing N N 278 
PHE C     O      doub N N 279 
PHE C     OXT    sing N N 280 
PHE CB    CG     sing N N 281 
PHE CB    HB2    sing N N 282 
PHE CB    HB3    sing N N 283 
PHE CG    CD1    doub Y N 284 
PHE CG    CD2    sing Y N 285 
PHE CD1   CE1    sing Y N 286 
PHE CD1   HD1    sing N N 287 
PHE CD2   CE2    doub Y N 288 
PHE CD2   HD2    sing N N 289 
PHE CE1   CZ     doub Y N 290 
PHE CE1   HE1    sing N N 291 
PHE CE2   CZ     sing Y N 292 
PHE CE2   HE2    sing N N 293 
PHE CZ    HZ     sing N N 294 
PHE OXT   HXT    sing N N 295 
PRO N     CA     sing N N 296 
PRO N     CD     sing N N 297 
PRO N     H      sing N N 298 
PRO CA    C      sing N N 299 
PRO CA    CB     sing N N 300 
PRO CA    HA     sing N N 301 
PRO C     O      doub N N 302 
PRO C     OXT    sing N N 303 
PRO CB    CG     sing N N 304 
PRO CB    HB2    sing N N 305 
PRO CB    HB3    sing N N 306 
PRO CG    CD     sing N N 307 
PRO CG    HG2    sing N N 308 
PRO CG    HG3    sing N N 309 
PRO CD    HD2    sing N N 310 
PRO CD    HD3    sing N N 311 
PRO OXT   HXT    sing N N 312 
SER N     CA     sing N N 313 
SER N     H      sing N N 314 
SER N     H2     sing N N 315 
SER CA    C      sing N N 316 
SER CA    CB     sing N N 317 
SER CA    HA     sing N N 318 
SER C     O      doub N N 319 
SER C     OXT    sing N N 320 
SER CB    OG     sing N N 321 
SER CB    HB2    sing N N 322 
SER CB    HB3    sing N N 323 
SER OG    HG     sing N N 324 
SER OXT   HXT    sing N N 325 
THR N     CA     sing N N 326 
THR N     H      sing N N 327 
THR N     H2     sing N N 328 
THR CA    C      sing N N 329 
THR CA    CB     sing N N 330 
THR CA    HA     sing N N 331 
THR C     O      doub N N 332 
THR C     OXT    sing N N 333 
THR CB    OG1    sing N N 334 
THR CB    CG2    sing N N 335 
THR CB    HB     sing N N 336 
THR OG1   HG1    sing N N 337 
THR CG2   HG21   sing N N 338 
THR CG2   HG22   sing N N 339 
THR CG2   HG23   sing N N 340 
THR OXT   HXT    sing N N 341 
TYR N     CA     sing N N 342 
TYR N     H      sing N N 343 
TYR N     H2     sing N N 344 
TYR CA    C      sing N N 345 
TYR CA    CB     sing N N 346 
TYR CA    HA     sing N N 347 
TYR C     O      doub N N 348 
TYR C     OXT    sing N N 349 
TYR CB    CG     sing N N 350 
TYR CB    HB2    sing N N 351 
TYR CB    HB3    sing N N 352 
TYR CG    CD1    doub Y N 353 
TYR CG    CD2    sing Y N 354 
TYR CD1   CE1    sing Y N 355 
TYR CD1   HD1    sing N N 356 
TYR CD2   CE2    doub Y N 357 
TYR CD2   HD2    sing N N 358 
TYR CE1   CZ     doub Y N 359 
TYR CE1   HE1    sing N N 360 
TYR CE2   CZ     sing Y N 361 
TYR CE2   HE2    sing N N 362 
TYR CZ    OH     sing N N 363 
TYR OH    HH     sing N N 364 
TYR OXT   HXT    sing N N 365 
VAL N     CA     sing N N 366 
VAL N     H      sing N N 367 
VAL N     H2     sing N N 368 
VAL CA    C      sing N N 369 
VAL CA    CB     sing N N 370 
VAL CA    HA     sing N N 371 
VAL C     O      doub N N 372 
VAL C     OXT    sing N N 373 
VAL CB    CG1    sing N N 374 
VAL CB    CG2    sing N N 375 
VAL CB    HB     sing N N 376 
VAL CG1   HG11   sing N N 377 
VAL CG1   HG12   sing N N 378 
VAL CG1   HG13   sing N N 379 
VAL CG2   HG21   sing N N 380 
VAL CG2   HG22   sing N N 381 
VAL CG2   HG23   sing N N 382 
VAL OXT   HXT    sing N N 383 
# 
_atom_sites.entry_id                    1ROB 
_atom_sites.fract_transf_matrix[1][1]   0.02018375 
_atom_sites.fract_transf_matrix[1][2]   -0.01083008 
_atom_sites.fract_transf_matrix[1][3]   0.02527751 
_atom_sites.fract_transf_matrix[2][1]   0.00090673 
_atom_sites.fract_transf_matrix[2][2]   -0.02375147 
_atom_sites.fract_transf_matrix[2][3]   -0.01090026 
_atom_sites.fract_transf_matrix[3][1]   0.01831470 
_atom_sites.fract_transf_matrix[3][2]   0.00339017 
_atom_sites.fract_transf_matrix[3][3]   -0.00586363 
_atom_sites.fract_transf_vector[1]      1.090354 
_atom_sites.fract_transf_vector[2]      0.454765 
_atom_sites.fract_transf_vector[3]      0.254803 
# 
loop_
_atom_sites_footnote.id 
_atom_sites_footnote.text 
1 'CIS PROLINE - PRO      93' 
2 'CIS PROLINE - PRO     114' 
# 
loop_
_atom_type.symbol 
C 
N 
O 
P 
S 
# 
loop_
_atom_site.group_PDB 
_atom_site.id 
_atom_site.type_symbol 
_atom_site.label_atom_id 
_atom_site.label_alt_id 
_atom_site.label_comp_id 
_atom_site.label_asym_id 
_atom_site.label_entity_id 
_atom_site.label_seq_id 
_atom_site.pdbx_PDB_ins_code 
_atom_site.Cartn_x 
_atom_site.Cartn_y 
_atom_site.Cartn_z 
_atom_site.occupancy 
_atom_site.B_iso_or_equiv 
_atom_site.pdbx_formal_charge 
_atom_site.auth_seq_id 
_atom_site.auth_comp_id 
_atom_site.auth_asym_id 
_atom_site.auth_atom_id 
_atom_site.pdbx_PDB_model_num 
ATOM   1    N N     . LYS A 1 1   ? -17.232 -6.463  -10.965 1.00 0.56 ? 1   LYS A N     1 
ATOM   2    C CA    . LYS A 1 1   ? -17.005 -5.340  -10.015 1.00 0.70 ? 1   LYS A CA    1 
ATOM   3    C C     . LYS A 1 1   ? -15.656 -5.549  -9.293  1.00 0.22 ? 1   LYS A C     1 
ATOM   4    O O     . LYS A 1 1   ? -15.267 -6.706  -9.228  1.00 0.34 ? 1   LYS A O     1 
ATOM   5    C CB    . LYS A 1 1   ? -18.095 -5.315  -8.957  1.00 0.35 ? 1   LYS A CB    1 
ATOM   6    C CG    . LYS A 1 1   ? -17.838 -4.260  -7.907  1.00 0.64 ? 1   LYS A CG    1 
ATOM   7    C CD    . LYS A 1 1   ? -18.933 -3.851  -6.947  1.00 0.73 ? 1   LYS A CD    1 
ATOM   8    C CE    . LYS A 1 1   ? -19.640 -5.021  -6.278  1.00 0.60 ? 1   LYS A CE    1 
ATOM   9    N NZ    . LYS A 1 1   ? -19.862 -4.811  -4.837  1.00 0.52 ? 1   LYS A NZ    1 
ATOM   10   N N     . GLU A 1 2   ? -15.042 -4.412  -8.897  1.00 0.18 ? 2   GLU A N     1 
ATOM   11   C CA    . GLU A 1 2   ? -13.611 -4.628  -8.545  1.00 0.18 ? 2   GLU A CA    1 
ATOM   12   C C     . GLU A 1 2   ? -13.480 -5.653  -7.442  1.00 0.14 ? 2   GLU A C     1 
ATOM   13   O O     . GLU A 1 2   ? -13.885 -5.396  -6.311  1.00 0.22 ? 2   GLU A O     1 
ATOM   14   C CB    . GLU A 1 2   ? -12.976 -3.318  -8.162  1.00 0.29 ? 2   GLU A CB    1 
ATOM   15   C CG    . GLU A 1 2   ? -11.433 -3.394  -8.195  1.00 0.29 ? 2   GLU A CG    1 
ATOM   16   C CD    . GLU A 1 2   ? -10.968 -2.020  -7.693  1.00 0.34 ? 2   GLU A CD    1 
ATOM   17   O OE1   . GLU A 1 2   ? -11.595 -1.296  -6.889  1.00 0.19 ? 2   GLU A OE1   1 
ATOM   18   O OE2   . GLU A 1 2   ? -9.883  -1.612  -8.117  1.00 0.22 ? 2   GLU A OE2   1 
ATOM   19   N N     . THR A 1 3   ? -12.565 -6.531  -7.667  1.00 0.17 ? 3   THR A N     1 
ATOM   20   C CA    . THR A 1 3   ? -12.070 -7.437  -6.645  1.00 0.23 ? 3   THR A CA    1 
ATOM   21   C C     . THR A 1 3   ? -11.130 -6.799  -5.653  1.00 0.15 ? 3   THR A C     1 
ATOM   22   O O     . THR A 1 3   ? -10.629 -5.731  -5.818  1.00 0.19 ? 3   THR A O     1 
ATOM   23   C CB    . THR A 1 3   ? -11.480 -8.678  -7.259  1.00 0.30 ? 3   THR A CB    1 
ATOM   24   O OG1   . THR A 1 3   ? -10.209 -8.417  -7.842  1.00 0.29 ? 3   THR A OG1   1 
ATOM   25   C CG2   . THR A 1 3   ? -12.416 -9.121  -8.394  1.00 0.44 ? 3   THR A CG2   1 
ATOM   26   N N     . ALA A 1 4   ? -11.155 -7.438  -4.473  1.00 0.23 ? 4   ALA A N     1 
ATOM   27   C CA    . ALA A 1 4   ? -10.317 -7.016  -3.342  1.00 0.20 ? 4   ALA A CA    1 
ATOM   28   C C     . ALA A 1 4   ? -8.850  -7.153  -3.810  1.00 0.28 ? 4   ALA A C     1 
ATOM   29   O O     . ALA A 1 4   ? -8.103  -6.266  -3.548  1.00 0.22 ? 4   ALA A O     1 
ATOM   30   C CB    . ALA A 1 4   ? -10.507 -7.971  -2.165  1.00 0.18 ? 4   ALA A CB    1 
ATOM   31   N N     . ALA A 1 5   ? -8.598  -8.172  -4.612  1.00 0.19 ? 5   ALA A N     1 
ATOM   32   C CA    . ALA A 1 5   ? -7.214  -8.381  -5.067  1.00 0.21 ? 5   ALA A CA    1 
ATOM   33   C C     . ALA A 1 5   ? -6.865  -7.306  -6.133  1.00 0.26 ? 5   ALA A C     1 
ATOM   34   O O     . ALA A 1 5   ? -5.782  -6.759  -5.967  1.00 0.17 ? 5   ALA A O     1 
ATOM   35   C CB    . ALA A 1 5   ? -7.030  -9.747  -5.625  1.00 0.27 ? 5   ALA A CB    1 
ATOM   36   N N     . ALA A 1 6   ? -7.731  -6.872  -7.023  1.00 0.22 ? 6   ALA A N     1 
ATOM   37   C CA    . ALA A 1 6   ? -7.507  -5.767  -8.001  1.00 0.14 ? 6   ALA A CA    1 
ATOM   38   C C     . ALA A 1 6   ? -7.442  -4.473  -7.228  1.00 0.18 ? 6   ALA A C     1 
ATOM   39   O O     . ALA A 1 6   ? -6.680  -3.563  -7.554  1.00 0.17 ? 6   ALA A O     1 
ATOM   40   C CB    . ALA A 1 6   ? -8.734  -5.718  -8.945  1.00 0.12 ? 6   ALA A CB    1 
ATOM   41   N N     . LYS A 1 7   ? -8.284  -4.291  -6.212  1.00 0.14 ? 7   LYS A N     1 
ATOM   42   C CA    . LYS A 1 7   ? -8.288  -3.096  -5.393  1.00 0.12 ? 7   LYS A CA    1 
ATOM   43   C C     . LYS A 1 7   ? -6.947  -2.943  -4.656  1.00 0.22 ? 7   LYS A C     1 
ATOM   44   O O     . LYS A 1 7   ? -6.369  -1.819  -4.571  1.00 0.16 ? 7   LYS A O     1 
ATOM   45   C CB    . LYS A 1 7   ? -9.384  -3.330  -4.303  1.00 0.21 ? 7   LYS A CB    1 
ATOM   46   C CG    . LYS A 1 7   ? -9.871  -1.986  -3.982  1.00 0.27 ? 7   LYS A CG    1 
ATOM   47   C CD    . LYS A 1 7   ? -9.903  -1.775  -2.514  1.00 0.34 ? 7   LYS A CD    1 
ATOM   48   C CE    . LYS A 1 7   ? -11.315 -1.966  -2.002  1.00 0.65 ? 7   LYS A CE    1 
ATOM   49   N NZ    . LYS A 1 7   ? -11.542 -0.969  -0.922  1.00 0.57 ? 7   LYS A NZ    1 
ATOM   50   N N     . PHE A 1 8   ? -6.392  -4.024  -4.097  1.00 0.12 ? 8   PHE A N     1 
ATOM   51   C CA    . PHE A 1 8   ? -5.005  -3.953  -3.494  1.00 0.11 ? 8   PHE A CA    1 
ATOM   52   C C     . PHE A 1 8   ? -4.005  -3.511  -4.564  1.00 0.16 ? 8   PHE A C     1 
ATOM   53   O O     . PHE A 1 8   ? -3.144  -2.661  -4.305  1.00 0.13 ? 8   PHE A O     1 
ATOM   54   C CB    . PHE A 1 8   ? -4.588  -5.322  -3.002  1.00 0.14 ? 8   PHE A CB    1 
ATOM   55   C CG    . PHE A 1 8   ? -3.217  -5.270  -2.346  1.00 0.16 ? 8   PHE A CG    1 
ATOM   56   C CD1   . PHE A 1 8   ? -2.073  -5.469  -3.157  1.00 0.19 ? 8   PHE A CD1   1 
ATOM   57   C CD2   . PHE A 1 8   ? -2.973  -5.070  -0.987  1.00 0.15 ? 8   PHE A CD2   1 
ATOM   58   C CE1   . PHE A 1 8   ? -0.781  -5.432  -2.582  1.00 0.12 ? 8   PHE A CE1   1 
ATOM   59   C CE2   . PHE A 1 8   ? -1.706  -5.028  -0.388  1.00 0.12 ? 8   PHE A CE2   1 
ATOM   60   C CZ    . PHE A 1 8   ? -0.621  -5.245  -1.219  1.00 0.16 ? 8   PHE A CZ    1 
ATOM   61   N N     . GLU A 1 9   ? -4.043  -3.931  -5.768  1.00 0.19 ? 9   GLU A N     1 
ATOM   62   C CA    . GLU A 1 9   ? -3.106  -3.497  -6.809  1.00 0.20 ? 9   GLU A CA    1 
ATOM   63   C C     . GLU A 1 9   ? -3.215  -2.056  -7.137  1.00 0.12 ? 9   GLU A C     1 
ATOM   64   O O     . GLU A 1 9   ? -2.264  -1.277  -7.235  1.00 0.15 ? 9   GLU A O     1 
ATOM   65   C CB    . GLU A 1 9   ? -3.282  -4.369  -8.053  1.00 0.20 ? 9   GLU A CB    1 
ATOM   66   C CG    A GLU A 1 9   ? -2.102  -4.117  -8.958  0.50 0.32 ? 9   GLU A CG    1 
ATOM   67   C CG    B GLU A 1 9   ? -2.757  -5.811  -8.023  0.50 0.16 ? 9   GLU A CG    1 
ATOM   68   C CD    A GLU A 1 9   ? -2.298  -4.968  -10.209 0.50 0.77 ? 9   GLU A CD    1 
ATOM   69   C CD    B GLU A 1 9   ? -2.902  -6.725  -9.267  0.50 0.16 ? 9   GLU A CD    1 
ATOM   70   O OE1   A GLU A 1 9   ? -2.986  -5.995  -10.210 0.50 0.78 ? 9   GLU A OE1   1 
ATOM   71   O OE1   B GLU A 1 9   ? -2.784  -6.048  -10.348 0.50 0.19 ? 9   GLU A OE1   1 
ATOM   72   O OE2   A GLU A 1 9   ? -1.713  -4.609  -11.222 0.50 0.30 ? 9   GLU A OE2   1 
ATOM   73   O OE2   B GLU A 1 9   ? -3.177  -7.918  -9.150  0.50 0.19 ? 9   GLU A OE2   1 
ATOM   74   N N     . ARG A 1 10  ? -4.459  -1.651  -7.307  1.00 0.11 ? 10  ARG A N     1 
ATOM   75   C CA    . ARG A 1 10  ? -4.708  -0.233  -7.634  1.00 0.16 ? 10  ARG A CA    1 
ATOM   76   C C     . ARG A 1 10  ? -4.248  0.720   -6.559  1.00 0.11 ? 10  ARG A C     1 
ATOM   77   O O     . ARG A 1 10  ? -3.817  1.868   -6.722  1.00 0.13 ? 10  ARG A O     1 
ATOM   78   C CB    . ARG A 1 10  ? -6.256  -0.076  -7.795  1.00 0.13 ? 10  ARG A CB    1 
ATOM   79   C CG    . ARG A 1 10  ? -6.675  1.324   -8.059  1.00 0.13 ? 10  ARG A CG    1 
ATOM   80   C CD    . ARG A 1 10  ? -8.089  1.532   -8.621  1.00 0.22 ? 10  ARG A CD    1 
ATOM   81   N NE    . ARG A 1 10  ? -9.041  1.064   -7.628  1.00 0.20 ? 10  ARG A NE    1 
ATOM   82   C CZ    . ARG A 1 10  ? -9.446  1.730   -6.531  1.00 0.28 ? 10  ARG A CZ    1 
ATOM   83   N NH1   . ARG A 1 10  ? -9.042  2.947   -6.150  1.00 0.26 ? 10  ARG A NH1   1 
ATOM   84   N NH2   . ARG A 1 10  ? -10.217 1.056   -5.682  1.00 0.20 ? 10  ARG A NH2   1 
ATOM   85   N N     . GLN A 1 11  ? -4.559  0.419   -5.256  1.00 0.15 ? 11  GLN A N     1 
ATOM   86   C CA    . GLN A 1 11  ? -4.240  1.311   -4.156  1.00 0.11 ? 11  GLN A CA    1 
ATOM   87   C C     . GLN A 1 11  ? -2.746  1.168   -3.802  1.00 0.09 ? 11  GLN A C     1 
ATOM   88   O O     . GLN A 1 11  ? -2.257  2.125   -3.225  1.00 0.19 ? 11  GLN A O     1 
ATOM   89   C CB    . GLN A 1 11  ? -5.026  0.857   -2.879  1.00 0.14 ? 11  GLN A CB    1 
ATOM   90   C CG    . GLN A 1 11  ? -6.521  1.026   -3.143  1.00 0.13 ? 11  GLN A CG    1 
ATOM   91   C CD    . GLN A 1 11  ? -7.147  0.975   -1.753  1.00 0.25 ? 11  GLN A CD    1 
ATOM   92   O OE1   . GLN A 1 11  ? -7.588  2.069   -1.306  1.00 0.22 ? 11  GLN A OE1   1 
ATOM   93   N NE2   . GLN A 1 11  ? -7.065  -0.126  -1.046  1.00 0.29 ? 11  GLN A NE2   1 
ATOM   94   N N     . HIS A 1 12  ? -2.055  0.065   -3.972  1.00 0.06 ? 12  HIS A N     1 
ATOM   95   C CA    . HIS A 1 12  ? -0.813  -0.207  -3.332  1.00 0.07 ? 12  HIS A CA    1 
ATOM   96   C C     . HIS A 1 12  ? 0.333   -0.570  -4.316  1.00 0.18 ? 12  HIS A C     1 
ATOM   97   O O     . HIS A 1 12  ? 1.440   -0.622  -3.669  1.00 0.17 ? 12  HIS A O     1 
ATOM   98   C CB    . HIS A 1 12  ? -0.807  -1.276  -2.231  1.00 0.15 ? 12  HIS A CB    1 
ATOM   99   C CG    . HIS A 1 12  ? -1.799  -0.922  -1.121  1.00 0.16 ? 12  HIS A CG    1 
ATOM   100  N ND1   . HIS A 1 12  ? -1.642  0.073   -0.215  1.00 0.19 ? 12  HIS A ND1   1 
ATOM   101  C CD2   . HIS A 1 12  ? -3.009  -1.566  -0.803  1.00 0.16 ? 12  HIS A CD2   1 
ATOM   102  C CE1   . HIS A 1 12  ? -2.673  0.108   0.710   1.00 0.14 ? 12  HIS A CE1   1 
ATOM   103  N NE2   . HIS A 1 12  ? -3.551  -0.881  0.281   1.00 0.15 ? 12  HIS A NE2   1 
ATOM   104  N N     . MET A 1 13  ? 0.180   -0.828  -5.597  1.00 0.14 ? 13  MET A N     1 
ATOM   105  C CA    . MET A 1 13  ? 1.344   -1.399  -6.337  1.00 0.13 ? 13  MET A CA    1 
ATOM   106  C C     . MET A 1 13  ? 1.861   -0.215  -7.235  1.00 0.12 ? 13  MET A C     1 
ATOM   107  O O     . MET A 1 13  ? 1.065   0.470   -7.836  1.00 0.16 ? 13  MET A O     1 
ATOM   108  C CB    . MET A 1 13  ? 0.971   -2.568  -7.186  1.00 0.07 ? 13  MET A CB    1 
ATOM   109  C CG    . MET A 1 13  ? 0.791   -3.860  -6.292  1.00 0.15 ? 13  MET A CG    1 
ATOM   110  S SD    . MET A 1 13  ? 2.315   -4.256  -5.334  1.00 0.18 ? 13  MET A SD    1 
ATOM   111  C CE    . MET A 1 13  ? 3.601   -4.342  -6.663  1.00 0.21 ? 13  MET A CE    1 
ATOM   112  N N     . ASP A 1 14  ? 3.100   0.137   -7.047  1.00 0.12 ? 14  ASP A N     1 
ATOM   113  C CA    . ASP A 1 14  ? 3.604   0.976   -8.209  1.00 0.12 ? 14  ASP A CA    1 
ATOM   114  C C     . ASP A 1 14  ? 4.968   0.332   -8.617  1.00 0.15 ? 14  ASP A C     1 
ATOM   115  O O     . ASP A 1 14  ? 5.965   0.868   -8.167  1.00 0.17 ? 14  ASP A O     1 
ATOM   116  C CB    . ASP A 1 14  ? 3.885   2.362   -7.642  1.00 0.12 ? 14  ASP A CB    1 
ATOM   117  C CG    . ASP A 1 14  ? 4.256   3.321   -8.797  1.00 0.22 ? 14  ASP A CG    1 
ATOM   118  O OD1   . ASP A 1 14  ? 4.273   2.808   -9.937  1.00 0.17 ? 14  ASP A OD1   1 
ATOM   119  O OD2   . ASP A 1 14  ? 4.586   4.450   -8.514  1.00 0.21 ? 14  ASP A OD2   1 
ATOM   120  N N     . SER A 1 15  ? 4.915   -0.636  -9.496  1.00 0.16 ? 15  SER A N     1 
ATOM   121  C CA    . SER A 1 15  ? 6.086   -1.397  -10.010 1.00 0.19 ? 15  SER A CA    1 
ATOM   122  C C     . SER A 1 15  ? 6.897   -0.551  -10.983 1.00 0.21 ? 15  SER A C     1 
ATOM   123  O O     . SER A 1 15  ? 7.987   -1.009  -11.319 1.00 0.32 ? 15  SER A O     1 
ATOM   124  C CB    . SER A 1 15  ? 5.509   -2.606  -10.794 1.00 0.19 ? 15  SER A CB    1 
ATOM   125  O OG    . SER A 1 15  ? 5.179   -3.493  -9.706  1.00 0.40 ? 15  SER A OG    1 
ATOM   126  N N     . SER A 1 16  ? 6.341   0.554   -11.410 1.00 0.13 ? 16  SER A N     1 
ATOM   127  C CA    . SER A 1 16  ? 6.760   1.416   -12.533 1.00 0.17 ? 16  SER A CA    1 
ATOM   128  C C     . SER A 1 16  ? 7.832   2.402   -12.100 1.00 0.27 ? 16  SER A C     1 
ATOM   129  O O     . SER A 1 16  ? 8.411   3.177   -12.898 1.00 0.25 ? 16  SER A O     1 
ATOM   130  C CB    . SER A 1 16  ? 5.597   2.121   -13.198 1.00 0.28 ? 16  SER A CB    1 
ATOM   131  O OG    . SER A 1 16  ? 5.608   3.462   -12.572 1.00 0.39 ? 16  SER A OG    1 
ATOM   132  N N     . THR A 1 17  ? 8.051   2.581   -10.821 1.00 0.19 ? 17  THR A N     1 
ATOM   133  C CA    . THR A 1 17  ? 9.016   3.428   -10.164 1.00 0.16 ? 17  THR A CA    1 
ATOM   134  C C     . THR A 1 17  ? 9.796   2.660   -9.122  1.00 0.23 ? 17  THR A C     1 
ATOM   135  O O     . THR A 1 17  ? 9.296   1.686   -8.530  1.00 0.25 ? 17  THR A O     1 
ATOM   136  C CB    . THR A 1 17  ? 8.475   4.748   -9.728  1.00 0.26 ? 17  THR A CB    1 
ATOM   137  O OG1   . THR A 1 17  ? 7.703   4.671   -8.522  1.00 0.27 ? 17  THR A OG1   1 
ATOM   138  C CG2   . THR A 1 17  ? 7.603   5.374   -10.778 1.00 0.29 ? 17  THR A CG2   1 
ATOM   139  N N     . SER A 1 18  ? 11.079  2.887   -8.834  1.00 0.21 ? 18  SER A N     1 
ATOM   140  C CA    . SER A 1 18  ? 11.872  2.328   -7.783  1.00 0.19 ? 18  SER A CA    1 
ATOM   141  C C     . SER A 1 18  ? 11.610  2.946   -6.417  1.00 0.16 ? 18  SER A C     1 
ATOM   142  O O     . SER A 1 18  ? 11.852  2.303   -5.381  1.00 0.22 ? 18  SER A O     1 
ATOM   143  C CB    . SER A 1 18  ? 13.378  2.414   -8.066  1.00 0.31 ? 18  SER A CB    1 
ATOM   144  O OG    . SER A 1 18  ? 13.552  2.030   -9.446  1.00 0.70 ? 18  SER A OG    1 
ATOM   145  N N     . ALA A 1 19  ? 11.235  4.189   -6.401  1.00 0.26 ? 19  ALA A N     1 
ATOM   146  C CA    . ALA A 1 19  ? 10.999  5.065   -5.266  1.00 0.37 ? 19  ALA A CA    1 
ATOM   147  C C     . ALA A 1 19  ? 10.254  6.326   -5.711  1.00 0.19 ? 19  ALA A C     1 
ATOM   148  O O     . ALA A 1 19  ? 10.152  6.682   -6.882  1.00 0.20 ? 19  ALA A O     1 
ATOM   149  C CB    . ALA A 1 19  ? 12.234  5.404   -4.488  1.00 0.17 ? 19  ALA A CB    1 
ATOM   150  N N     . ALA A 1 20  ? 9.734   7.017   -4.709  1.00 0.12 ? 20  ALA A N     1 
ATOM   151  C CA    . ALA A 1 20  ? 8.907   8.192   -5.087  1.00 0.14 ? 20  ALA A CA    1 
ATOM   152  C C     . ALA A 1 20  ? 9.958   9.283   -5.533  1.00 0.29 ? 20  ALA A C     1 
ATOM   153  O O     . ALA A 1 20  ? 11.046  9.406   -4.974  1.00 0.26 ? 20  ALA A O     1 
ATOM   154  C CB    . ALA A 1 20  ? 8.350   8.730   -3.704  1.00 0.19 ? 20  ALA A CB    1 
ATOM   155  N N     . SER A 1 21  ? 9.696   9.992   -6.576  1.00 0.28 ? 21  SER A N     1 
ATOM   156  C CA    . SER A 1 21  ? 10.645  10.912  -7.251  1.00 0.50 ? 21  SER A CA    1 
ATOM   157  C C     . SER A 1 21  ? 10.691  12.269  -6.580  1.00 0.80 ? 21  SER A C     1 
ATOM   158  O O     . SER A 1 21  ? 11.682  13.018  -6.716  1.00 0.27 ? 21  SER A O     1 
ATOM   159  C CB    . SER A 1 21  ? 10.176  11.037  -8.700  1.00 0.31 ? 21  SER A CB    1 
ATOM   160  O OG    . SER A 1 21  ? 8.740   10.814  -8.792  1.00 0.65 ? 21  SER A OG    1 
ATOM   161  N N     . SER A 1 22  ? 9.637   12.811  -5.954  1.00 0.26 ? 22  SER A N     1 
ATOM   162  C CA    . SER A 1 22  ? 9.558   14.185  -5.458  1.00 0.21 ? 22  SER A CA    1 
ATOM   163  C C     . SER A 1 22  ? 8.483   14.257  -4.361  1.00 0.28 ? 22  SER A C     1 
ATOM   164  O O     . SER A 1 22  ? 7.827   13.244  -4.172  1.00 0.16 ? 22  SER A O     1 
ATOM   165  C CB    . SER A 1 22  ? 9.187   15.171  -6.543  1.00 0.20 ? 22  SER A CB    1 
ATOM   166  O OG    . SER A 1 22  ? 7.820   15.024  -6.944  1.00 0.25 ? 22  SER A OG    1 
ATOM   167  N N     . SER A 1 23  ? 8.454   15.380  -3.714  1.00 0.20 ? 23  SER A N     1 
ATOM   168  C CA    . SER A 1 23  ? 7.528   15.714  -2.617  1.00 0.18 ? 23  SER A CA    1 
ATOM   169  C C     . SER A 1 23  ? 6.062   15.628  -3.157  1.00 0.14 ? 23  SER A C     1 
ATOM   170  O O     . SER A 1 23  ? 5.238   15.388  -2.268  1.00 0.33 ? 23  SER A O     1 
ATOM   171  C CB    . SER A 1 23  ? 7.777   17.082  -2.052  1.00 0.19 ? 23  SER A CB    1 
ATOM   172  O OG    . SER A 1 23  ? 7.481   18.110  -3.006  1.00 0.28 ? 23  SER A OG    1 
ATOM   173  N N     . ASN A 1 24  ? 5.779   15.702  -4.449  1.00 0.13 ? 24  ASN A N     1 
ATOM   174  C CA    . ASN A 1 24  ? 4.516   15.577  -5.105  1.00 0.15 ? 24  ASN A CA    1 
ATOM   175  C C     . ASN A 1 24  ? 4.006   14.139  -5.276  1.00 0.20 ? 24  ASN A C     1 
ATOM   176  O O     . ASN A 1 24  ? 2.833   14.104  -5.745  1.00 0.18 ? 24  ASN A O     1 
ATOM   177  C CB    . ASN A 1 24  ? 4.349   16.289  -6.404  1.00 0.22 ? 24  ASN A CB    1 
ATOM   178  C CG    . ASN A 1 24  ? 3.893   17.684  -6.026  1.00 0.52 ? 24  ASN A CG    1 
ATOM   179  O OD1   . ASN A 1 24  ? 4.324   18.631  -6.804  1.00 0.62 ? 24  ASN A OD1   1 
ATOM   180  N ND2   . ASN A 1 24  ? 3.275   17.943  -4.903  1.00 0.42 ? 24  ASN A ND2   1 
ATOM   181  N N     . TYR A 1 25  ? 4.770   13.124  -5.116  1.00 0.16 ? 25  TYR A N     1 
ATOM   182  C CA    . TYR A 1 25  ? 4.458   11.718  -5.484  1.00 0.16 ? 25  TYR A CA    1 
ATOM   183  C C     . TYR A 1 25  ? 3.089   11.332  -4.934  1.00 0.24 ? 25  TYR A C     1 
ATOM   184  O O     . TYR A 1 25  ? 2.207   10.975  -5.711  1.00 0.16 ? 25  TYR A O     1 
ATOM   185  C CB    . TYR A 1 25  ? 5.520   10.753  -5.095  1.00 0.12 ? 25  TYR A CB    1 
ATOM   186  C CG    . TYR A 1 25  ? 5.167   9.321   -5.345  1.00 0.24 ? 25  TYR A CG    1 
ATOM   187  C CD1   . TYR A 1 25  ? 5.429   8.779   -6.634  1.00 0.28 ? 25  TYR A CD1   1 
ATOM   188  C CD2   . TYR A 1 25  ? 4.569   8.507   -4.369  1.00 0.20 ? 25  TYR A CD2   1 
ATOM   189  C CE1   . TYR A 1 25  ? 5.083   7.458   -6.939  1.00 0.17 ? 25  TYR A CE1   1 
ATOM   190  C CE2   . TYR A 1 25  ? 4.250   7.199   -4.690  1.00 0.17 ? 25  TYR A CE2   1 
ATOM   191  C CZ    . TYR A 1 25  ? 4.529   6.660   -5.935  1.00 0.15 ? 25  TYR A CZ    1 
ATOM   192  O OH    . TYR A 1 25  ? 4.199   5.359   -6.284  1.00 0.17 ? 25  TYR A OH    1 
ATOM   193  N N     . CYS A 1 26  ? 2.891   11.593  -3.651  1.00 0.18 ? 26  CYS A N     1 
ATOM   194  C CA    . CYS A 1 26  ? 1.663   11.216  -3.002  1.00 0.20 ? 26  CYS A CA    1 
ATOM   195  C C     . CYS A 1 26  ? 0.456   11.893  -3.512  1.00 0.12 ? 26  CYS A C     1 
ATOM   196  O O     . CYS A 1 26  ? -0.578  11.390  -3.947  1.00 0.14 ? 26  CYS A O     1 
ATOM   197  C CB    . CYS A 1 26  ? 1.768   11.213  -1.482  1.00 0.12 ? 26  CYS A CB    1 
ATOM   198  S SG    . CYS A 1 26  ? 2.823   9.964   -0.846  1.00 0.16 ? 26  CYS A SG    1 
ATOM   199  N N     . ASN A 1 27  ? 0.546   13.232  -3.608  1.00 0.12 ? 27  ASN A N     1 
ATOM   200  C CA    . ASN A 1 27  ? -0.531  13.992  -4.196  1.00 0.11 ? 27  ASN A CA    1 
ATOM   201  C C     . ASN A 1 27  ? -0.956  13.480  -5.539  1.00 0.23 ? 27  ASN A C     1 
ATOM   202  O O     . ASN A 1 27  ? -2.179  13.429  -5.806  1.00 0.21 ? 27  ASN A O     1 
ATOM   203  C CB    . ASN A 1 27  ? -0.131  15.479  -4.345  1.00 0.19 ? 27  ASN A CB    1 
ATOM   204  C CG    . ASN A 1 27  ? -0.103  16.093  -2.937  1.00 0.25 ? 27  ASN A CG    1 
ATOM   205  O OD1   . ASN A 1 27  ? 0.623   17.197  -2.775  1.00 0.34 ? 27  ASN A OD1   1 
ATOM   206  N ND2   . ASN A 1 27  ? -0.616  15.569  -1.884  1.00 0.16 ? 27  ASN A ND2   1 
ATOM   207  N N     . GLN A 1 28  ? 0.030   13.130  -6.397  1.00 0.19 ? 28  GLN A N     1 
ATOM   208  C CA    . GLN A 1 28  ? -0.467  12.785  -7.765  1.00 0.28 ? 28  GLN A CA    1 
ATOM   209  C C     . GLN A 1 28  ? -0.999  11.331  -7.745  1.00 0.14 ? 28  GLN A C     1 
ATOM   210  O O     . GLN A 1 28  ? -1.924  11.137  -8.531  1.00 0.19 ? 28  GLN A O     1 
ATOM   211  C CB    . GLN A 1 28  ? 0.639   12.878  -8.789  1.00 0.23 ? 28  GLN A CB    1 
ATOM   212  C CG    . GLN A 1 28  ? 1.002   14.337  -9.179  1.00 0.72 ? 28  GLN A CG    1 
ATOM   213  C CD    . GLN A 1 28  ? 2.538   14.529  -9.328  1.00 0.54 ? 28  GLN A CD    1 
ATOM   214  O OE1   . GLN A 1 28  ? 3.133   15.710  -9.654  1.00 0.52 ? 28  GLN A OE1   1 
ATOM   215  N NE2   . GLN A 1 28  ? 3.395   13.495  -9.143  1.00 0.80 ? 28  GLN A NE2   1 
ATOM   216  N N     . MET A 1 29  ? -0.398  10.431  -7.006  1.00 0.16 ? 29  MET A N     1 
ATOM   217  C CA    . MET A 1 29  ? -0.757  9.002   -7.024  1.00 0.12 ? 29  MET A CA    1 
ATOM   218  C C     . MET A 1 29  ? -2.087  8.787   -6.325  1.00 0.18 ? 29  MET A C     1 
ATOM   219  O O     . MET A 1 29  ? -2.825  8.023   -6.911  1.00 0.17 ? 29  MET A O     1 
ATOM   220  C CB    . MET A 1 29  ? 0.315   8.164   -6.368  1.00 0.15 ? 29  MET A CB    1 
ATOM   221  C CG    . MET A 1 29  ? 1.529   8.035   -7.211  1.00 0.26 ? 29  MET A CG    1 
ATOM   222  S SD    . MET A 1 29  ? 1.285   7.308   -8.926  1.00 0.29 ? 29  MET A SD    1 
ATOM   223  C CE    . MET A 1 29  ? 0.953   5.577   -8.475  1.00 0.25 ? 29  MET A CE    1 
ATOM   224  N N     . MET A 1 30  ? -2.240  9.481   -5.220  1.00 0.17 ? 30  MET A N     1 
ATOM   225  C CA    . MET A 1 30  ? -3.548  9.381   -4.543  1.00 0.19 ? 30  MET A CA    1 
ATOM   226  C C     . MET A 1 30  ? -4.617  9.836   -5.490  1.00 0.38 ? 30  MET A C     1 
ATOM   227  O O     . MET A 1 30  ? -5.696  9.288   -5.474  1.00 0.16 ? 30  MET A O     1 
ATOM   228  C CB    . MET A 1 30  ? -3.588  10.142  -3.254  1.00 0.09 ? 30  MET A CB    1 
ATOM   229  C CG    . MET A 1 30  ? -2.457  9.624   -2.345  1.00 0.12 ? 30  MET A CG    1 
ATOM   230  S SD    . MET A 1 30  ? -2.886  7.944   -1.608  1.00 0.16 ? 30  MET A SD    1 
ATOM   231  C CE    . MET A 1 30  ? -4.122  8.457   -0.358  1.00 0.12 ? 30  MET A CE    1 
ATOM   232  N N     . LYS A 1 31  ? -4.288  10.832  -6.302  1.00 0.14 ? 31  LYS A N     1 
ATOM   233  C CA    . LYS A 1 31  ? -5.380  11.345  -7.130  1.00 0.13 ? 31  LYS A CA    1 
ATOM   234  C C     . LYS A 1 31  ? -5.657  10.432  -8.299  1.00 0.17 ? 31  LYS A C     1 
ATOM   235  O O     . LYS A 1 31  ? -6.749  10.007  -8.750  1.00 0.22 ? 31  LYS A O     1 
ATOM   236  C CB    . LYS A 1 31  ? -5.077  12.752  -7.568  1.00 0.16 ? 31  LYS A CB    1 
ATOM   237  C CG    . LYS A 1 31  ? -6.099  13.378  -8.506  1.00 0.25 ? 31  LYS A CG    1 
ATOM   238  C CD    . LYS A 1 31  ? -5.492  13.320  -9.904  1.00 0.53 ? 31  LYS A CD    1 
ATOM   239  C CE    . LYS A 1 31  ? -6.065  14.256  -10.969 1.00 0.42 ? 31  LYS A CE    1 
ATOM   240  N NZ    . LYS A 1 31  ? -5.965  13.658  -12.351 1.00 0.59 ? 31  LYS A NZ    1 
ATOM   241  N N     . SER A 1 32  ? -4.551  9.974   -8.963  1.00 0.19 ? 32  SER A N     1 
ATOM   242  C CA    . SER A 1 32  ? -4.651  9.235   -10.189 1.00 0.14 ? 32  SER A CA    1 
ATOM   243  C C     . SER A 1 32  ? -5.167  7.820   -10.003 1.00 0.15 ? 32  SER A C     1 
ATOM   244  O O     . SER A 1 32  ? -5.764  7.200   -10.903 1.00 0.23 ? 32  SER A O     1 
ATOM   245  C CB    . SER A 1 32  ? -3.446  9.335   -11.072 1.00 0.28 ? 32  SER A CB    1 
ATOM   246  O OG    . SER A 1 32  ? -2.345  8.612   -10.608 1.00 0.38 ? 32  SER A OG    1 
ATOM   247  N N     . ARG A 1 33  ? -4.932  7.227   -8.864  1.00 0.14 ? 33  ARG A N     1 
ATOM   248  C CA    . ARG A 1 33  ? -5.417  5.895   -8.477  1.00 0.17 ? 33  ARG A CA    1 
ATOM   249  C C     . ARG A 1 33  ? -6.854  5.959   -7.948  1.00 0.24 ? 33  ARG A C     1 
ATOM   250  O O     . ARG A 1 33  ? -7.331  4.899   -7.488  1.00 0.20 ? 33  ARG A O     1 
ATOM   251  C CB    . ARG A 1 33  ? -4.502  5.177   -7.552  1.00 0.17 ? 33  ARG A CB    1 
ATOM   252  C CG    . ARG A 1 33  ? -3.125  4.820   -8.105  1.00 0.14 ? 33  ARG A CG    1 
ATOM   253  C CD    . ARG A 1 33  ? -3.251  3.931   -9.315  1.00 0.11 ? 33  ARG A CD    1 
ATOM   254  N NE    . ARG A 1 33  ? -1.935  3.540   -9.858  1.00 0.18 ? 33  ARG A NE    1 
ATOM   255  C CZ    . ARG A 1 33  ? -1.103  2.612   -9.405  1.00 0.21 ? 33  ARG A CZ    1 
ATOM   256  N NH1   . ARG A 1 33  ? -1.389  1.913   -8.307  1.00 0.16 ? 33  ARG A NH1   1 
ATOM   257  N NH2   . ARG A 1 33  ? 0.093   2.252   -9.944  1.00 0.24 ? 33  ARG A NH2   1 
ATOM   258  N N     . ASN A 1 34  ? -7.452  7.127   -7.791  1.00 0.18 ? 34  ASN A N     1 
ATOM   259  C CA    . ASN A 1 34  ? -8.854  7.414   -7.470  1.00 0.24 ? 34  ASN A CA    1 
ATOM   260  C C     . ASN A 1 34  ? -9.076  7.129   -5.963  1.00 0.23 ? 34  ASN A C     1 
ATOM   261  O O     . ASN A 1 34  ? -10.163 6.695   -5.646  1.00 0.31 ? 34  ASN A O     1 
ATOM   262  C CB    . ASN A 1 34  ? -9.803  6.445   -8.238  1.00 0.24 ? 34  ASN A CB    1 
ATOM   263  C CG    . ASN A 1 34  ? -10.315 7.199   -9.453  1.00 0.46 ? 34  ASN A CG    1 
ATOM   264  O OD1   . ASN A 1 34  ? -10.959 8.331   -9.228  1.00 0.60 ? 34  ASN A OD1   1 
ATOM   265  N ND2   . ASN A 1 34  ? -9.977  6.655   -10.610 1.00 0.51 ? 34  ASN A ND2   1 
ATOM   266  N N     . LEU A 1 35  ? -8.056  7.179   -5.146  1.00 0.14 ? 35  LEU A N     1 
ATOM   267  C CA    . LEU A 1 35  ? -8.124  7.003   -3.670  1.00 0.15 ? 35  LEU A CA    1 
ATOM   268  C C     . LEU A 1 35  ? -8.811  8.213   -3.016  1.00 0.19 ? 35  LEU A C     1 
ATOM   269  O O     . LEU A 1 35  ? -8.991  8.264   -1.805  1.00 0.26 ? 35  LEU A O     1 
ATOM   270  C CB    . LEU A 1 35  ? -6.750  6.766   -3.093  1.00 0.14 ? 35  LEU A CB    1 
ATOM   271  C CG    . LEU A 1 35  ? -5.973  5.549   -3.706  1.00 0.17 ? 35  LEU A CG    1 
ATOM   272  C CD1   . LEU A 1 35  ? -5.076  5.020   -2.613  1.00 0.22 ? 35  LEU A CD1   1 
ATOM   273  C CD2   . LEU A 1 35  ? -6.841  4.459   -4.249  1.00 0.33 ? 35  LEU A CD2   1 
ATOM   274  N N     . THR A 1 36  ? -9.024  9.356   -3.666  1.00 0.19 ? 36  THR A N     1 
ATOM   275  C CA    . THR A 1 36  ? -9.552  10.604  -3.050  1.00 0.18 ? 36  THR A CA    1 
ATOM   276  C C     . THR A 1 36  ? -10.878 10.951  -3.778  1.00 0.23 ? 36  THR A C     1 
ATOM   277  O O     . THR A 1 36  ? -11.395 12.040  -3.633  1.00 0.30 ? 36  THR A O     1 
ATOM   278  C CB    . THR A 1 36  ? -8.586  11.753  -3.263  1.00 0.17 ? 36  THR A CB    1 
ATOM   279  O OG1   . THR A 1 36  ? -8.520  12.060  -4.669  1.00 0.19 ? 36  THR A OG1   1 
ATOM   280  C CG2   . THR A 1 36  ? -7.246  11.465  -2.708  1.00 0.25 ? 36  THR A CG2   1 
ATOM   281  N N     . LYS A 1 37  ? -11.452 9.940   -4.415  1.00 0.30 ? 37  LYS A N     1 
ATOM   282  C CA    . LYS A 1 37  ? -12.762 9.940   -5.042  1.00 0.43 ? 37  LYS A CA    1 
ATOM   283  C C     . LYS A 1 37  ? -13.844 10.415  -4.070  1.00 0.25 ? 37  LYS A C     1 
ATOM   284  O O     . LYS A 1 37  ? -14.520 11.419  -4.343  1.00 0.32 ? 37  LYS A O     1 
ATOM   285  C CB    . LYS A 1 37  ? -13.124 8.583   -5.612  1.00 0.46 ? 37  LYS A CB    1 
ATOM   286  C CG    . LYS A 1 37  ? -13.439 8.670   -7.091  1.00 0.78 ? 37  LYS A CG    1 
ATOM   287  C CD    . LYS A 1 37  ? -14.908 8.379   -7.364  1.00 0.74 ? 37  LYS A CD    1 
ATOM   288  C CE    . LYS A 1 37  ? -15.348 7.030   -6.805  1.00 0.53 ? 37  LYS A CE    1 
ATOM   289  N NZ    . LYS A 1 37  ? -16.725 6.758   -7.304  1.00 0.53 ? 37  LYS A NZ    1 
ATOM   290  N N     . ASP A 1 38  ? -14.000 9.823   -2.914  1.00 0.26 ? 38  ASP A N     1 
ATOM   291  C CA    . ASP A 1 38  ? -15.178 10.256  -2.116  1.00 0.21 ? 38  ASP A CA    1 
ATOM   292  C C     . ASP A 1 38  ? -14.762 11.057  -0.919  1.00 0.16 ? 38  ASP A C     1 
ATOM   293  O O     . ASP A 1 38  ? -15.512 11.789  -0.280  1.00 0.19 ? 38  ASP A O     1 
ATOM   294  C CB    . ASP A 1 38  ? -15.902 8.986   -1.657  1.00 0.29 ? 38  ASP A CB    1 
ATOM   295  C CG    . ASP A 1 38  ? -16.579 8.291   -2.851  1.00 0.65 ? 38  ASP A CG    1 
ATOM   296  O OD1   . ASP A 1 38  ? -17.167 8.908   -3.765  1.00 0.56 ? 38  ASP A OD1   1 
ATOM   297  O OD2   . ASP A 1 38  ? -16.499 7.056   -2.840  1.00 0.78 ? 38  ASP A OD2   1 
ATOM   298  N N     . ARG A 1 39  ? -13.515 10.929  -0.521  1.00 0.14 ? 39  ARG A N     1 
ATOM   299  C CA    . ARG A 1 39  ? -12.940 11.733  0.554   1.00 0.15 ? 39  ARG A CA    1 
ATOM   300  C C     . ARG A 1 39  ? -11.400 11.443  0.598   1.00 0.12 ? 39  ARG A C     1 
ATOM   301  O O     . ARG A 1 39  ? -10.944 10.650  -0.217  1.00 0.21 ? 39  ARG A O     1 
ATOM   302  C CB    . ARG A 1 39  ? -13.463 11.091  1.909   1.00 0.26 ? 39  ARG A CB    1 
ATOM   303  C CG    . ARG A 1 39  ? -13.401 9.573   1.775   1.00 0.31 ? 39  ARG A CG    1 
ATOM   304  C CD    . ARG A 1 39  ? -12.847 8.926   3.017   1.00 0.57 ? 39  ARG A CD    1 
ATOM   305  N NE    . ARG A 1 39  ? -12.957 7.437   2.895   1.00 0.74 ? 39  ARG A NE    1 
ATOM   306  C CZ    . ARG A 1 39  ? -12.150 6.826   3.811   1.00 0.73 ? 39  ARG A CZ    1 
ATOM   307  N NH1   . ARG A 1 39  ? -11.442 7.629   4.621   1.00 0.60 ? 39  ARG A NH1   1 
ATOM   308  N NH2   . ARG A 1 39  ? -12.048 5.515   3.917   1.00 0.72 ? 39  ARG A NH2   1 
ATOM   309  N N     . CYS A 1 40  ? -10.717 12.197  1.404   1.00 0.12 ? 40  CYS A N     1 
ATOM   310  C CA    . CYS A 1 40  ? -9.246  12.033  1.449   1.00 0.16 ? 40  CYS A CA    1 
ATOM   311  C C     . CYS A 1 40  ? -8.935  10.796  2.277   1.00 0.20 ? 40  CYS A C     1 
ATOM   312  O O     . CYS A 1 40  ? -9.008  10.827  3.513   1.00 0.23 ? 40  CYS A O     1 
ATOM   313  C CB    . CYS A 1 40  ? -8.601  13.293  2.088   1.00 0.14 ? 40  CYS A CB    1 
ATOM   314  S SG    . CYS A 1 40  ? -9.080  14.804  1.217   1.00 0.17 ? 40  CYS A SG    1 
ATOM   315  N N     . LYS A 1 41  ? -8.527  9.695   1.616   1.00 0.17 ? 41  LYS A N     1 
ATOM   316  C CA    . LYS A 1 41  ? -7.990  8.549   2.396   1.00 0.14 ? 41  LYS A CA    1 
ATOM   317  C C     . LYS A 1 41  ? -6.798  9.007   3.196   1.00 0.29 ? 41  LYS A C     1 
ATOM   318  O O     . LYS A 1 41  ? -5.901  9.624   2.644   1.00 0.27 ? 41  LYS A O     1 
ATOM   319  C CB    . LYS A 1 41  ? -7.580  7.438   1.420   1.00 0.22 ? 41  LYS A CB    1 
ATOM   320  C CG    . LYS A 1 41  ? -7.304  6.129   2.096   1.00 0.30 ? 41  LYS A CG    1 
ATOM   321  C CD    . LYS A 1 41  ? -6.933  4.922   1.257   1.00 0.21 ? 41  LYS A CD    1 
ATOM   322  C CE    . LYS A 1 41  ? -6.148  3.952   2.147   1.00 0.28 ? 41  LYS A CE    1 
ATOM   323  N NZ    . LYS A 1 41  ? -5.897  2.730   1.383   1.00 0.30 ? 41  LYS A NZ    1 
ATOM   324  N N     . PRO A 1 42  ? -6.610  8.805   4.495   1.00 0.24 ? 42  PRO A N     1 
ATOM   325  C CA    . PRO A 1 42  ? -5.633  9.609   5.204   1.00 0.19 ? 42  PRO A CA    1 
ATOM   326  C C     . PRO A 1 42  ? -4.249  8.975   5.228   1.00 0.18 ? 42  PRO A C     1 
ATOM   327  O O     . PRO A 1 42  ? -3.308  9.728   5.587   1.00 0.18 ? 42  PRO A O     1 
ATOM   328  C CB    . PRO A 1 42  ? -6.217  9.576   6.615   1.00 0.32 ? 42  PRO A CB    1 
ATOM   329  C CG    . PRO A 1 42  ? -7.200  8.447   6.654   1.00 0.28 ? 42  PRO A CG    1 
ATOM   330  C CD    . PRO A 1 42  ? -7.764  8.377   5.283   1.00 0.27 ? 42  PRO A CD    1 
ATOM   331  N N     . VAL A 1 43  ? -4.234  7.658   5.025   1.00 0.23 ? 43  VAL A N     1 
ATOM   332  C CA    . VAL A 1 43  ? -2.937  6.904   4.954   1.00 0.12 ? 43  VAL A CA    1 
ATOM   333  C C     . VAL A 1 43  ? -2.965  5.934   3.856   1.00 0.17 ? 43  VAL A C     1 
ATOM   334  O O     . VAL A 1 43  ? -3.884  5.123   3.797   1.00 0.19 ? 43  VAL A O     1 
ATOM   335  C CB    . VAL A 1 43  ? -2.710  6.166   6.279   1.00 0.13 ? 43  VAL A CB    1 
ATOM   336  C CG1   . VAL A 1 43  ? -1.390  5.475   6.167   1.00 0.19 ? 43  VAL A CG1   1 
ATOM   337  C CG2   . VAL A 1 43  ? -2.867  7.036   7.512   1.00 0.27 ? 43  VAL A CG2   1 
ATOM   338  N N     . ASN A 1 44  ? -1.883  5.899   3.120   1.00 0.20 ? 44  ASN A N     1 
ATOM   339  C CA    . ASN A 1 44  ? -1.855  4.896   2.028   1.00 0.09 ? 44  ASN A CA    1 
ATOM   340  C C     . ASN A 1 44  ? -0.369  4.588   1.686   1.00 0.17 ? 44  ASN A C     1 
ATOM   341  O O     . ASN A 1 44  ? 0.395   5.583   1.597   1.00 0.21 ? 44  ASN A O     1 
ATOM   342  C CB    . ASN A 1 44  ? -2.565  5.417   0.795   1.00 0.11 ? 44  ASN A CB    1 
ATOM   343  C CG    . ASN A 1 44  ? -2.739  4.256   -0.166  1.00 0.20 ? 44  ASN A CG    1 
ATOM   344  O OD1   . ASN A 1 44  ? -3.448  3.142   0.090   1.00 0.20 ? 44  ASN A OD1   1 
ATOM   345  N ND2   . ASN A 1 44  ? -2.127  4.198   -1.312  1.00 0.19 ? 44  ASN A ND2   1 
ATOM   346  N N     . THR A 1 45  ? 0.038   3.355   1.637   1.00 0.16 ? 45  THR A N     1 
ATOM   347  C CA    . THR A 1 45  ? 1.394   2.893   1.258   1.00 0.17 ? 45  THR A CA    1 
ATOM   348  C C     . THR A 1 45  ? 1.418   2.366   -0.164  1.00 0.24 ? 45  THR A C     1 
ATOM   349  O O     . THR A 1 45  ? 0.594   1.570   -0.581  1.00 0.16 ? 45  THR A O     1 
ATOM   350  C CB    . THR A 1 45  ? 1.906   1.875   2.223   1.00 0.16 ? 45  THR A CB    1 
ATOM   351  O OG1   . THR A 1 45  ? 1.794   2.417   3.543   1.00 0.16 ? 45  THR A OG1   1 
ATOM   352  C CG2   . THR A 1 45  ? 3.349   1.515   2.011   1.00 0.16 ? 45  THR A CG2   1 
ATOM   353  N N     . PHE A 1 46  ? 2.354   2.841   -0.985  1.00 0.13 ? 46  PHE A N     1 
ATOM   354  C CA    . PHE A 1 46  ? 2.659   2.294   -2.308  1.00 0.08 ? 46  PHE A CA    1 
ATOM   355  C C     . PHE A 1 46  ? 3.928   1.446   -2.250  1.00 0.10 ? 46  PHE A C     1 
ATOM   356  O O     . PHE A 1 46  ? 4.817   1.822   -1.462  1.00 0.17 ? 46  PHE A O     1 
ATOM   357  C CB    . PHE A 1 46  ? 2.916   3.510   -3.317  1.00 0.05 ? 46  PHE A CB    1 
ATOM   358  C CG    . PHE A 1 46  ? 1.590   4.204   -3.676  1.00 0.05 ? 46  PHE A CG    1 
ATOM   359  C CD1   . PHE A 1 46  ? 0.727   3.655   -4.604  1.00 0.14 ? 46  PHE A CD1   1 
ATOM   360  C CD2   . PHE A 1 46  ? 1.250   5.368   -2.958  1.00 0.10 ? 46  PHE A CD2   1 
ATOM   361  C CE1   . PHE A 1 46  ? -0.513  4.213   -4.947  1.00 0.14 ? 46  PHE A CE1   1 
ATOM   362  C CE2   . PHE A 1 46  ? 0.030   5.941   -3.324  1.00 0.15 ? 46  PHE A CE2   1 
ATOM   363  C CZ    . PHE A 1 46  ? -0.842  5.414   -4.264  1.00 0.17 ? 46  PHE A CZ    1 
ATOM   364  N N     . VAL A 1 47  ? 3.869   0.357   -2.971  1.00 0.11 ? 47  VAL A N     1 
ATOM   365  C CA    . VAL A 1 47  ? 5.013   -0.562  -2.921  1.00 0.12 ? 47  VAL A CA    1 
ATOM   366  C C     . VAL A 1 47  ? 5.625   -0.631  -4.349  1.00 0.06 ? 47  VAL A C     1 
ATOM   367  O O     . VAL A 1 47  ? 4.946   -0.750  -5.295  1.00 0.15 ? 47  VAL A O     1 
ATOM   368  C CB    . VAL A 1 47  ? 4.548   -1.985  -2.533  1.00 0.17 ? 47  VAL A CB    1 
ATOM   369  C CG1   . VAL A 1 47  ? 5.749   -2.943  -2.421  1.00 0.15 ? 47  VAL A CG1   1 
ATOM   370  C CG2   . VAL A 1 47  ? 3.837   -2.035  -1.120  1.00 0.13 ? 47  VAL A CG2   1 
ATOM   371  N N     . HIS A 1 48  ? 7.001   -0.455  -4.266  1.00 0.15 ? 48  HIS A N     1 
ATOM   372  C CA    . HIS A 1 48  ? 7.773   -0.207  -5.553  1.00 0.15 ? 48  HIS A CA    1 
ATOM   373  C C     . HIS A 1 48  ? 8.554   -1.459  -5.907  1.00 0.22 ? 48  HIS A C     1 
ATOM   374  O O     . HIS A 1 48  ? 9.768   -1.625  -5.794  1.00 0.23 ? 48  HIS A O     1 
ATOM   375  C CB    . HIS A 1 48  ? 8.736   0.970   -5.313  1.00 0.18 ? 48  HIS A CB    1 
ATOM   376  C CG    . HIS A 1 48  ? 7.951   2.286   -5.181  1.00 0.11 ? 48  HIS A CG    1 
ATOM   377  N ND1   . HIS A 1 48  ? 7.243   2.968   -6.075  1.00 0.19 ? 48  HIS A ND1   1 
ATOM   378  C CD2   . HIS A 1 48  ? 7.949   2.982   -3.955  1.00 0.12 ? 48  HIS A CD2   1 
ATOM   379  C CE1   . HIS A 1 48  ? 6.727   4.081   -5.408  1.00 0.19 ? 48  HIS A CE1   1 
ATOM   380  N NE2   . HIS A 1 48  ? 7.209   4.101   -4.159  1.00 0.14 ? 48  HIS A NE2   1 
ATOM   381  N N     . GLU A 1 49  ? 7.827   -2.546  -5.991  1.00 0.20 ? 49  GLU A N     1 
ATOM   382  C CA    . GLU A 1 49  ? 8.267   -3.860  -6.228  1.00 0.13 ? 49  GLU A CA    1 
ATOM   383  C C     . GLU A 1 49  ? 7.413   -4.559  -7.260  1.00 0.14 ? 49  GLU A C     1 
ATOM   384  O O     . GLU A 1 49  ? 6.311   -4.174  -7.560  1.00 0.15 ? 49  GLU A O     1 
ATOM   385  C CB    . GLU A 1 49  ? 8.374   -4.725  -4.973  1.00 0.22 ? 49  GLU A CB    1 
ATOM   386  C CG    . GLU A 1 49  ? 9.097   -4.082  -3.822  1.00 0.23 ? 49  GLU A CG    1 
ATOM   387  C CD    . GLU A 1 49  ? 10.602  -4.173  -3.889  1.00 0.25 ? 49  GLU A CD    1 
ATOM   388  O OE1   . GLU A 1 49  ? 11.264  -4.858  -4.675  1.00 0.40 ? 49  GLU A OE1   1 
ATOM   389  O OE2   . GLU A 1 49  ? 11.340  -3.430  -3.184  1.00 0.24 ? 49  GLU A OE2   1 
ATOM   390  N N     . SER A 1 50  ? 7.992   -5.607  -7.819  1.00 0.18 ? 50  SER A N     1 
ATOM   391  C CA    . SER A 1 50  ? 7.212   -6.421  -8.786  1.00 0.30 ? 50  SER A CA    1 
ATOM   392  C C     . SER A 1 50  ? 6.018   -7.073  -8.082  1.00 0.22 ? 50  SER A C     1 
ATOM   393  O O     . SER A 1 50  ? 6.063   -7.384  -6.925  1.00 0.18 ? 50  SER A O     1 
ATOM   394  C CB    . SER A 1 50  ? 8.070   -7.477  -9.469  1.00 0.16 ? 50  SER A CB    1 
ATOM   395  O OG    . SER A 1 50  ? 8.268   -8.647  -8.737  1.00 0.25 ? 50  SER A OG    1 
ATOM   396  N N     . LEU A 1 51  ? 4.895   -7.125  -8.704  1.00 0.17 ? 51  LEU A N     1 
ATOM   397  C CA    . LEU A 1 51  ? 3.713   -7.837  -8.282  1.00 0.33 ? 51  LEU A CA    1 
ATOM   398  C C     . LEU A 1 51  ? 4.005   -9.270  -7.880  1.00 0.25 ? 51  LEU A C     1 
ATOM   399  O O     . LEU A 1 51  ? 3.538   -9.570  -6.771  1.00 0.21 ? 51  LEU A O     1 
ATOM   400  C CB    . LEU A 1 51  ? 2.580   -7.736  -9.260  1.00 0.38 ? 51  LEU A CB    1 
ATOM   401  C CG    . LEU A 1 51  ? 1.206   -8.093  -8.760  1.00 0.38 ? 51  LEU A CG    1 
ATOM   402  C CD1   . LEU A 1 51  ? 0.639   -7.346  -7.564  1.00 0.25 ? 51  LEU A CD1   1 
ATOM   403  C CD2   . LEU A 1 51  ? 0.322   -8.186  -9.981  1.00 0.24 ? 51  LEU A CD2   1 
ATOM   404  N N     . ALA A 1 52  ? 4.686   -10.069 -8.680  1.00 0.16 ? 52  ALA A N     1 
ATOM   405  C CA    . ALA A 1 52  ? 5.048   -11.397 -8.167  1.00 0.22 ? 52  ALA A CA    1 
ATOM   406  C C     . ALA A 1 52  ? 5.667   -11.368 -6.807  1.00 0.24 ? 52  ALA A C     1 
ATOM   407  O O     . ALA A 1 52  ? 5.496   -12.286 -5.999  1.00 0.18 ? 52  ALA A O     1 
ATOM   408  C CB    . ALA A 1 52  ? 6.022   -12.051 -9.175  1.00 0.32 ? 52  ALA A CB    1 
ATOM   409  N N     . ASP A 1 53  ? 6.621   -10.493 -6.445  1.00 0.13 ? 53  ASP A N     1 
ATOM   410  C CA    . ASP A 1 53  ? 7.354   -10.500 -5.209  1.00 0.16 ? 53  ASP A CA    1 
ATOM   411  C C     . ASP A 1 53  ? 6.386   -10.041 -4.044  1.00 0.12 ? 53  ASP A C     1 
ATOM   412  O O     . ASP A 1 53  ? 6.713   -10.543 -2.932  1.00 0.18 ? 53  ASP A O     1 
ATOM   413  C CB    . ASP A 1 53  ? 8.427   -9.332  -5.240  1.00 0.20 ? 53  ASP A CB    1 
ATOM   414  C CG    . ASP A 1 53  ? 9.745   -9.759  -5.890  1.00 0.31 ? 53  ASP A CG    1 
ATOM   415  O OD1   . ASP A 1 53  ? 9.790   -10.929 -6.272  1.00 0.37 ? 53  ASP A OD1   1 
ATOM   416  O OD2   . ASP A 1 53  ? 10.740  -9.012  -6.039  1.00 0.36 ? 53  ASP A OD2   1 
ATOM   417  N N     . VAL A 1 54  ? 5.438   -9.208  -4.394  1.00 0.14 ? 54  VAL A N     1 
ATOM   418  C CA    . VAL A 1 54  ? 4.474   -8.846  -3.295  1.00 0.14 ? 54  VAL A CA    1 
ATOM   419  C C     . VAL A 1 54  ? 3.424   -9.966  -3.192  1.00 0.12 ? 54  VAL A C     1 
ATOM   420  O O     . VAL A 1 54  ? 3.216   -10.245 -1.962  1.00 0.19 ? 54  VAL A O     1 
ATOM   421  C CB    . VAL A 1 54  ? 3.849   -7.524  -3.551  1.00 0.22 ? 54  VAL A CB    1 
ATOM   422  C CG1   . VAL A 1 54  ? 2.681   -7.275  -2.615  1.00 0.21 ? 54  VAL A CG1   1 
ATOM   423  C CG2   . VAL A 1 54  ? 4.833   -6.309  -3.687  1.00 0.19 ? 54  VAL A CG2   1 
ATOM   424  N N     . GLN A 1 55  ? 2.982   -10.585 -4.241  1.00 0.11 ? 55  GLN A N     1 
ATOM   425  C CA    . GLN A 1 55  ? 2.197   -11.863 -4.073  1.00 0.13 ? 55  GLN A CA    1 
ATOM   426  C C     . GLN A 1 55  ? 2.908   -12.890 -3.314  1.00 0.19 ? 55  GLN A C     1 
ATOM   427  O O     . GLN A 1 55  ? 2.216   -13.525 -2.524  1.00 0.29 ? 55  GLN A O     1 
ATOM   428  C CB    . GLN A 1 55  ? 1.650   -12.325 -5.382  1.00 0.14 ? 55  GLN A CB    1 
ATOM   429  C CG    . GLN A 1 55  ? 0.636   -11.357 -6.011  1.00 0.18 ? 55  GLN A CG    1 
ATOM   430  C CD    . GLN A 1 55  ? 0.535   -11.774 -7.510  1.00 0.15 ? 55  GLN A CD    1 
ATOM   431  O OE1   . GLN A 1 55  ? 1.451   -12.501 -8.142  1.00 0.29 ? 55  GLN A OE1   1 
ATOM   432  N NE2   . GLN A 1 55  ? -0.504  -11.339 -8.134  1.00 0.20 ? 55  GLN A NE2   1 
ATOM   433  N N     . ALA A 1 56  ? 4.228   -13.139 -3.374  1.00 0.23 ? 56  ALA A N     1 
ATOM   434  C CA    . ALA A 1 56  ? 4.974   -14.150 -2.670  1.00 0.22 ? 56  ALA A CA    1 
ATOM   435  C C     . ALA A 1 56  ? 4.833   -13.955 -1.150  1.00 0.19 ? 56  ALA A C     1 
ATOM   436  O O     . ALA A 1 56  ? 5.097   -14.910 -0.438  1.00 0.14 ? 56  ALA A O     1 
ATOM   437  C CB    . ALA A 1 56  ? 6.415   -14.178 -3.046  1.00 0.17 ? 56  ALA A CB    1 
ATOM   438  N N     . VAL A 1 57  ? 4.508   -12.760 -0.693  1.00 0.17 ? 57  VAL A N     1 
ATOM   439  C CA    . VAL A 1 57  ? 4.543   -12.493 0.762   1.00 0.16 ? 57  VAL A CA    1 
ATOM   440  C C     . VAL A 1 57  ? 3.541   -13.425 1.460   1.00 0.17 ? 57  VAL A C     1 
ATOM   441  O O     . VAL A 1 57  ? 3.826   -13.771 2.597   1.00 0.18 ? 57  VAL A O     1 
ATOM   442  C CB    . VAL A 1 57  ? 4.450   -11.075 1.117   1.00 0.13 ? 57  VAL A CB    1 
ATOM   443  C CG1   . VAL A 1 57  ? 4.299   -10.771 2.657   1.00 0.20 ? 57  VAL A CG1   1 
ATOM   444  C CG2   . VAL A 1 57  ? 5.572   -10.130 0.713   1.00 0.15 ? 57  VAL A CG2   1 
ATOM   445  N N     . CYS A 1 58  ? 2.463   -13.777 0.723   1.00 0.20 ? 58  CYS A N     1 
ATOM   446  C CA    . CYS A 1 58  ? 1.430   -14.671 1.195   1.00 0.23 ? 58  CYS A CA    1 
ATOM   447  C C     . CYS A 1 58  ? 1.893   -16.026 1.622   1.00 0.30 ? 58  CYS A C     1 
ATOM   448  O O     . CYS A 1 58  ? 1.169   -16.831 2.174   1.00 0.23 ? 58  CYS A O     1 
ATOM   449  C CB    . CYS A 1 58  ? 0.196   -14.768 0.326   1.00 0.14 ? 58  CYS A CB    1 
ATOM   450  S SG    . CYS A 1 58  ? -0.558  -13.214 0.044   1.00 0.18 ? 58  CYS A SG    1 
ATOM   451  N N     . SER A 1 59  ? 3.101   -16.385 1.265   1.00 0.21 ? 59  SER A N     1 
ATOM   452  C CA    . SER A 1 59  ? 3.771   -17.617 1.661   1.00 0.27 ? 59  SER A CA    1 
ATOM   453  C C     . SER A 1 59  ? 5.015   -17.353 2.452   1.00 0.36 ? 59  SER A C     1 
ATOM   454  O O     . SER A 1 59  ? 5.931   -18.192 2.584   1.00 0.27 ? 59  SER A O     1 
ATOM   455  C CB    . SER A 1 59  ? 3.977   -18.526 0.468   1.00 0.25 ? 59  SER A CB    1 
ATOM   456  O OG    . SER A 1 59  ? 5.036   -18.152 -0.378  1.00 0.39 ? 59  SER A OG    1 
ATOM   457  N N     . GLN A 1 60  ? 5.148   -16.157 3.045   1.00 0.27 ? 60  GLN A N     1 
ATOM   458  C CA    . GLN A 1 60  ? 6.279   -15.902 3.946   1.00 0.16 ? 60  GLN A CA    1 
ATOM   459  C C     . GLN A 1 60  ? 5.886   -15.994 5.394   1.00 0.20 ? 60  GLN A C     1 
ATOM   460  O O     . GLN A 1 60  ? 5.337   -17.045 5.828   1.00 0.22 ? 60  GLN A O     1 
ATOM   461  C CB    . GLN A 1 60  ? 6.968   -14.577 3.604   1.00 0.14 ? 60  GLN A CB    1 
ATOM   462  C CG    . GLN A 1 60  ? 7.636   -15.000 2.257   1.00 0.20 ? 60  GLN A CG    1 
ATOM   463  C CD    . GLN A 1 60  ? 8.109   -13.734 1.561   1.00 0.10 ? 60  GLN A CD    1 
ATOM   464  O OE1   . GLN A 1 60  ? 8.341   -12.635 2.172   1.00 0.17 ? 60  GLN A OE1   1 
ATOM   465  N NE2   . GLN A 1 60  ? 8.197   -13.764 0.213   1.00 0.26 ? 60  GLN A NE2   1 
ATOM   466  N N     . LYS A 1 61  ? 6.247   -15.159 6.267   1.00 0.18 ? 61  LYS A N     1 
ATOM   467  C CA    . LYS A 1 61  ? 6.170   -15.288 7.755   1.00 0.24 ? 61  LYS A CA    1 
ATOM   468  C C     . LYS A 1 61  ? 4.734   -14.936 8.187   1.00 0.28 ? 61  LYS A C     1 
ATOM   469  O O     . LYS A 1 61  ? 4.289   -13.787 8.053   1.00 0.24 ? 61  LYS A O     1 
ATOM   470  C CB    . LYS A 1 61  ? 7.105   -14.229 8.365   1.00 0.28 ? 61  LYS A CB    1 
ATOM   471  C CG    . LYS A 1 61  ? 7.120   -14.311 9.862   1.00 0.32 ? 61  LYS A CG    1 
ATOM   472  C CD    . LYS A 1 61  ? 7.707   -15.653 10.287  1.00 0.72 ? 61  LYS A CD    1 
ATOM   473  C CE    . LYS A 1 61  ? 7.628   -15.678 11.835  1.00 0.69 ? 61  LYS A CE    1 
ATOM   474  N NZ    . LYS A 1 61  ? 7.941   -14.268 12.226  1.00 0.45 ? 61  LYS A NZ    1 
ATOM   475  N N     . ASN A 1 62  ? 3.998   -15.925 8.703   1.00 0.19 ? 62  ASN A N     1 
ATOM   476  C CA    . ASN A 1 62  ? 2.566   -15.696 9.090   1.00 0.27 ? 62  ASN A CA    1 
ATOM   477  C C     . ASN A 1 62  ? 2.548   -15.002 10.455  1.00 0.22 ? 62  ASN A C     1 
ATOM   478  O O     . ASN A 1 62  ? 3.356   -15.315 11.354  1.00 0.33 ? 62  ASN A O     1 
ATOM   479  C CB    . ASN A 1 62  ? 1.851   -17.055 9.219   1.00 0.33 ? 62  ASN A CB    1 
ATOM   480  C CG    . ASN A 1 62  ? 0.366   -17.030 9.543   1.00 0.32 ? 62  ASN A CG    1 
ATOM   481  O OD1   . ASN A 1 62  ? -0.129  -18.082 10.182  1.00 0.45 ? 62  ASN A OD1   1 
ATOM   482  N ND2   . ASN A 1 62  ? -0.460  -16.066 9.214   1.00 0.19 ? 62  ASN A ND2   1 
ATOM   483  N N     . VAL A 1 63  ? 1.854   -13.909 10.566  1.00 0.18 ? 63  VAL A N     1 
ATOM   484  C CA    . VAL A 1 63  ? 1.826   -13.054 11.769  1.00 0.17 ? 63  VAL A CA    1 
ATOM   485  C C     . VAL A 1 63  ? 0.360   -12.562 11.956  1.00 0.18 ? 63  VAL A C     1 
ATOM   486  O O     . VAL A 1 63  ? -0.487  -12.554 11.053  1.00 0.19 ? 63  VAL A O     1 
ATOM   487  C CB    . VAL A 1 63  ? 2.737   -11.827 11.527  1.00 0.22 ? 63  VAL A CB    1 
ATOM   488  C CG1   . VAL A 1 63  ? 4.231   -12.164 11.610  1.00 0.20 ? 63  VAL A CG1   1 
ATOM   489  C CG2   . VAL A 1 63  ? 2.397   -10.754 10.532  1.00 0.25 ? 63  VAL A CG2   1 
ATOM   490  N N     . ALA A 1 64  ? 0.084   -12.306 13.257  1.00 0.18 ? 64  ALA A N     1 
ATOM   491  C CA    . ALA A 1 64  ? -1.208  -11.605 13.488  1.00 0.13 ? 64  ALA A CA    1 
ATOM   492  C C     . ALA A 1 64  ? -1.277  -10.286 12.789  1.00 0.16 ? 64  ALA A C     1 
ATOM   493  O O     . ALA A 1 64  ? -0.409  -9.404  13.005  1.00 0.19 ? 64  ALA A O     1 
ATOM   494  C CB    . ALA A 1 64  ? -1.463  -11.467 14.994  1.00 0.14 ? 64  ALA A CB    1 
ATOM   495  N N     . CYS A 1 65  ? -2.365  -9.890  12.178  1.00 0.14 ? 65  CYS A N     1 
ATOM   496  C CA    . CYS A 1 65  ? -2.754  -8.537  11.785  1.00 0.15 ? 65  CYS A CA    1 
ATOM   497  C C     . CYS A 1 65  ? -2.935  -7.615  12.982  1.00 0.22 ? 65  CYS A C     1 
ATOM   498  O O     . CYS A 1 65  ? -3.070  -8.051  14.121  1.00 0.15 ? 65  CYS A O     1 
ATOM   499  C CB    . CYS A 1 65  ? -4.052  -8.544  10.984  1.00 0.11 ? 65  CYS A CB    1 
ATOM   500  S SG    . CYS A 1 65  ? -3.977  -9.726  9.664   1.00 0.23 ? 65  CYS A SG    1 
ATOM   501  N N     . LYS A 1 66  ? -2.763  -6.313  12.769  1.00 0.14 ? 66  LYS A N     1 
ATOM   502  C CA    . LYS A 1 66  ? -2.965  -5.309  13.821  1.00 0.28 ? 66  LYS A CA    1 
ATOM   503  C C     . LYS A 1 66  ? -4.283  -5.574  14.551  1.00 0.29 ? 66  LYS A C     1 
ATOM   504  O O     . LYS A 1 66  ? -4.329  -5.383  15.768  1.00 0.24 ? 66  LYS A O     1 
ATOM   505  C CB    . LYS A 1 66  ? -3.033  -3.898  13.216  1.00 0.23 ? 66  LYS A CB    1 
ATOM   506  C CG    . LYS A 1 66  ? -1.668  -3.289  13.461  1.00 0.35 ? 66  LYS A CG    1 
ATOM   507  C CD    . LYS A 1 66  ? -1.739  -1.868  12.883  1.00 0.77 ? 66  LYS A CD    1 
ATOM   508  C CE    . LYS A 1 66  ? -0.344  -1.303  12.621  1.00 0.54 ? 66  LYS A CE    1 
ATOM   509  N NZ    . LYS A 1 66  ? -0.272  -0.380  11.441  1.00 0.71 ? 66  LYS A NZ    1 
ATOM   510  N N     . ASN A 1 67  ? -5.329  -6.009  13.852  1.00 0.20 ? 67  ASN A N     1 
ATOM   511  C CA    . ASN A 1 67  ? -6.675  -6.198  14.439  1.00 0.37 ? 67  ASN A CA    1 
ATOM   512  C C     . ASN A 1 67  ? -6.825  -7.616  14.991  1.00 0.40 ? 67  ASN A C     1 
ATOM   513  O O     . ASN A 1 67  ? -7.955  -7.923  15.338  1.00 0.24 ? 67  ASN A O     1 
ATOM   514  C CB    . ASN A 1 67  ? -7.757  -5.857  13.423  1.00 0.20 ? 67  ASN A CB    1 
ATOM   515  C CG    . ASN A 1 67  ? -8.066  -6.990  12.455  1.00 0.26 ? 67  ASN A CG    1 
ATOM   516  O OD1   . ASN A 1 67  ? -7.175  -7.929  12.257  1.00 0.22 ? 67  ASN A OD1   1 
ATOM   517  N ND2   . ASN A 1 67  ? -9.242  -7.196  11.863  1.00 0.35 ? 67  ASN A ND2   1 
ATOM   518  N N     . GLY A 1 68  ? -5.767  -8.479  15.024  1.00 0.15 ? 68  GLY A N     1 
ATOM   519  C CA    . GLY A 1 68  ? -5.853  -9.814  15.663  1.00 0.17 ? 68  GLY A CA    1 
ATOM   520  C C     . GLY A 1 68  ? -6.165  -10.920 14.688  1.00 0.15 ? 68  GLY A C     1 
ATOM   521  O O     . GLY A 1 68  ? -5.928  -12.074 15.047  1.00 0.25 ? 68  GLY A O     1 
ATOM   522  N N     . GLN A 1 69  ? -6.625  -10.712 13.481  1.00 0.16 ? 69  GLN A N     1 
ATOM   523  C CA    . GLN A 1 69  ? -6.703  -11.768 12.482  1.00 0.16 ? 69  GLN A CA    1 
ATOM   524  C C     . GLN A 1 69  ? -5.344  -12.401 12.237  1.00 0.17 ? 69  GLN A C     1 
ATOM   525  O O     . GLN A 1 69  ? -4.357  -11.734 12.305  1.00 0.20 ? 69  GLN A O     1 
ATOM   526  C CB    . GLN A 1 69  ? -7.200  -11.210 11.128  1.00 0.15 ? 69  GLN A CB    1 
ATOM   527  C CG    . GLN A 1 69  ? -8.605  -10.657 11.318  1.00 0.20 ? 69  GLN A CG    1 
ATOM   528  C CD    . GLN A 1 69  ? -9.023  -10.060 9.999   1.00 0.32 ? 69  GLN A CD    1 
ATOM   529  O OE1   . GLN A 1 69  ? -9.998  -9.200  10.082  1.00 0.32 ? 69  GLN A OE1   1 
ATOM   530  N NE2   . GLN A 1 69  ? -8.452  -10.303 8.779   1.00 0.26 ? 69  GLN A NE2   1 
ATOM   531  N N     . THR A 1 70  ? -5.390  -13.635 11.769  1.00 0.17 ? 70  THR A N     1 
ATOM   532  C CA    . THR A 1 70  ? -4.152  -14.387 11.656  1.00 0.12 ? 70  THR A CA    1 
ATOM   533  C C     . THR A 1 70  ? -3.972  -14.823 10.189  1.00 0.14 ? 70  THR A C     1 
ATOM   534  O O     . THR A 1 70  ? -3.126  -15.689 9.955   1.00 0.20 ? 70  THR A O     1 
ATOM   535  C CB    . THR A 1 70  ? -4.185  -15.626 12.549  1.00 0.29 ? 70  THR A CB    1 
ATOM   536  O OG1   . THR A 1 70  ? -5.329  -16.411 12.286  1.00 0.19 ? 70  THR A OG1   1 
ATOM   537  C CG2   . THR A 1 70  ? -4.075  -15.273 13.964  1.00 0.22 ? 70  THR A CG2   1 
ATOM   538  N N     . ASN A 1 71  ? -4.571  -14.102 9.263   1.00 0.18 ? 71  ASN A N     1 
ATOM   539  C CA    . ASN A 1 71  ? -4.151  -14.270 7.817   1.00 0.17 ? 71  ASN A CA    1 
ATOM   540  C C     . ASN A 1 71  ? -3.261  -13.089 7.377   1.00 0.21 ? 71  ASN A C     1 
ATOM   541  O O     . ASN A 1 71  ? -3.299  -12.746 6.205   1.00 0.17 ? 71  ASN A O     1 
ATOM   542  C CB    . ASN A 1 71  ? -5.370  -14.361 6.944   1.00 0.15 ? 71  ASN A CB    1 
ATOM   543  C CG    . ASN A 1 71  ? -6.156  -13.092 6.806   1.00 0.14 ? 71  ASN A CG    1 
ATOM   544  O OD1   . ASN A 1 71  ? -6.404  -12.402 7.929   1.00 0.24 ? 71  ASN A OD1   1 
ATOM   545  N ND2   . ASN A 1 71  ? -6.685  -12.664 5.698   1.00 0.20 ? 71  ASN A ND2   1 
ATOM   546  N N     . CYS A 1 72  ? -2.322  -12.668 8.201   1.00 0.16 ? 72  CYS A N     1 
ATOM   547  C CA    . CYS A 1 72  ? -1.403  -11.600 7.889   1.00 0.19 ? 72  CYS A CA    1 
ATOM   548  C C     . CYS A 1 72  ? 0.002   -12.164 7.718   1.00 0.25 ? 72  CYS A C     1 
ATOM   549  O O     . CYS A 1 72  ? 0.212   -13.276 8.247   1.00 0.21 ? 72  CYS A O     1 
ATOM   550  C CB    . CYS A 1 72  ? -1.422  -10.499 8.945   1.00 0.23 ? 72  CYS A CB    1 
ATOM   551  S SG    . CYS A 1 72  ? -2.481  -9.102  8.467   1.00 0.23 ? 72  CYS A SG    1 
ATOM   552  N N     . TYR A 1 73  ? 0.760   -11.634 6.800   1.00 0.16 ? 73  TYR A N     1 
ATOM   553  C CA    . TYR A 1 73  ? 2.091   -12.202 6.494   1.00 0.17 ? 73  TYR A CA    1 
ATOM   554  C C     . TYR A 1 73  ? 3.079   -11.004 6.377   1.00 0.18 ? 73  TYR A C     1 
ATOM   555  O O     . TYR A 1 73  ? 2.736   -10.037 5.745   1.00 0.17 ? 73  TYR A O     1 
ATOM   556  C CB    . TYR A 1 73  ? 2.103   -12.941 5.157   1.00 0.14 ? 73  TYR A CB    1 
ATOM   557  C CG    . TYR A 1 73  ? 1.228   -14.188 5.270   1.00 0.17 ? 73  TYR A CG    1 
ATOM   558  C CD1   . TYR A 1 73  ? -0.121  -13.942 5.017   1.00 0.15 ? 73  TYR A CD1   1 
ATOM   559  C CD2   . TYR A 1 73  ? 1.828   -15.383 5.563   1.00 0.21 ? 73  TYR A CD2   1 
ATOM   560  C CE1   . TYR A 1 73  ? -0.949  -15.031 5.150   1.00 0.18 ? 73  TYR A CE1   1 
ATOM   561  C CE2   . TYR A 1 73  ? 0.973   -16.529 5.703   1.00 0.19 ? 73  TYR A CE2   1 
ATOM   562  C CZ    . TYR A 1 73  ? -0.390  -16.251 5.465   1.00 0.25 ? 73  TYR A CZ    1 
ATOM   563  O OH    . TYR A 1 73  ? -1.317  -17.280 5.539   1.00 0.37 ? 73  TYR A OH    1 
ATOM   564  N N     . GLN A 1 74  ? 4.262   -11.288 6.921   1.00 0.16 ? 74  GLN A N     1 
ATOM   565  C CA    . GLN A 1 74  ? 5.324   -10.246 6.865   1.00 0.18 ? 74  GLN A CA    1 
ATOM   566  C C     . GLN A 1 74  ? 6.463   -10.673 5.937   1.00 0.26 ? 74  GLN A C     1 
ATOM   567  O O     . GLN A 1 74  ? 6.877   -11.851 5.891   1.00 0.28 ? 74  GLN A O     1 
ATOM   568  C CB    . GLN A 1 74  ? 5.812   -9.912  8.215   1.00 0.23 ? 74  GLN A CB    1 
ATOM   569  C CG    . GLN A 1 74  ? 7.134   -9.176  8.138   1.00 0.21 ? 74  GLN A CG    1 
ATOM   570  C CD    . GLN A 1 74  ? 7.947   -9.663  9.363   1.00 0.52 ? 74  GLN A CD    1 
ATOM   571  O OE1   . GLN A 1 74  ? 7.550   -9.130  10.519  1.00 0.41 ? 74  GLN A OE1   1 
ATOM   572  N NE2   . GLN A 1 74  ? 8.886   -10.582 9.179   1.00 0.75 ? 74  GLN A NE2   1 
ATOM   573  N N     . SER A 1 75  ? 6.903   -9.713  5.118   1.00 0.17 ? 75  SER A N     1 
ATOM   574  C CA    . SER A 1 75  ? 7.940   -10.017 4.164   1.00 0.19 ? 75  SER A CA    1 
ATOM   575  C C     . SER A 1 75  ? 9.223   -10.386 4.896   1.00 0.11 ? 75  SER A C     1 
ATOM   576  O O     . SER A 1 75  ? 9.650   -9.883  5.924   1.00 0.21 ? 75  SER A O     1 
ATOM   577  C CB    . SER A 1 75  ? 8.212   -8.894  3.171   1.00 0.19 ? 75  SER A CB    1 
ATOM   578  O OG    . SER A 1 75  ? 8.519   -7.660  3.826   1.00 0.17 ? 75  SER A OG    1 
ATOM   579  N N     . TYR A 1 76  ? 9.830   -11.397 4.319   1.00 0.23 ? 76  TYR A N     1 
ATOM   580  C CA    . TYR A 1 76  ? 11.150  -11.844 4.896   1.00 0.21 ? 76  TYR A CA    1 
ATOM   581  C C     . TYR A 1 76  ? 12.174  -10.729 4.668   1.00 0.34 ? 76  TYR A C     1 
ATOM   582  O O     . TYR A 1 76  ? 13.004  -10.477 5.526   1.00 0.44 ? 76  TYR A O     1 
ATOM   583  C CB    . TYR A 1 76  ? 11.593  -13.073 4.088   1.00 0.31 ? 76  TYR A CB    1 
ATOM   584  C CG    . TYR A 1 76  ? 10.883  -14.358 4.558   1.00 0.26 ? 76  TYR A CG    1 
ATOM   585  C CD1   . TYR A 1 76  ? 10.613  -14.601 5.913   1.00 0.29 ? 76  TYR A CD1   1 
ATOM   586  C CD2   . TYR A 1 76  ? 10.578  -15.306 3.561   1.00 0.48 ? 76  TYR A CD2   1 
ATOM   587  C CE1   . TYR A 1 76  ? 10.020  -15.833 6.287   1.00 0.34 ? 76  TYR A CE1   1 
ATOM   588  C CE2   . TYR A 1 76  ? 9.950   -16.512 3.933   1.00 0.75 ? 76  TYR A CE2   1 
ATOM   589  C CZ    . TYR A 1 76  ? 9.671   -16.758 5.288   1.00 0.51 ? 76  TYR A CZ    1 
ATOM   590  O OH    . TYR A 1 76  ? 9.057   -17.957 5.655   1.00 0.53 ? 76  TYR A OH    1 
ATOM   591  N N     . SER A 1 77  ? 12.041  -10.044 3.549   1.00 0.27 ? 77  SER A N     1 
ATOM   592  C CA    . SER A 1 77  ? 12.984  -8.925  3.238   1.00 0.20 ? 77  SER A CA    1 
ATOM   593  C C     . SER A 1 77  ? 12.272  -7.575  3.341   1.00 0.19 ? 77  SER A C     1 
ATOM   594  O O     . SER A 1 77  ? 11.079  -7.431  3.136   1.00 0.21 ? 77  SER A O     1 
ATOM   595  C CB    . SER A 1 77  ? 13.392  -9.128  1.755   1.00 0.29 ? 77  SER A CB    1 
ATOM   596  O OG    . SER A 1 77  ? 12.180  -9.222  0.983   1.00 0.48 ? 77  SER A OG    1 
ATOM   597  N N     . THR A 1 78  ? 13.098  -6.502  3.432   1.00 0.25 ? 78  THR A N     1 
ATOM   598  C CA    . THR A 1 78  ? 12.602  -5.149  3.239   1.00 0.18 ? 78  THR A CA    1 
ATOM   599  C C     . THR A 1 78  ? 12.280  -4.897  1.778   1.00 0.23 ? 78  THR A C     1 
ATOM   600  O O     . THR A 1 78  ? 12.721  -5.620  0.827   1.00 0.20 ? 78  THR A O     1 
ATOM   601  C CB    . THR A 1 78  ? 13.517  -4.120  3.839   1.00 0.23 ? 78  THR A CB    1 
ATOM   602  O OG1   . THR A 1 78  ? 14.679  -3.963  3.082   1.00 0.32 ? 78  THR A OG1   1 
ATOM   603  C CG2   . THR A 1 78  ? 13.947  -4.487  5.227   1.00 0.28 ? 78  THR A CG2   1 
ATOM   604  N N     . MET A 1 79  ? 11.337  -3.994  1.592   1.00 0.19 ? 79  MET A N     1 
ATOM   605  C CA    . MET A 1 79  ? 10.868  -3.521  0.318   1.00 0.18 ? 79  MET A CA    1 
ATOM   606  C C     . MET A 1 79  ? 10.997  -2.010  0.169   1.00 0.14 ? 79  MET A C     1 
ATOM   607  O O     . MET A 1 79  ? 10.895  -1.303  1.166   1.00 0.22 ? 79  MET A O     1 
ATOM   608  C CB    . MET A 1 79  ? 9.448   -3.958  0.011   1.00 0.17 ? 79  MET A CB    1 
ATOM   609  C CG    . MET A 1 79  ? 9.504   -5.516  -0.037  1.00 0.16 ? 79  MET A CG    1 
ATOM   610  S SD    . MET A 1 79  ? 7.943   -6.136  -0.697  1.00 0.23 ? 79  MET A SD    1 
ATOM   611  C CE    . MET A 1 79  ? 8.330   -7.827  -1.167  1.00 0.26 ? 79  MET A CE    1 
ATOM   612  N N     . SER A 1 80  ? 11.069  -1.495  -1.018  1.00 0.12 ? 80  SER A N     1 
ATOM   613  C CA    . SER A 1 80  ? 11.063  0.012   -1.177  1.00 0.10 ? 80  SER A CA    1 
ATOM   614  C C     . SER A 1 80  ? 9.571   0.455   -1.200  1.00 0.15 ? 80  SER A C     1 
ATOM   615  O O     . SER A 1 80  ? 8.782   -0.039  -2.035  1.00 0.18 ? 80  SER A O     1 
ATOM   616  C CB    . SER A 1 80  ? 11.540  0.197   -2.660  1.00 0.16 ? 80  SER A CB    1 
ATOM   617  O OG    . SER A 1 80  ? 11.519  1.606   -2.897  1.00 0.21 ? 80  SER A OG    1 
ATOM   618  N N     . ILE A 1 81  ? 9.241   1.284   -0.236  1.00 0.19 ? 81  ILE A N     1 
ATOM   619  C CA    . ILE A 1 81  ? 7.817   1.713   -0.060  1.00 0.14 ? 81  ILE A CA    1 
ATOM   620  C C     . ILE A 1 81  ? 7.708   3.202   -0.089  1.00 0.13 ? 81  ILE A C     1 
ATOM   621  O O     . ILE A 1 81  ? 8.612   3.920   0.335   1.00 0.18 ? 81  ILE A O     1 
ATOM   622  C CB    . ILE A 1 81  ? 7.243   1.107   1.204   1.00 0.15 ? 81  ILE A CB    1 
ATOM   623  C CG1   . ILE A 1 81  ? 7.892   1.518   2.472   1.00 0.22 ? 81  ILE A CG1   1 
ATOM   624  C CG2   . ILE A 1 81  ? 7.005   -0.398  1.091   1.00 0.17 ? 81  ILE A CG2   1 
ATOM   625  C CD1   . ILE A 1 81  ? 6.996   1.396   3.709   1.00 0.34 ? 81  ILE A CD1   1 
ATOM   626  N N     . THR A 1 82  ? 6.612   3.828   -0.464  1.00 0.13 ? 82  THR A N     1 
ATOM   627  C CA    . THR A 1 82  ? 6.345   5.250   -0.173  1.00 0.28 ? 82  THR A CA    1 
ATOM   628  C C     . THR A 1 82  ? 5.128   5.323   0.785   1.00 0.14 ? 82  THR A C     1 
ATOM   629  O O     . THR A 1 82  ? 4.083   4.732   0.485   1.00 0.18 ? 82  THR A O     1 
ATOM   630  C CB    . THR A 1 82  ? 6.051   6.036   -1.425  1.00 0.18 ? 82  THR A CB    1 
ATOM   631  O OG1   . THR A 1 82  ? 7.128   5.958   -2.345  1.00 0.19 ? 82  THR A OG1   1 
ATOM   632  C CG2   . THR A 1 82  ? 5.733   7.448   -1.108  1.00 0.13 ? 82  THR A CG2   1 
ATOM   633  N N     . ASP A 1 83  ? 5.353   5.909   1.904   1.00 0.15 ? 83  ASP A N     1 
ATOM   634  C CA    . ASP A 1 83  ? 4.296   6.303   2.847   1.00 0.19 ? 83  ASP A CA    1 
ATOM   635  C C     . ASP A 1 83  ? 3.664   7.603   2.586   1.00 0.16 ? 83  ASP A C     1 
ATOM   636  O O     . ASP A 1 83  ? 4.303   8.641   2.504   1.00 0.17 ? 83  ASP A O     1 
ATOM   637  C CB    . ASP A 1 83  ? 4.850   6.166   4.255   1.00 0.22 ? 83  ASP A CB    1 
ATOM   638  C CG    . ASP A 1 83  ? 3.829   6.498   5.359   1.00 0.28 ? 83  ASP A CG    1 
ATOM   639  O OD1   . ASP A 1 83  ? 3.624   7.703   5.593   1.00 0.28 ? 83  ASP A OD1   1 
ATOM   640  O OD2   . ASP A 1 83  ? 3.413   5.441   5.850   1.00 0.37 ? 83  ASP A OD2   1 
ATOM   641  N N     . CYS A 1 84  ? 2.328   7.662   2.406   1.00 0.13 ? 84  CYS A N     1 
ATOM   642  C CA    . CYS A 1 84  ? 1.565   8.853   2.083   1.00 0.18 ? 84  CYS A CA    1 
ATOM   643  C C     . CYS A 1 84  ? 0.570   9.167   3.245   1.00 0.24 ? 84  CYS A C     1 
ATOM   644  O O     . CYS A 1 84  ? -0.215  8.273   3.521   1.00 0.20 ? 84  CYS A O     1 
ATOM   645  C CB    . CYS A 1 84  ? 0.710   8.651   0.852   1.00 0.13 ? 84  CYS A CB    1 
ATOM   646  S SG    . CYS A 1 84  ? 1.610   8.268   -0.731  1.00 0.17 ? 84  CYS A SG    1 
ATOM   647  N N     . ARG A 1 85  ? 0.686   10.301  3.827   1.00 0.15 ? 85  ARG A N     1 
ATOM   648  C CA    . ARG A 1 85  ? -0.070  10.726  5.039   1.00 0.17 ? 85  ARG A CA    1 
ATOM   649  C C     . ARG A 1 85  ? -0.713  12.055  4.845   1.00 0.27 ? 85  ARG A C     1 
ATOM   650  O O     . ARG A 1 85  ? 0.045   12.933  4.497   1.00 0.20 ? 85  ARG A O     1 
ATOM   651  C CB    . ARG A 1 85  ? 0.831   10.782  6.249   1.00 0.24 ? 85  ARG A CB    1 
ATOM   652  C CG    . ARG A 1 85  ? 0.627   9.424   6.871   1.00 0.38 ? 85  ARG A CG    1 
ATOM   653  C CD    . ARG A 1 85  ? 1.810   9.366   7.856   1.00 0.34 ? 85  ARG A CD    1 
ATOM   654  N NE    . ARG A 1 85  ? 2.045   7.929   7.895   1.00 0.37 ? 85  ARG A NE    1 
ATOM   655  C CZ    . ARG A 1 85  ? 1.265   6.999   8.458   1.00 0.49 ? 85  ARG A CZ    1 
ATOM   656  N NH1   . ARG A 1 85  ? 0.206   7.376   9.147   1.00 0.73 ? 85  ARG A NH1   1 
ATOM   657  N NH2   . ARG A 1 85  ? 1.599   5.694   8.429   1.00 0.45 ? 85  ARG A NH2   1 
ATOM   658  N N     . GLU A 1 86  ? -1.988  12.264  5.173   1.00 0.16 ? 86  GLU A N     1 
ATOM   659  C CA    . GLU A 1 86  ? -2.654  13.520  4.866   1.00 0.14 ? 86  GLU A CA    1 
ATOM   660  C C     . GLU A 1 86  ? -2.037  14.661  5.707   1.00 0.25 ? 86  GLU A C     1 
ATOM   661  O O     . GLU A 1 86  ? -1.676  14.284  6.849   1.00 0.26 ? 86  GLU A O     1 
ATOM   662  C CB    . GLU A 1 86  ? -4.145  13.407  5.167   1.00 0.27 ? 86  GLU A CB    1 
ATOM   663  C CG    . GLU A 1 86  ? -4.937  14.549  4.589   1.00 0.43 ? 86  GLU A CG    1 
ATOM   664  C CD    . GLU A 1 86  ? -6.450  14.370  4.896   1.00 0.20 ? 86  GLU A CD    1 
ATOM   665  O OE1   . GLU A 1 86  ? -6.717  13.577  5.851   1.00 0.30 ? 86  GLU A OE1   1 
ATOM   666  O OE2   . GLU A 1 86  ? -7.106  14.965  4.074   1.00 0.22 ? 86  GLU A OE2   1 
ATOM   667  N N     . THR A 1 87  ? -1.819  15.892  5.187   1.00 0.22 ? 87  THR A N     1 
ATOM   668  C CA    . THR A 1 87  ? -1.196  17.018  5.895   1.00 0.30 ? 87  THR A CA    1 
ATOM   669  C C     . THR A 1 87  ? -2.272  17.984  6.447   1.00 0.22 ? 87  THR A C     1 
ATOM   670  O O     . THR A 1 87  ? -3.380  17.800  5.976   1.00 0.18 ? 87  THR A O     1 
ATOM   671  C CB    . THR A 1 87  ? -0.323  17.858  4.960   1.00 0.20 ? 87  THR A CB    1 
ATOM   672  O OG1   . THR A 1 87  ? -1.163  18.458  3.960   1.00 0.29 ? 87  THR A OG1   1 
ATOM   673  C CG2   . THR A 1 87  ? 0.686   16.965  4.293   1.00 0.31 ? 87  THR A CG2   1 
ATOM   674  N N     . GLY A 1 88  ? -1.794  18.936  7.271   1.00 0.21 ? 88  GLY A N     1 
ATOM   675  C CA    . GLY A 1 88  ? -2.738  19.893  7.913   1.00 0.13 ? 88  GLY A CA    1 
ATOM   676  C C     . GLY A 1 88  ? -3.426  20.714  6.871   1.00 0.17 ? 88  GLY A C     1 
ATOM   677  O O     . GLY A 1 88  ? -4.536  21.246  6.983   1.00 0.38 ? 88  GLY A O     1 
ATOM   678  N N     . SER A 1 89  ? -2.912  20.810  5.616   1.00 0.19 ? 89  SER A N     1 
ATOM   679  C CA    . SER A 1 89  ? -3.604  21.600  4.661   1.00 0.19 ? 89  SER A CA    1 
ATOM   680  C C     . SER A 1 89  ? -4.504  20.886  3.700   1.00 0.17 ? 89  SER A C     1 
ATOM   681  O O     . SER A 1 89  ? -5.144  21.515  2.827   1.00 0.29 ? 89  SER A O     1 
ATOM   682  C CB    . SER A 1 89  ? -2.779  22.672  4.013   1.00 0.42 ? 89  SER A CB    1 
ATOM   683  O OG    . SER A 1 89  ? -1.385  22.612  4.311   1.00 0.73 ? 89  SER A OG    1 
ATOM   684  N N     . SER A 1 90  ? -4.619  19.599  3.912   1.00 0.17 ? 90  SER A N     1 
ATOM   685  C CA    . SER A 1 90  ? -5.541  18.741  3.151   1.00 0.14 ? 90  SER A CA    1 
ATOM   686  C C     . SER A 1 90  ? -6.968  19.227  3.342   1.00 0.20 ? 90  SER A C     1 
ATOM   687  O O     . SER A 1 90  ? -7.448  19.383  4.470   1.00 0.26 ? 90  SER A O     1 
ATOM   688  C CB    . SER A 1 90  ? -5.353  17.316  3.527   1.00 0.10 ? 90  SER A CB    1 
ATOM   689  O OG    . SER A 1 90  ? -6.010  16.575  2.558   1.00 0.19 ? 90  SER A OG    1 
ATOM   690  N N     . LYS A 1 91  ? -7.673  19.350  2.273   1.00 0.18 ? 91  LYS A N     1 
ATOM   691  C CA    . LYS A 1 91  ? -9.098  19.750  2.407   1.00 0.30 ? 91  LYS A CA    1 
ATOM   692  C C     . LYS A 1 91  ? -9.917  19.281  1.247   1.00 0.15 ? 91  LYS A C     1 
ATOM   693  O O     . LYS A 1 91  ? -9.848  19.823  0.132   1.00 0.19 ? 91  LYS A O     1 
ATOM   694  C CB    . LYS A 1 91  ? -9.131  21.264  2.540   1.00 0.41 ? 91  LYS A CB    1 
ATOM   695  C CG    . LYS A 1 91  ? -10.525 21.784  2.333   1.00 0.78 ? 91  LYS A CG    1 
ATOM   696  C CD    . LYS A 1 91  ? -10.528 23.169  1.666   1.00 0.73 ? 91  LYS A CD    1 
ATOM   697  C CE    . LYS A 1 91  ? -11.774 23.871  2.232   1.00 0.64 ? 91  LYS A CE    1 
ATOM   698  N NZ    . LYS A 1 91  ? -12.118 23.199  3.526   1.00 0.78 ? 91  LYS A NZ    1 
ATOM   699  N N     . TYR A 1 92  ? -10.697 18.215  1.345   1.00 0.19 ? 92  TYR A N     1 
ATOM   700  C CA    . TYR A 1 92  ? -11.469 17.597  0.247   1.00 0.21 ? 92  TYR A CA    1 
ATOM   701  C C     . TYR A 1 92  ? -12.169 18.627  -0.589  1.00 0.28 ? 92  TYR A C     1 
ATOM   702  O O     . TYR A 1 92  ? -12.808 19.547  -0.057  1.00 0.23 ? 92  TYR A O     1 
ATOM   703  C CB    . TYR A 1 92  ? -12.460 16.612  0.843   1.00 0.19 ? 92  TYR A CB    1 
ATOM   704  C CG    . TYR A 1 92  ? -13.202 15.937  -0.275  1.00 0.19 ? 92  TYR A CG    1 
ATOM   705  C CD1   . TYR A 1 92  ? -12.604 14.816  -0.862  1.00 0.13 ? 92  TYR A CD1   1 
ATOM   706  C CD2   . TYR A 1 92  ? -14.414 16.503  -0.696  1.00 0.20 ? 92  TYR A CD2   1 
ATOM   707  C CE1   . TYR A 1 92  ? -13.188 14.209  -1.940  1.00 0.08 ? 92  TYR A CE1   1 
ATOM   708  C CE2   . TYR A 1 92  ? -14.956 15.852  -1.779  1.00 0.17 ? 92  TYR A CE2   1 
ATOM   709  C CZ    . TYR A 1 92  ? -14.386 14.760  -2.366  1.00 0.16 ? 92  TYR A CZ    1 
ATOM   710  O OH    . TYR A 1 92  ? -15.076 14.163  -3.383  1.00 0.23 ? 92  TYR A OH    1 
ATOM   711  N N     . PRO A 1 93  ? -12.092 18.752  -1.923  1.00 0.28 ? 93  PRO A N     1 
ATOM   712  C CA    . PRO A 1 93  ? -11.595 17.734  -2.813  1.00 0.21 ? 93  PRO A CA    1 
ATOM   713  C C     . PRO A 1 93  ? -10.109 17.829  -3.069  1.00 0.15 ? 93  PRO A C     1 
ATOM   714  O O     . PRO A 1 93  ? -9.603  16.936  -3.720  1.00 0.28 ? 93  PRO A O     1 
ATOM   715  C CB    . PRO A 1 93  ? -12.427 17.935  -4.059  1.00 0.21 ? 93  PRO A CB    1 
ATOM   716  C CG    . PRO A 1 93  ? -12.874 19.375  -4.055  1.00 0.25 ? 93  PRO A CG    1 
ATOM   717  C CD    . PRO A 1 93  ? -12.706 19.881  -2.640  1.00 0.23 ? 93  PRO A CD    1 
ATOM   718  N N     . ASN A 1 94  ? -9.431  18.788  -2.453  1.00 0.23 ? 94  ASN A N     1 
ATOM   719  C CA    . ASN A 1 94  ? -8.022  19.070  -2.492  1.00 0.31 ? 94  ASN A CA    1 
ATOM   720  C C     . ASN A 1 94  ? -7.187  18.485  -1.411  1.00 0.18 ? 94  ASN A C     1 
ATOM   721  O O     . ASN A 1 94  ? -6.585  19.022  -0.504  1.00 0.26 ? 94  ASN A O     1 
ATOM   722  C CB    . ASN A 1 94  ? -7.706  20.551  -2.702  1.00 0.38 ? 94  ASN A CB    1 
ATOM   723  C CG    . ASN A 1 94  ? -8.450  21.064  -3.955  1.00 0.47 ? 94  ASN A CG    1 
ATOM   724  O OD1   . ASN A 1 94  ? -9.467  21.899  -3.771  1.00 0.57 ? 94  ASN A OD1   1 
ATOM   725  N ND2   . ASN A 1 94  ? -8.194  20.618  -5.165  1.00 0.37 ? 94  ASN A ND2   1 
ATOM   726  N N     . CYS A 1 95  ? -7.084  17.155  -1.540  1.00 0.24 ? 95  CYS A N     1 
ATOM   727  C CA    . CYS A 1 95  ? -6.501  16.328  -0.491  1.00 0.21 ? 95  CYS A CA    1 
ATOM   728  C C     . CYS A 1 95  ? -4.963  16.497  -0.608  1.00 0.16 ? 95  CYS A C     1 
ATOM   729  O O     . CYS A 1 95  ? -4.631  16.574  -1.810  1.00 0.27 ? 95  CYS A O     1 
ATOM   730  C CB    . CYS A 1 95  ? -6.813  14.831  -0.761  1.00 0.18 ? 95  CYS A CB    1 
ATOM   731  S SG    . CYS A 1 95  ? -8.610  14.544  -0.746  1.00 0.18 ? 95  CYS A SG    1 
ATOM   732  N N     . ALA A 1 96  ? -4.261  16.586  0.408   1.00 0.18 ? 96  ALA A N     1 
ATOM   733  C CA    . ALA A 1 96  ? -2.821  16.962  0.350   1.00 0.18 ? 96  ALA A CA    1 
ATOM   734  C C     . ALA A 1 96  ? -2.060  15.981  1.176   1.00 0.12 ? 96  ALA A C     1 
ATOM   735  O O     . ALA A 1 96  ? -2.540  15.758  2.260   1.00 0.18 ? 96  ALA A O     1 
ATOM   736  C CB    . ALA A 1 96  ? -2.625  18.377  0.885   1.00 0.20 ? 96  ALA A CB    1 
ATOM   737  N N     . TYR A 1 97  ? -0.935  15.424  0.769   1.00 0.15 ? 97  TYR A N     1 
ATOM   738  C CA    . TYR A 1 97  ? -0.206  14.345  1.397   1.00 0.16 ? 97  TYR A CA    1 
ATOM   739  C C     . TYR A 1 97  ? 1.305   14.727  1.502   1.00 0.17 ? 97  TYR A C     1 
ATOM   740  O O     . TYR A 1 97  ? 1.772   15.497  0.701   1.00 0.20 ? 97  TYR A O     1 
ATOM   741  C CB    . TYR A 1 97  ? -0.281  13.037  0.591   1.00 0.17 ? 97  TYR A CB    1 
ATOM   742  C CG    . TYR A 1 97  ? -1.783  12.624  0.527   1.00 0.08 ? 97  TYR A CG    1 
ATOM   743  C CD1   . TYR A 1 97  ? -2.708  13.010  -0.400  1.00 0.16 ? 97  TYR A CD1   1 
ATOM   744  C CD2   . TYR A 1 97  ? -2.192  11.803  1.614   1.00 0.16 ? 97  TYR A CD2   1 
ATOM   745  C CE1   . TYR A 1 97  ? -4.056  12.649  -0.444  1.00 0.14 ? 97  TYR A CE1   1 
ATOM   746  C CE2   . TYR A 1 97  ? -3.548  11.413  1.582   1.00 0.18 ? 97  TYR A CE2   1 
ATOM   747  C CZ    . TYR A 1 97  ? -4.459  11.812  0.629   1.00 0.14 ? 97  TYR A CZ    1 
ATOM   748  O OH    . TYR A 1 97  ? -5.745  11.387  0.660   1.00 0.15 ? 97  TYR A OH    1 
ATOM   749  N N     . LYS A 1 98  ? 1.851   14.284  2.572   1.00 0.18 ? 98  LYS A N     1 
ATOM   750  C CA    . LYS A 1 98  ? 3.276   14.150  2.823   1.00 0.21 ? 98  LYS A CA    1 
ATOM   751  C C     . LYS A 1 98  ? 3.766   12.835  2.197   1.00 0.24 ? 98  LYS A C     1 
ATOM   752  O O     . LYS A 1 98  ? 3.212   11.793  2.542   1.00 0.17 ? 98  LYS A O     1 
ATOM   753  C CB    . LYS A 1 98  ? 3.540   14.169  4.289   1.00 0.16 ? 98  LYS A CB    1 
ATOM   754  C CG    . LYS A 1 98  ? 5.015   14.247  4.614   1.00 0.27 ? 98  LYS A CG    1 
ATOM   755  C CD    . LYS A 1 98  ? 5.148   14.524  6.110   1.00 0.78 ? 98  LYS A CD    1 
ATOM   756  C CE    . LYS A 1 98  ? 6.199   13.587  6.709   1.00 0.61 ? 98  LYS A CE    1 
ATOM   757  N NZ    . LYS A 1 98  ? 7.184   13.260  5.636   1.00 0.55 ? 98  LYS A NZ    1 
ATOM   758  N N     . THR A 1 99  ? 4.775   12.883  1.350   1.00 0.24 ? 99  THR A N     1 
ATOM   759  C CA    . THR A 1 99  ? 5.576   11.848  0.774   1.00 0.17 ? 99  THR A CA    1 
ATOM   760  C C     . THR A 1 99  ? 6.733   11.361  1.566   1.00 0.17 ? 99  THR A C     1 
ATOM   761  O O     . THR A 1 99  ? 7.595   12.150  1.938   1.00 0.18 ? 99  THR A O     1 
ATOM   762  C CB    . THR A 1 99  ? 5.981   12.223  -0.661  1.00 0.10 ? 99  THR A CB    1 
ATOM   763  O OG1   . THR A 1 99  ? 4.755   12.488  -1.365  1.00 0.19 ? 99  THR A OG1   1 
ATOM   764  C CG2   . THR A 1 99  ? 6.657   11.003  -1.263  1.00 0.15 ? 99  THR A CG2   1 
ATOM   765  N N     . THR A 1 100 ? 6.751   10.212  2.210   1.00 0.17 ? 100 THR A N     1 
ATOM   766  C CA    . THR A 1 100 ? 7.899   9.669   2.947   1.00 0.22 ? 100 THR A CA    1 
ATOM   767  C C     . THR A 1 100 ? 8.415   8.410   2.267   1.00 0.24 ? 100 THR A C     1 
ATOM   768  O O     . THR A 1 100 ? 7.756   7.391   2.130   1.00 0.21 ? 100 THR A O     1 
ATOM   769  C CB    . THR A 1 100 ? 7.499   9.325   4.392   1.00 0.23 ? 100 THR A CB    1 
ATOM   770  O OG1   . THR A 1 100 ? 6.939   10.465  4.995   1.00 0.23 ? 100 THR A OG1   1 
ATOM   771  C CG2   . THR A 1 100 ? 8.684   8.857   5.185   1.00 0.23 ? 100 THR A CG2   1 
ATOM   772  N N     . GLN A 1 101 ? 9.697   8.377   1.956   1.00 0.22 ? 101 GLN A N     1 
ATOM   773  C CA    . GLN A 1 101 ? 10.162  7.157   1.225   1.00 0.19 ? 101 GLN A CA    1 
ATOM   774  C C     . GLN A 1 101 ? 10.893  6.289   2.233   1.00 0.23 ? 101 GLN A C     1 
ATOM   775  O O     . GLN A 1 101 ? 11.674  6.814   3.045   1.00 0.38 ? 101 GLN A O     1 
ATOM   776  C CB    . GLN A 1 101 ? 11.111  7.505   0.114   1.00 0.28 ? 101 GLN A CB    1 
ATOM   777  C CG    . GLN A 1 101 ? 10.602  8.391   -1.021  1.00 0.73 ? 101 GLN A CG    1 
ATOM   778  C CD    . GLN A 1 101 ? 11.925  8.818   -1.720  1.00 0.58 ? 101 GLN A CD    1 
ATOM   779  O OE1   . GLN A 1 101 ? 13.010  8.829   -0.927  1.00 0.61 ? 101 GLN A OE1   1 
ATOM   780  N NE2   . GLN A 1 101 ? 12.041  9.089   -3.014  1.00 0.61 ? 101 GLN A NE2   1 
ATOM   781  N N     . ALA A 1 102 ? 10.704  5.001   2.155   1.00 0.16 ? 102 ALA A N     1 
ATOM   782  C CA    . ALA A 1 102 ? 11.363  4.151   3.178   1.00 0.23 ? 102 ALA A CA    1 
ATOM   783  C C     . ALA A 1 102 ? 11.661  2.781   2.609   1.00 0.20 ? 102 ALA A C     1 
ATOM   784  O O     . ALA A 1 102 ? 11.320  2.373   1.516   1.00 0.21 ? 102 ALA A O     1 
ATOM   785  C CB    . ALA A 1 102 ? 10.483  4.066   4.391   1.00 0.20 ? 102 ALA A CB    1 
ATOM   786  N N     . ASN A 1 103 ? 12.384  1.987   3.341   1.00 0.23 ? 103 ASN A N     1 
ATOM   787  C CA    . ASN A 1 103 ? 12.673  0.596   2.969   1.00 0.21 ? 103 ASN A CA    1 
ATOM   788  C C     . ASN A 1 103 ? 12.334  -0.309  4.180   1.00 0.33 ? 103 ASN A C     1 
ATOM   789  O O     . ASN A 1 103 ? 13.068  -0.192  5.173   1.00 0.27 ? 103 ASN A O     1 
ATOM   790  C CB    . ASN A 1 103 ? 14.213  0.507   2.789   1.00 0.26 ? 103 ASN A CB    1 
ATOM   791  C CG    . ASN A 1 103 ? 14.491  -0.053  1.400   1.00 0.78 ? 103 ASN A CG    1 
ATOM   792  O OD1   . ASN A 1 103 ? 14.745  -1.353  1.407   1.00 0.74 ? 103 ASN A OD1   1 
ATOM   793  N ND2   . ASN A 1 103 ? 14.452  0.762   0.354   1.00 0.56 ? 103 ASN A ND2   1 
ATOM   794  N N     . LYS A 1 104 ? 11.237  -1.027  4.103   1.00 0.22 ? 104 LYS A N     1 
ATOM   795  C CA    . LYS A 1 104 ? 10.806  -1.700  5.397   1.00 0.11 ? 104 LYS A CA    1 
ATOM   796  C C     . LYS A 1 104 ? 10.216  -3.032  4.951   1.00 0.09 ? 104 LYS A C     1 
ATOM   797  O O     . LYS A 1 104 ? 9.999   -3.293  3.772   1.00 0.16 ? 104 LYS A O     1 
ATOM   798  C CB    . LYS A 1 104 ? 9.671   -0.866  5.973   1.00 0.20 ? 104 LYS A CB    1 
ATOM   799  C CG    . LYS A 1 104 ? 9.883   0.514   6.467   1.00 0.29 ? 104 LYS A CG    1 
ATOM   800  C CD    . LYS A 1 104 ? 10.207  0.521   7.924   1.00 0.33 ? 104 LYS A CD    1 
ATOM   801  C CE    . LYS A 1 104 ? 9.730   1.770   8.650   1.00 0.77 ? 104 LYS A CE    1 
ATOM   802  N NZ    . LYS A 1 104 ? 10.879  2.496   9.224   1.00 0.73 ? 104 LYS A NZ    1 
ATOM   803  N N     . HIS A 1 105 ? 10.062  -3.825  6.012   1.00 0.15 ? 105 HIS A N     1 
ATOM   804  C CA    . HIS A 1 105 ? 9.227   -5.031  5.768   1.00 0.11 ? 105 HIS A CA    1 
ATOM   805  C C     . HIS A 1 105 ? 7.759   -4.591  5.675   1.00 0.20 ? 105 HIS A C     1 
ATOM   806  O O     . HIS A 1 105 ? 7.404   -3.598  6.276   1.00 0.22 ? 105 HIS A O     1 
ATOM   807  C CB    . HIS A 1 105 ? 9.316   -6.004  6.930   1.00 0.17 ? 105 HIS A CB    1 
ATOM   808  C CG    . HIS A 1 105 ? 10.763  -6.421  7.110   1.00 0.23 ? 105 HIS A CG    1 
ATOM   809  N ND1   . HIS A 1 105 ? 11.306  -7.525  6.520   1.00 0.25 ? 105 HIS A ND1   1 
ATOM   810  C CD2   . HIS A 1 105 ? 11.690  -5.779  7.887   1.00 0.24 ? 105 HIS A CD2   1 
ATOM   811  C CE1   . HIS A 1 105 ? 12.647  -7.603  6.959   1.00 0.22 ? 105 HIS A CE1   1 
ATOM   812  N NE2   . HIS A 1 105 ? 12.858  -6.533  7.761   1.00 0.29 ? 105 HIS A NE2   1 
ATOM   813  N N     . ILE A 1 106 ? 7.114   -5.416  4.874   1.00 0.16 ? 106 ILE A N     1 
ATOM   814  C CA    . ILE A 1 106 ? 5.669   -5.052  4.734   1.00 0.13 ? 106 ILE A CA    1 
ATOM   815  C C     . ILE A 1 106 ? 4.846   -6.241  5.305   1.00 0.16 ? 106 ILE A C     1 
ATOM   816  O O     . ILE A 1 106 ? 5.297   -7.383  5.396   1.00 0.19 ? 106 ILE A O     1 
ATOM   817  C CB    . ILE A 1 106 ? 5.334   -4.761  3.310   1.00 0.23 ? 106 ILE A CB    1 
ATOM   818  C CG1   . ILE A 1 106 ? 5.397   -5.908  2.369   1.00 0.17 ? 106 ILE A CG1   1 
ATOM   819  C CG2   . ILE A 1 106 ? 6.010   -3.503  2.771   1.00 0.14 ? 106 ILE A CG2   1 
ATOM   820  C CD1   . ILE A 1 106 ? 4.675   -5.829  1.042   1.00 0.16 ? 106 ILE A CD1   1 
ATOM   821  N N     . ILE A 1 107 ? 3.671   -5.906  5.862   1.00 0.16 ? 107 ILE A N     1 
ATOM   822  C CA    . ILE A 1 107 ? 2.720   -6.900  6.418   1.00 0.20 ? 107 ILE A CA    1 
ATOM   823  C C     . ILE A 1 107 ? 1.372   -6.729  5.745   1.00 0.15 ? 107 ILE A C     1 
ATOM   824  O O     . ILE A 1 107 ? 0.790   -5.660  5.676   1.00 0.14 ? 107 ILE A O     1 
ATOM   825  C CB    . ILE A 1 107 ? 2.564   -6.717  7.932   1.00 0.16 ? 107 ILE A CB    1 
ATOM   826  C CG1   . ILE A 1 107 ? 3.886   -7.028  8.638   1.00 0.17 ? 107 ILE A CG1   1 
ATOM   827  C CG2   . ILE A 1 107 ? 1.476   -7.685  8.466   1.00 0.16 ? 107 ILE A CG2   1 
ATOM   828  C CD1   . ILE A 1 107 ? 3.742   -6.683  10.075  1.00 0.20 ? 107 ILE A CD1   1 
ATOM   829  N N     . VAL A 1 108 ? 0.929   -7.769  5.078   1.00 0.15 ? 108 VAL A N     1 
ATOM   830  C CA    . VAL A 1 108 ? -0.349  -7.740  4.338   1.00 0.20 ? 108 VAL A CA    1 
ATOM   831  C C     . VAL A 1 108 ? -1.243  -8.893  4.877   1.00 0.14 ? 108 VAL A C     1 
ATOM   832  O O     . VAL A 1 108 ? -0.828  -9.887  5.453   1.00 0.19 ? 108 VAL A O     1 
ATOM   833  C CB    . VAL A 1 108 ? -0.081  -7.996  2.820   1.00 0.17 ? 108 VAL A CB    1 
ATOM   834  C CG1   . VAL A 1 108 ? 0.693   -6.780  2.263   1.00 0.12 ? 108 VAL A CG1   1 
ATOM   835  C CG2   . VAL A 1 108 ? 0.626   -9.314  2.436   1.00 0.21 ? 108 VAL A CG2   1 
ATOM   836  N N     . ALA A 1 109 ? -2.537  -8.710  4.545   1.00 0.14 ? 109 ALA A N     1 
ATOM   837  C CA    . ALA A 1 109 ? -3.447  -9.876  4.747   1.00 0.17 ? 109 ALA A CA    1 
ATOM   838  C C     . ALA A 1 109 ? -3.703  -10.507 3.374   1.00 0.13 ? 109 ALA A C     1 
ATOM   839  O O     . ALA A 1 109 ? -3.857  -9.793  2.370   1.00 0.17 ? 109 ALA A O     1 
ATOM   840  C CB    . ALA A 1 109 ? -4.759  -9.297  5.318   1.00 0.16 ? 109 ALA A CB    1 
ATOM   841  N N     . CYS A 1 110 ? -3.876  -11.853 3.399   1.00 0.15 ? 110 CYS A N     1 
ATOM   842  C CA    . CYS A 1 110 ? -4.130  -12.583 2.166   1.00 0.12 ? 110 CYS A CA    1 
ATOM   843  C C     . CYS A 1 110 ? -5.469  -13.330 2.273   1.00 0.23 ? 110 CYS A C     1 
ATOM   844  O O     . CYS A 1 110 ? -5.761  -13.870 3.326   1.00 0.19 ? 110 CYS A O     1 
ATOM   845  C CB    . CYS A 1 110 ? -3.035  -13.627 1.870   1.00 0.17 ? 110 CYS A CB    1 
ATOM   846  S SG    . CYS A 1 110 ? -1.306  -12.916 2.031   1.00 0.28 ? 110 CYS A SG    1 
ATOM   847  N N     . GLU A 1 111 ? -5.981  -13.540 1.106   1.00 0.22 ? 111 GLU A N     1 
ATOM   848  C CA    . GLU A 1 111 ? -7.220  -14.292 0.879   1.00 0.16 ? 111 GLU A CA    1 
ATOM   849  C C     . GLU A 1 111 ? -7.211  -14.940 -0.510  1.00 0.30 ? 111 GLU A C     1 
ATOM   850  O O     . GLU A 1 111 ? -6.837  -14.261 -1.436  1.00 0.19 ? 111 GLU A O     1 
ATOM   851  C CB    . GLU A 1 111 ? -8.446  -13.401 0.957   1.00 0.26 ? 111 GLU A CB    1 
ATOM   852  C CG    . GLU A 1 111 ? -8.750  -13.037 2.408   1.00 0.38 ? 111 GLU A CG    1 
ATOM   853  C CD    . GLU A 1 111 ? -10.041 -12.206 2.416   1.00 0.78 ? 111 GLU A CD    1 
ATOM   854  O OE1   . GLU A 1 111 ? -10.881 -12.360 1.516   1.00 0.75 ? 111 GLU A OE1   1 
ATOM   855  O OE2   . GLU A 1 111 ? -10.218 -11.360 3.303   1.00 0.38 ? 111 GLU A OE2   1 
ATOM   856  N N     . GLY A 1 112 ? -8.081  -15.951 -0.605  1.00 0.33 ? 112 GLY A N     1 
ATOM   857  C CA    . GLY A 1 112 ? -8.711  -16.314 -1.903  1.00 0.25 ? 112 GLY A CA    1 
ATOM   858  C C     . GLY A 1 112 ? -7.821  -17.442 -2.470  1.00 0.25 ? 112 GLY A C     1 
ATOM   859  O O     . GLY A 1 112 ? -6.860  -17.949 -1.891  1.00 0.23 ? 112 GLY A O     1 
ATOM   860  N N     . ASN A 1 113 ? -8.148  -17.849 -3.690  1.00 0.37 ? 113 ASN A N     1 
ATOM   861  C CA    . ASN A 1 113 ? -7.340  -18.836 -4.452  1.00 0.63 ? 113 ASN A CA    1 
ATOM   862  C C     . ASN A 1 113 ? -7.270  -18.444 -5.921  1.00 0.39 ? 113 ASN A C     1 
ATOM   863  O O     . ASN A 1 113 ? -8.290  -18.134 -6.589  1.00 0.44 ? 113 ASN A O     1 
ATOM   864  C CB    . ASN A 1 113 ? -7.951  -20.207 -4.242  1.00 0.58 ? 113 ASN A CB    1 
ATOM   865  C CG    . ASN A 1 113 ? -7.152  -21.337 -4.871  1.00 0.65 ? 113 ASN A CG    1 
ATOM   866  O OD1   . ASN A 1 113 ? -7.901  -22.054 -5.716  1.00 0.51 ? 113 ASN A OD1   1 
ATOM   867  N ND2   . ASN A 1 113 ? -5.877  -21.564 -4.560  1.00 0.77 ? 113 ASN A ND2   1 
ATOM   868  N N     . PRO A 1 114 ? -6.084  -18.231 -6.496  1.00 0.50 ? 114 PRO A N     1 
ATOM   869  C CA    . PRO A 1 114 ? -4.799  -18.084 -5.822  1.00 0.30 ? 114 PRO A CA    1 
ATOM   870  C C     . PRO A 1 114 ? -4.889  -17.210 -4.563  1.00 0.31 ? 114 PRO A C     1 
ATOM   871  O O     . PRO A 1 114 ? -5.686  -16.246 -4.403  1.00 0.29 ? 114 PRO A O     1 
ATOM   872  C CB    . PRO A 1 114 ? -4.076  -17.256 -6.922  1.00 0.36 ? 114 PRO A CB    1 
ATOM   873  C CG    . PRO A 1 114 ? -5.189  -16.583 -7.752  1.00 0.41 ? 114 PRO A CG    1 
ATOM   874  C CD    . PRO A 1 114 ? -6.030  -17.828 -7.940  1.00 0.30 ? 114 PRO A CD    1 
ATOM   875  N N     . TYR A 1 115 ? -4.055  -17.512 -3.602  1.00 0.17 ? 115 TYR A N     1 
ATOM   876  C CA    . TYR A 1 115 ? -4.091  -16.854 -2.263  1.00 0.19 ? 115 TYR A CA    1 
ATOM   877  C C     . TYR A 1 115 ? -3.274  -15.540 -2.399  1.00 0.28 ? 115 TYR A C     1 
ATOM   878  O O     . TYR A 1 115 ? -2.067  -15.686 -2.526  1.00 0.22 ? 115 TYR A O     1 
ATOM   879  C CB    . TYR A 1 115 ? -3.452  -17.771 -1.259  1.00 0.26 ? 115 TYR A CB    1 
ATOM   880  C CG    . TYR A 1 115 ? -3.592  -17.435 0.250   1.00 0.20 ? 115 TYR A CG    1 
ATOM   881  C CD1   . TYR A 1 115 ? -4.830  -17.166 0.830   1.00 0.23 ? 115 TYR A CD1   1 
ATOM   882  C CD2   . TYR A 1 115 ? -2.434  -17.434 1.036   1.00 0.25 ? 115 TYR A CD2   1 
ATOM   883  C CE1   . TYR A 1 115 ? -4.951  -16.900 2.182   1.00 0.17 ? 115 TYR A CE1   1 
ATOM   884  C CE2   . TYR A 1 115 ? -2.528  -17.155 2.404   1.00 0.27 ? 115 TYR A CE2   1 
ATOM   885  C CZ    . TYR A 1 115 ? -3.810  -16.867 2.935   1.00 0.23 ? 115 TYR A CZ    1 
ATOM   886  O OH    . TYR A 1 115 ? -3.896  -16.608 4.275   1.00 0.25 ? 115 TYR A OH    1 
ATOM   887  N N     . VAL A 1 116 ? -3.873  -14.377 -2.391  1.00 0.17 ? 116 VAL A N     1 
ATOM   888  C CA    . VAL A 1 116 ? -3.153  -13.149 -2.791  1.00 0.14 ? 116 VAL A CA    1 
ATOM   889  C C     . VAL A 1 116 ? -3.286  -12.042 -1.817  1.00 0.21 ? 116 VAL A C     1 
ATOM   890  O O     . VAL A 1 116 ? -4.219  -12.016 -1.012  1.00 0.16 ? 116 VAL A O     1 
ATOM   891  C CB    . VAL A 1 116 ? -3.662  -12.744 -4.194  1.00 0.22 ? 116 VAL A CB    1 
ATOM   892  C CG1   . VAL A 1 116 ? -3.088  -13.709 -5.251  1.00 0.23 ? 116 VAL A CG1   1 
ATOM   893  C CG2   . VAL A 1 116 ? -5.146  -12.511 -4.456  1.00 0.17 ? 116 VAL A CG2   1 
ATOM   894  N N     . PRO A 1 117 ? -2.480  -10.909 -1.844  1.00 0.21 ? 117 PRO A N     1 
ATOM   895  C CA    . PRO A 1 117 ? -2.813  -9.859  -0.871  1.00 0.14 ? 117 PRO A CA    1 
ATOM   896  C C     . PRO A 1 117 ? -4.121  -9.152  -1.204  1.00 0.15 ? 117 PRO A C     1 
ATOM   897  O O     . PRO A 1 117 ? -4.484  -8.741  -2.309  1.00 0.15 ? 117 PRO A O     1 
ATOM   898  C CB    . PRO A 1 117 ? -1.656  -8.875  -1.011  1.00 0.13 ? 117 PRO A CB    1 
ATOM   899  C CG    . PRO A 1 117 ? -0.528  -9.556  -1.788  1.00 0.16 ? 117 PRO A CG    1 
ATOM   900  C CD    . PRO A 1 117 ? -1.178  -10.745 -2.486  1.00 0.26 ? 117 PRO A CD    1 
ATOM   901  N N     . VAL A 1 118 ? -4.787  -8.661  -0.132  1.00 0.14 ? 118 VAL A N     1 
ATOM   902  C CA    . VAL A 1 118 ? -6.051  -7.841  -0.299  1.00 0.20 ? 118 VAL A CA    1 
ATOM   903  C C     . VAL A 1 118 ? -6.125  -6.780  0.766   1.00 0.14 ? 118 VAL A C     1 
ATOM   904  O O     . VAL A 1 118 ? -6.978  -5.908  0.621   1.00 0.17 ? 118 VAL A O     1 
ATOM   905  C CB    . VAL A 1 118 ? -7.237  -8.821  -0.072  1.00 0.15 ? 118 VAL A CB    1 
ATOM   906  C CG1   . VAL A 1 118 ? -7.274  -9.958  -1.091  1.00 0.14 ? 118 VAL A CG1   1 
ATOM   907  C CG2   . VAL A 1 118 ? -7.009  -9.288  1.407   1.00 0.18 ? 118 VAL A CG2   1 
ATOM   908  N N     . HIS A 1 119 ? -5.120  -6.569  1.575   1.00 0.16 ? 119 HIS A N     1 
ATOM   909  C CA    . HIS A 1 119 ? -5.067  -5.360  2.460   1.00 0.15 ? 119 HIS A CA    1 
ATOM   910  C C     . HIS A 1 119 ? -3.633  -5.143  2.918   1.00 0.08 ? 119 HIS A C     1 
ATOM   911  O O     . HIS A 1 119 ? -2.913  -6.072  3.201   1.00 0.16 ? 119 HIS A O     1 
ATOM   912  C CB    . HIS A 1 119 ? -5.897  -5.785  3.727   1.00 0.16 ? 119 HIS A CB    1 
ATOM   913  C CG    . HIS A 1 119 ? -5.613  -5.051  4.995   1.00 0.13 ? 119 HIS A CG    1 
ATOM   914  N ND1   . HIS A 1 119 ? -5.901  -3.721  5.255   1.00 0.15 ? 119 HIS A ND1   1 
ATOM   915  C CD2   . HIS A 1 119 ? -4.960  -5.635  6.062   1.00 0.23 ? 119 HIS A CD2   1 
ATOM   916  C CE1   . HIS A 1 119 ? -5.437  -3.431  6.483   1.00 0.10 ? 119 HIS A CE1   1 
ATOM   917  N NE2   . HIS A 1 119 ? -4.857  -4.610  6.950   1.00 0.19 ? 119 HIS A NE2   1 
ATOM   918  N N     . PHE A 1 120 ? -3.235  -3.873  2.968   1.00 0.13 ? 120 PHE A N     1 
ATOM   919  C CA    . PHE A 1 120 ? -1.965  -3.439  3.516   1.00 0.08 ? 120 PHE A CA    1 
ATOM   920  C C     . PHE A 1 120 ? -2.088  -3.097  5.014   1.00 0.13 ? 120 PHE A C     1 
ATOM   921  O O     . PHE A 1 120 ? -2.826  -2.175  5.404   1.00 0.15 ? 120 PHE A O     1 
ATOM   922  C CB    . PHE A 1 120 ? -1.568  -2.090  2.771   1.00 0.17 ? 120 PHE A CB    1 
ATOM   923  C CG    . PHE A 1 120 ? -0.047  -1.933  3.046   1.00 0.15 ? 120 PHE A CG    1 
ATOM   924  C CD1   . PHE A 1 120 ? 0.458   -1.332  4.182   1.00 0.09 ? 120 PHE A CD1   1 
ATOM   925  C CD2   . PHE A 1 120 ? 0.840   -2.443  2.064   1.00 0.21 ? 120 PHE A CD2   1 
ATOM   926  C CE1   . PHE A 1 120 ? 1.831   -1.196  4.448   1.00 0.16 ? 120 PHE A CE1   1 
ATOM   927  C CE2   . PHE A 1 120 ? 2.221   -2.299  2.322   1.00 0.15 ? 120 PHE A CE2   1 
ATOM   928  C CZ    . PHE A 1 120 ? 2.719   -1.723  3.452   1.00 0.13 ? 120 PHE A CZ    1 
ATOM   929  N N     . ASP A 1 121 ? -1.432  -3.896  5.835   1.00 0.13 ? 121 ASP A N     1 
ATOM   930  C CA    . ASP A 1 121 ? -1.606  -3.829  7.289   1.00 0.10 ? 121 ASP A CA    1 
ATOM   931  C C     . ASP A 1 121 ? -0.621  -2.879  7.902   1.00 0.20 ? 121 ASP A C     1 
ATOM   932  O O     . ASP A 1 121 ? -0.992  -2.010  8.709   1.00 0.23 ? 121 ASP A O     1 
ATOM   933  C CB    . ASP A 1 121 ? -1.565  -5.201  7.947   1.00 0.10 ? 121 ASP A CB    1 
ATOM   934  C CG    . ASP A 1 121 ? -2.264  -5.240  9.329   1.00 0.25 ? 121 ASP A CG    1 
ATOM   935  O OD1   . ASP A 1 121 ? -3.480  -4.899  9.349   1.00 0.20 ? 121 ASP A OD1   1 
ATOM   936  O OD2   . ASP A 1 121 ? -1.670  -5.527  10.377  1.00 0.18 ? 121 ASP A OD2   1 
ATOM   937  N N     . ALA A 1 122 ? 0.667   -2.909  7.606   1.00 0.17 ? 122 ALA A N     1 
ATOM   938  C CA    . ALA A 1 122 ? 1.638   -2.079  8.325   1.00 0.16 ? 122 ALA A CA    1 
ATOM   939  C C     . ALA A 1 122 ? 3.014   -2.231  7.664   1.00 0.23 ? 122 ALA A C     1 
ATOM   940  O O     . ALA A 1 122 ? 3.302   -3.173  6.957   1.00 0.19 ? 122 ALA A O     1 
ATOM   941  C CB    . ALA A 1 122 ? 1.791   -2.699  9.749   1.00 0.19 ? 122 ALA A CB    1 
ATOM   942  N N     . SER A 1 123 ? 3.835   -1.227  7.897   1.00 0.16 ? 123 SER A N     1 
ATOM   943  C CA    . SER A 1 123 ? 5.219   -1.432  7.504   1.00 0.25 ? 123 SER A CA    1 
ATOM   944  C C     . SER A 1 123 ? 6.079   -1.410  8.757   1.00 0.26 ? 123 SER A C     1 
ATOM   945  O O     . SER A 1 123 ? 5.761   -0.632  9.680   1.00 0.33 ? 123 SER A O     1 
ATOM   946  C CB    . SER A 1 123 ? 5.681   -0.348  6.526   1.00 0.28 ? 123 SER A CB    1 
ATOM   947  O OG    . SER A 1 123 ? 5.405   0.978   6.974   1.00 0.34 ? 123 SER A OG    1 
ATOM   948  N N     . VAL A 1 124 ? 7.073   -2.261  8.761   1.00 0.22 ? 124 VAL A N     1 
ATOM   949  C CA    . VAL A 1 124 ? 7.934   -2.432  9.923   1.00 0.36 ? 124 VAL A CA    1 
ATOM   950  C C     . VAL A 1 124 ? 9.394   -2.520  9.615   1.00 0.39 ? 124 VAL A C     1 
ATOM   951  O O     . VAL A 1 124 ? 9.909   -2.743  8.511   1.00 0.28 ? 124 VAL A O     1 
ATOM   952  C CB    . VAL A 1 124 ? 7.435   -3.550  10.845  1.00 0.44 ? 124 VAL A CB    1 
ATOM   953  C CG1   . VAL A 1 124 ? 5.957   -3.450  11.323  1.00 0.31 ? 124 VAL A CG1   1 
ATOM   954  C CG2   . VAL A 1 124 ? 7.643   -4.965  10.296  1.00 0.31 ? 124 VAL A CG2   1 
ATOM   955  O OXT   . VAL A 1 124 ? 10.185  -2.110  10.597  1.00 0.46 ? 124 VAL A OXT   1 
HETATM 956  N N1    . C2P B 2 .   ? -2.674  1.573   5.264   1.00 0.12 ? 126 C2P A N1    1 
HETATM 957  C C2    . C2P B 2 .   ? -1.635  1.701   4.417   1.00 0.12 ? 126 C2P A C2    1 
HETATM 958  N N3    . C2P B 2 .   ? -0.433  1.746   4.995   1.00 0.15 ? 126 C2P A N3    1 
HETATM 959  C C4    . C2P B 2 .   ? -0.172  1.776   6.296   1.00 0.23 ? 126 C2P A C4    1 
HETATM 960  C C5    . C2P B 2 .   ? -1.289  1.732   7.143   1.00 0.19 ? 126 C2P A C5    1 
HETATM 961  C C6    . C2P B 2 .   ? -2.484  1.615   6.569   1.00 0.17 ? 126 C2P A C6    1 
HETATM 962  O O2    . C2P B 2 .   ? -1.901  1.687   3.254   1.00 0.17 ? 126 C2P A O2    1 
HETATM 963  N N4    . C2P B 2 .   ? 1.035   1.852   6.857   1.00 0.22 ? 126 C2P A N4    1 
HETATM 964  C "C1'" . C2P B 2 .   ? -3.926  1.651   4.600   1.00 0.12 ? 126 C2P A "C1'" 1 
HETATM 965  C "C2'" . C2P B 2 .   ? -4.755  0.343   4.538   1.00 0.15 ? 126 C2P A "C2'" 1 
HETATM 966  O "O2'" . C2P B 2 .   ? -5.800  0.194   3.507   1.00 0.19 ? 126 C2P A "O2'" 1 
HETATM 967  C "C3'" . C2P B 2 .   ? -5.441  0.388   5.967   1.00 0.34 ? 126 C2P A "C3'" 1 
HETATM 968  C "C4'" . C2P B 2 .   ? -5.915  1.868   5.885   1.00 0.25 ? 126 C2P A "C4'" 1 
HETATM 969  O "O4'" . C2P B 2 .   ? -4.710  2.542   5.430   1.00 0.34 ? 126 C2P A "O4'" 1 
HETATM 970  O "O3'" . C2P B 2 .   ? -6.649  -0.394  6.018   1.00 0.22 ? 126 C2P A "O3'" 1 
HETATM 971  C "C5'" . C2P B 2 .   ? -6.813  2.249   7.062   1.00 0.60 ? 126 C2P A "C5'" 1 
HETATM 972  O "O5'" . C2P B 2 .   ? -5.875  2.423   8.109   1.00 0.42 ? 126 C2P A "O5'" 1 
HETATM 973  P P     . C2P B 2 .   ? -6.310  -1.021  2.734   1.00 0.19 ? 126 C2P A P     1 
HETATM 974  O O1P   . C2P B 2 .   ? -5.118  -1.793  2.180   1.00 0.21 ? 126 C2P A O1P   1 
HETATM 975  O O2P   . C2P B 2 .   ? -7.308  -0.538  1.791   1.00 0.20 ? 126 C2P A O2P   1 
HETATM 976  O O3P   . C2P B 2 .   ? -6.938  -1.933  3.797   1.00 0.29 ? 126 C2P A O3P   1 
HETATM 977  O O     . HOH C 3 .   ? -18.491 17.187  -3.687  1.00 0.28 ? 127 HOH A O     1 
HETATM 978  O O     . HOH C 3 .   ? -8.790  -1.865  -10.591 1.00 0.25 ? 128 HOH A O     1 
HETATM 979  O O     . HOH C 3 .   ? 5.404   -9.679  -11.520 1.00 0.28 ? 129 HOH A O     1 
HETATM 980  O O     . HOH C 3 .   ? 2.607   14.543  -1.972  1.00 0.22 ? 130 HOH A O     1 
HETATM 981  O O     . HOH C 3 .   ? 8.679   18.503  -5.673  1.00 0.34 ? 131 HOH A O     1 
HETATM 982  O O     . HOH C 3 .   ? 4.480   10.346  4.941   1.00 0.23 ? 133 HOH A O     1 
HETATM 983  O O     . HOH C 3 .   ? -10.672 -4.298  -12.054 1.00 0.36 ? 134 HOH A O     1 
HETATM 984  O O     . HOH C 3 .   ? -3.371  -8.392  -5.049  1.00 0.26 ? 135 HOH A O     1 
HETATM 985  O O     . HOH C 3 .   ? -11.894 14.002  3.472   1.00 0.25 ? 136 HOH A O     1 
HETATM 986  O O     . HOH C 3 .   ? -5.676  -5.246  10.828  1.00 0.22 ? 137 HOH A O     1 
HETATM 987  O O     . HOH C 3 .   ? -10.129 -11.020 -4.375  1.00 0.33 ? 138 HOH A O     1 
HETATM 988  O O     . HOH C 3 .   ? -7.930  -14.550 -5.513  1.00 0.34 ? 139 HOH A O     1 
HETATM 989  O O     . HOH C 3 .   ? 4.494   -14.942 -6.551  1.00 0.42 ? 140 HOH A O     1 
HETATM 990  O O     . HOH C 3 .   ? -4.168  13.997  -3.709  1.00 0.37 ? 142 HOH A O     1 
HETATM 991  O O     . HOH C 3 .   ? -5.962  -2.910  -10.517 1.00 0.37 ? 143 HOH A O     1 
HETATM 992  O O     . HOH C 3 .   ? -10.961 17.019  3.804   1.00 0.38 ? 144 HOH A O     1 
HETATM 993  O O     . HOH C 3 .   ? 10.680  12.450  -1.381  1.00 0.52 ? 145 HOH A O     1 
HETATM 994  O O     . HOH C 3 .   ? 3.848   2.791   5.271   1.00 0.28 ? 147 HOH A O     1 
HETATM 995  O O     . HOH C 3 .   ? -1.381  21.905  0.256   1.00 0.67 ? 148 HOH A O     1 
HETATM 996  O O     . HOH C 3 .   ? 5.811   15.820  0.720   1.00 0.27 ? 150 HOH A O     1 
HETATM 997  O O     . HOH C 3 .   ? -11.382 -6.487  -10.733 1.00 0.32 ? 151 HOH A O     1 
HETATM 998  O O     . HOH C 3 .   ? -5.949  21.949  0.350   1.00 0.58 ? 152 HOH A O     1 
HETATM 999  O O     . HOH C 3 .   ? -14.618 3.231   3.019   1.00 0.60 ? 153 HOH A O     1 
HETATM 1000 O O     . HOH C 3 .   ? 1.877   18.078  0.370   1.00 0.39 ? 154 HOH A O     1 
HETATM 1001 O O     . HOH C 3 .   ? 8.752   14.789  0.820   1.00 0.53 ? 155 HOH A O     1 
HETATM 1002 O O     . HOH C 3 .   ? 7.373   -11.401 -12.426 1.00 0.59 ? 158 HOH A O     1 
HETATM 1003 O O     . HOH C 3 .   ? -2.312  -9.973  -6.883  1.00 0.44 ? 159 HOH A O     1 
HETATM 1004 O O     . HOH C 3 .   ? 8.990   -11.337 -1.769  1.00 0.23 ? 160 HOH A O     1 
HETATM 1005 O O     . HOH C 3 .   ? -8.372  -4.623  -1.145  1.00 0.31 ? 162 HOH A O     1 
HETATM 1006 O O     . HOH C 3 .   ? -2.861  -9.110  -11.617 1.00 0.41 ? 163 HOH A O     1 
HETATM 1007 O O     . HOH C 3 .   ? 3.694   24.647  -33.827 1.00 0.37 ? 164 HOH A O     1 
HETATM 1008 O O     . HOH C 3 .   ? -8.359  8.842   -12.573 1.00 0.55 ? 165 HOH A O     1 
HETATM 1009 O O     . HOH C 3 .   ? 27.339  24.668  -21.351 1.00 0.37 ? 166 HOH A O     1 
HETATM 1010 O O     . HOH C 3 .   ? -6.580  -7.042  8.889   1.00 0.42 ? 167 HOH A O     1 
HETATM 1011 O O     . HOH C 3 .   ? -9.799  10.340  -7.410  1.00 0.72 ? 168 HOH A O     1 
HETATM 1012 O O     . HOH C 3 .   ? 2.486   -1.152  -10.870 1.00 0.42 ? 169 HOH A O     1 
HETATM 1013 O O     . HOH C 3 .   ? -5.964  -3.005  -0.569  1.00 0.22 ? 170 HOH A O     1 
HETATM 1014 O O     . HOH C 3 .   ? -8.830  -12.942 -3.094  1.00 0.40 ? 171 HOH A O     1 
HETATM 1015 O O     . HOH C 3 .   ? 2.415   -15.034 -7.800  1.00 0.49 ? 172 HOH A O     1 
HETATM 1016 O O     . HOH C 3 .   ? -10.990 -12.363 -1.514  1.00 0.64 ? 173 HOH A O     1 
HETATM 1017 O O     . HOH C 3 .   ? -6.224  5.180   5.461   1.00 0.23 ? 174 HOH A O     1 
HETATM 1018 O O     . HOH C 3 .   ? 10.162  -10.764 1.111   1.00 0.31 ? 175 HOH A O     1 
HETATM 1019 O O     . HOH C 3 .   ? -3.697  -1.219  8.904   1.00 0.38 ? 176 HOH A O     1 
HETATM 1020 O O     . HOH C 3 .   ? 1.366   -16.301 -2.419  1.00 0.41 ? 177 HOH A O     1 
HETATM 1021 O O     . HOH C 3 .   ? -5.808  4.389   -12.222 1.00 0.50 ? 178 HOH A O     1 
HETATM 1022 O O     . HOH C 3 .   ? -11.498 3.461   -9.618  1.00 0.49 ? 180 HOH A O     1 
HETATM 1023 O O     . HOH C 3 .   ? 5.174   -18.538 11.010  1.00 0.73 ? 184 HOH A O     1 
HETATM 1024 O O     . HOH C 3 .   ? -6.870  15.058  -4.448  1.00 0.47 ? 185 HOH A O     1 
HETATM 1025 O O     . HOH C 3 .   ? -11.017 -15.694 -4.455  1.00 0.47 ? 186 HOH A O     1 
HETATM 1026 O O     . HOH C 3 .   ? 12.517  -0.599  -5.825  1.00 0.56 ? 189 HOH A O     1 
HETATM 1027 O O     . HOH C 3 .   ? 5.174   -18.829 8.818   1.00 0.48 ? 190 HOH A O     1 
HETATM 1028 O O     . HOH C 3 .   ? -8.246  3.419   -11.908 1.00 0.70 ? 192 HOH A O     1 
HETATM 1029 O O     . HOH C 3 .   ? -12.331 8.017   -1.587  1.00 0.29 ? 194 HOH A O     1 
HETATM 1030 O O     . HOH C 3 .   ? -9.803  5.297   -13.949 1.00 0.43 ? 196 HOH A O     1 
HETATM 1031 O O     . HOH C 3 .   ? -13.909 -7.802  -11.956 1.00 0.50 ? 197 HOH A O     1 
HETATM 1032 O O     . HOH C 3 .   ? -10.934 14.446  -4.626  1.00 0.40 ? 198 HOH A O     1 
HETATM 1033 O O     . HOH C 3 .   ? -9.261  12.203  6.625   1.00 0.42 ? 199 HOH A O     1 
HETATM 1034 O O     . HOH C 3 .   ? -12.798 14.664  -5.853  1.00 0.67 ? 200 HOH A O     1 
HETATM 1035 O O     . HOH C 3 .   ? 0.813   22.105  5.053   1.00 0.58 ? 201 HOH A O     1 
HETATM 1036 O O     . HOH C 3 .   ? 0.866   2.948   10.675  1.00 0.61 ? 204 HOH A O     1 
HETATM 1037 O O     . HOH C 3 .   ? 0.246   -14.654 -3.818  1.00 0.59 ? 205 HOH A O     1 
HETATM 1038 O O     . HOH C 3 .   ? 1.611   14.189  8.069   1.00 0.52 ? 206 HOH A O     1 
HETATM 1039 O O     . HOH C 3 .   ? -1.619  5.638   -11.999 1.00 0.39 ? 209 HOH A O     1 
HETATM 1040 O O     . HOH C 3 .   ? 20.602  19.782  -20.755 1.00 0.21 ? 211 HOH A O     1 
HETATM 1041 O O     . HOH C 3 .   ? 10.723  -6.610  -6.887  1.00 0.16 ? 212 HOH A O     1 
HETATM 1042 O O     . HOH C 3 .   ? -13.966 20.273  2.244   1.00 0.32 ? 213 HOH A O     1 
HETATM 1043 O O     . HOH C 3 .   ? -13.218 -9.849  -4.212  1.00 0.61 ? 214 HOH A O     1 
HETATM 1044 O O     . HOH C 3 .   ? 14.412  3.447   -1.052  1.00 0.67 ? 216 HOH A O     1 
HETATM 1045 O O     . HOH C 3 .   ? 7.253   4.992   7.024   1.00 0.59 ? 217 HOH A O     1 
HETATM 1046 O O     . HOH C 3 .   ? 15.174  -1.993  -1.761  1.00 0.65 ? 218 HOH A O     1 
HETATM 1047 O O     . HOH C 3 .   ? 1.859   1.247   9.546   1.00 0.46 ? 219 HOH A O     1 
HETATM 1048 O O     . HOH C 3 .   ? -1.172  -1.491  -10.367 1.00 0.49 ? 221 HOH A O     1 
HETATM 1049 O O     . HOH C 3 .   ? -9.624  -3.349  0.604   1.00 0.71 ? 222 HOH A O     1 
HETATM 1050 O O     . HOH C 3 .   ? -12.549 19.162  5.594   1.00 0.64 ? 223 HOH A O     1 
HETATM 1051 O O     . HOH C 3 .   ? -6.819  -1.777  8.648   1.00 0.66 ? 224 HOH A O     1 
HETATM 1052 O O     . HOH C 3 .   ? -3.009  11.005  8.982   1.00 0.57 ? 225 HOH A O     1 
HETATM 1053 O O     . HOH C 3 .   ? 1.986   -4.036  -10.563 1.00 0.48 ? 226 HOH A O     1 
HETATM 1054 O O     . HOH C 3 .   ? -13.895 -0.045  -6.958  1.00 0.75 ? 228 HOH A O     1 
HETATM 1055 O O     . HOH C 3 .   ? 6.864   12.487  -8.458  1.00 0.56 ? 230 HOH A O     1 
HETATM 1056 O O     . HOH C 3 .   ? -4.190  17.455  -4.913  1.00 0.80 ? 232 HOH A O     1 
HETATM 1057 O O     . HOH C 3 .   ? 4.734   5.763   -15.701 1.00 0.75 ? 233 HOH A O     1 
HETATM 1058 O O     . HOH C 3 .   ? -11.301 10.597  5.219   1.00 0.56 ? 234 HOH A O     1 
HETATM 1059 O O     . HOH C 3 .   ? 11.267  11.348  2.340   1.00 0.78 ? 236 HOH A O     1 
HETATM 1060 O O     . HOH C 3 .   ? 12.904  12.817  6.893   1.00 0.63 ? 237 HOH A O     1 
HETATM 1061 O O     . HOH C 3 .   ? 8.140   -16.904 -0.857  1.00 0.47 ? 239 HOH A O     1 
HETATM 1062 O O     . HOH C 3 .   ? -7.735  21.658  6.992   1.00 0.68 ? 240 HOH A O     1 
HETATM 1063 O O     . HOH C 3 .   ? -9.731  -6.029  2.571   1.00 0.58 ? 241 HOH A O     1 
HETATM 1064 O O     . HOH C 3 .   ? 8.009   -20.106 3.206   1.00 0.64 ? 242 HOH A O     1 
HETATM 1065 O O     . HOH C 3 .   ? -9.580  15.852  5.252   1.00 0.44 ? 244 HOH A O     1 
HETATM 1066 O O     . HOH C 3 .   ? 1.858   3.476   -11.845 1.00 0.64 ? 245 HOH A O     1 
HETATM 1067 O O     . HOH C 3 .   ? 11.802  -8.397  -2.719  1.00 0.75 ? 246 HOH A O     1 
HETATM 1068 O O     . HOH C 3 .   ? 7.079   15.482  -9.518  1.00 0.52 ? 247 HOH A O     1 
HETATM 1069 O O     . HOH C 3 .   ? 12.435  4.750   -11.421 1.00 0.71 ? 248 HOH A O     1 
HETATM 1070 O O     . HOH C 3 .   ? -3.198  3.218   10.019  1.00 0.71 ? 249 HOH A O     1 
HETATM 1071 O O     . HOH C 3 .   ? 0.197   20.175  2.695   1.00 0.74 ? 250 HOH A O     1 
HETATM 1072 O O     . HOH C 3 .   ? -3.856  -0.597  -11.454 1.00 0.68 ? 251 HOH A O     1 
HETATM 1073 O O     . HOH C 3 .   ? -5.196  13.542  8.425   1.00 0.73 ? 252 HOH A O     1 
HETATM 1074 O O     . HOH C 3 .   ? -13.293 -4.931  -2.854  1.00 0.64 ? 253 HOH A O     1 
HETATM 1075 O O     . HOH C 3 .   ? -9.122  3.990   5.143   1.00 0.73 ? 254 HOH A O     1 
HETATM 1076 O O     . HOH C 3 .   ? 11.539  4.025   -1.248  1.00 0.22 ? 255 HOH A O     1 
HETATM 1077 O O     . HOH C 3 .   ? 9.889   5.931   -2.009  1.00 0.21 ? 256 HOH A O     1 
# 
